data_4BUL
#
_entry.id   4BUL
#
_cell.length_a   93.871
_cell.length_b   93.871
_cell.length_c   416.439
_cell.angle_alpha   90.00
_cell.angle_beta   90.00
_cell.angle_gamma   120.00
#
_symmetry.space_group_name_H-M   'P 61'
#
loop_
_entity.id
_entity.type
_entity.pdbx_description
1 polymer 'DNA GYRASE SUBUNIT B, DNA GYRASE SUBUNIT A'
2 polymer "5'-D(*TP*GP*TP*GP*CP*GP*GP*TP*GP*TP*AP*CP*CP*TP *AP*CP*GP*GP*CP*T)-3'"
3 polymer "5'-D(*AP*GP*CP*CP*GP*TP*AP*GP*GP*TP*AP*CP*AP*CP *CP*GP*CP*AP*C)-3'"
4 non-polymer 'MANGANESE (II) ION'
5 non-polymer (S)-4-((4-(((2,3-dihydro-[1,4]dioxino[2,3-c]pyridin-7-yl)methyl)amino)piperidin-1-yl)methyl)-3-fluoro-4-hydroxy-4H-pyrrolo[3,2,1-de][1,5]naphthyridin-7(5H)-one
6 water water
#
loop_
_entity_poly.entity_id
_entity_poly.type
_entity_poly.pdbx_seq_one_letter_code
_entity_poly.pdbx_strand_id
1 'polypeptide(L)'
;MDVASLPGKLADCSSKSPEECEIFLVEGDSAGGSTKSGRDSRTQAILPLRGKILNVEKARLDRILNNNEIRQMITAFGTG
IGGDFDLAKARYHKIVIMTDADVDGAHIRTLLLTFFYRFMRPLIEAGYVYIAQPPTGYKGLGEMNADQLWETTMNPEHRA
LLQVKLEDAIEADQTFEMLMGDVVENRRQFIEDNAVYANLDFAELPQSRINERNITSEMRESFLDYAMSVIVARALPDVR
DGLKPVHRRILYGLNEQGMTPDKSYKKSARIVGDVMGKYHPHGDSSIYEAMVRMAQDFSYRYPLVDGQGNFGSMDGDGAA
AMRFTEARMTKITLELLRDINKDTIDFIDNYDGNEREPSVLPARFPNLLANGASGIAVGMATNIPPHNLTELINGVLSLS
KNPDISIAELMEDIEGPDFPTAGLILGKSGIRRAYETGRGSIQMRSRAVIEERGGGRQRIVVTEIPFQVNKARMIEKIAE
LVRDKKIDGITDLRDETSLRTGVRVVIDVRKDANASVILNNLYKQTPLQTSFGVNMIALVNGRPKLINLKEALVHYLEHQ
KTVVRRRTQYNLRKAKDRAHILEGLRIALDHIDEIISTIRESDTDKVAMESLQQRFKLSEKQAQAILDMRLRRLTGLERD
KIEAEYNELLNYISELETILADEEVLLQLVRDELTEIRDRFGDDRRTEIQLG
;
A,C
2 'polydeoxyribonucleotide' (DT)(DG)(DT)(DG)(DC)(DG)(DG)(DT)(DG)(DT)(DA)(DC)(DC)(DT)(DA)(DC)(DG)(DG)(DC)(DT) E,G
3 'polydeoxyribonucleotide' (DA)(DG)(DC)(DC)(DG)(DT)(DA)(DG)(DG)(DT)(DA)(DC)(DA)(DC)(DC)(DG)(DC)(DA)(DC)(DA) F,H
#
# COMPACT_ATOMS: atom_id res chain seq x y z
N LYS A 9 -1.49 16.46 -20.59
CA LYS A 9 -1.19 17.56 -21.57
C LYS A 9 0.28 17.96 -21.68
N LEU A 10 0.57 18.64 -22.78
CA LEU A 10 1.91 19.04 -23.19
C LEU A 10 2.53 20.12 -22.27
N ALA A 11 3.80 19.92 -21.89
CA ALA A 11 4.55 20.95 -21.18
C ALA A 11 5.62 21.48 -22.13
N ASP A 12 5.26 22.51 -22.89
CA ASP A 12 6.05 22.92 -24.05
C ASP A 12 7.27 23.73 -23.65
N CYS A 13 8.24 23.83 -24.57
CA CYS A 13 9.43 24.65 -24.35
C CYS A 13 9.20 26.14 -24.66
N SER A 14 10.17 26.99 -24.27
CA SER A 14 10.17 28.42 -24.58
C SER A 14 10.34 28.64 -26.10
N SER A 15 11.51 28.28 -26.62
CA SER A 15 11.85 28.51 -28.03
C SER A 15 10.83 27.88 -28.98
N LYS A 16 10.65 28.52 -30.12
CA LYS A 16 9.84 27.96 -31.20
C LYS A 16 10.67 27.78 -32.48
N SER A 17 11.97 27.58 -32.27
CA SER A 17 12.91 27.25 -33.34
C SER A 17 13.01 25.73 -33.32
N PRO A 18 12.21 25.06 -34.16
CA PRO A 18 12.13 23.60 -34.17
C PRO A 18 13.48 22.88 -34.29
N GLU A 19 14.43 23.48 -35.00
CA GLU A 19 15.75 22.85 -35.19
C GLU A 19 16.43 22.52 -33.86
N GLU A 20 16.24 23.36 -32.83
CA GLU A 20 16.89 23.12 -31.53
C GLU A 20 15.96 22.54 -30.45
N CYS A 21 14.70 22.31 -30.79
CA CYS A 21 13.68 21.90 -29.81
C CYS A 21 13.41 20.39 -29.83
N GLU A 22 13.17 19.82 -28.65
CA GLU A 22 12.94 18.39 -28.54
C GLU A 22 11.77 18.09 -27.64
N ILE A 23 11.06 17.00 -27.94
CA ILE A 23 9.93 16.59 -27.11
C ILE A 23 10.19 15.20 -26.54
N PHE A 24 9.98 15.07 -25.24
CA PHE A 24 10.15 13.80 -24.60
C PHE A 24 8.78 13.17 -24.34
N LEU A 25 8.68 11.89 -24.69
CA LEU A 25 7.45 11.14 -24.48
C LEU A 25 7.67 10.18 -23.33
N VAL A 26 6.96 10.42 -22.23
CA VAL A 26 7.06 9.57 -21.04
C VAL A 26 5.73 8.86 -20.68
N GLU A 27 5.79 7.82 -19.86
CA GLU A 27 4.61 6.93 -19.70
C GLU A 27 3.44 7.56 -18.96
N GLY A 28 3.73 8.54 -18.11
CA GLY A 28 2.69 9.23 -17.35
C GLY A 28 3.28 10.36 -16.52
N ASP A 29 2.58 10.76 -15.46
CA ASP A 29 3.00 11.92 -14.65
C ASP A 29 4.07 11.61 -13.59
N SER A 30 4.09 10.38 -13.07
CA SER A 30 5.16 9.93 -12.19
C SER A 30 6.50 10.16 -12.88
N ALA A 31 6.58 9.73 -14.14
CA ALA A 31 7.76 9.92 -14.93
C ALA A 31 7.91 11.38 -15.36
N GLY A 32 6.80 12.00 -15.75
CA GLY A 32 6.83 13.36 -16.26
C GLY A 32 7.26 14.39 -15.22
N GLY A 33 6.97 14.11 -13.95
CA GLY A 33 7.31 15.03 -12.87
C GLY A 33 8.80 15.17 -12.76
N SER A 34 9.49 14.03 -12.65
CA SER A 34 10.95 13.98 -12.62
C SER A 34 11.54 14.60 -13.87
N THR A 35 10.88 14.39 -15.00
CA THR A 35 11.33 14.90 -16.29
C THR A 35 11.23 16.42 -16.38
N LYS A 36 10.10 16.97 -15.92
CA LYS A 36 9.86 18.43 -15.92
C LYS A 36 10.75 19.17 -14.91
N SER A 37 11.06 18.53 -13.79
CA SER A 37 11.96 19.12 -12.79
C SER A 37 13.40 19.17 -13.30
N GLY A 38 13.80 18.16 -14.07
CA GLY A 38 15.19 18.02 -14.51
C GLY A 38 15.51 18.64 -15.86
N ARG A 39 14.49 18.92 -16.66
CA ARG A 39 14.69 19.36 -18.05
C ARG A 39 15.33 20.74 -18.23
N ASP A 40 15.75 21.02 -19.46
CA ASP A 40 16.01 22.40 -19.91
C ASP A 40 14.77 22.96 -20.59
N SER A 41 14.02 23.79 -19.88
CA SER A 41 12.73 24.25 -20.34
C SER A 41 12.80 25.18 -21.57
N ARG A 42 13.99 25.68 -21.90
CA ARG A 42 14.14 26.50 -23.10
C ARG A 42 13.94 25.66 -24.39
N THR A 43 14.39 24.41 -24.39
CA THR A 43 14.38 23.59 -25.61
C THR A 43 13.76 22.17 -25.45
N GLN A 44 13.29 21.84 -24.27
CA GLN A 44 12.77 20.49 -24.03
C GLN A 44 11.31 20.48 -23.59
N ALA A 45 10.45 19.99 -24.47
CA ALA A 45 9.03 19.82 -24.19
C ALA A 45 8.79 18.43 -23.62
N ILE A 46 7.78 18.28 -22.78
CA ILE A 46 7.43 16.96 -22.25
C ILE A 46 5.98 16.63 -22.55
N LEU A 47 5.75 15.45 -23.14
CA LEU A 47 4.41 14.95 -23.34
C LEU A 47 4.25 13.66 -22.54
N PRO A 48 3.62 13.77 -21.37
CA PRO A 48 3.35 12.53 -20.67
C PRO A 48 2.17 11.81 -21.28
N LEU A 49 2.34 10.52 -21.61
CA LEU A 49 1.25 9.68 -22.12
C LEU A 49 0.44 9.09 -20.96
N ARG A 50 -0.18 7.92 -21.18
CA ARG A 50 -1.04 7.30 -20.18
C ARG A 50 -0.97 5.78 -20.15
N GLY A 51 0.24 5.24 -20.25
CA GLY A 51 0.46 3.80 -20.17
C GLY A 51 0.50 3.18 -21.53
N LYS A 52 0.08 1.91 -21.63
CA LYS A 52 0.06 1.21 -22.92
C LYS A 52 -0.77 2.01 -23.91
N ILE A 53 -0.18 2.32 -25.05
CA ILE A 53 -0.91 3.03 -26.08
C ILE A 53 -1.61 2.02 -27.03
N LEU A 54 -2.67 2.46 -27.70
CA LEU A 54 -3.29 1.68 -28.75
C LEU A 54 -2.28 1.09 -29.76
N ASN A 55 -2.41 -0.20 -30.06
CA ASN A 55 -1.67 -0.81 -31.14
C ASN A 55 -2.33 -0.52 -32.49
N VAL A 56 -1.74 0.39 -33.25
CA VAL A 56 -2.37 0.83 -34.50
C VAL A 56 -2.41 -0.25 -35.58
N GLU A 57 -1.53 -1.25 -35.48
CA GLU A 57 -1.56 -2.36 -36.45
C GLU A 57 -2.83 -3.17 -36.36
N LYS A 58 -3.44 -3.17 -35.19
CA LYS A 58 -4.64 -3.98 -34.95
C LYS A 58 -5.89 -3.12 -35.02
N ALA A 59 -5.75 -1.81 -35.05
CA ALA A 59 -6.89 -0.91 -35.01
C ALA A 59 -7.20 -0.31 -36.35
N ARG A 60 -8.49 -0.09 -36.57
CA ARG A 60 -8.99 0.67 -37.68
C ARG A 60 -8.90 2.15 -37.35
N LEU A 61 -9.05 2.99 -38.37
CA LEU A 61 -8.70 4.41 -38.29
C LEU A 61 -9.59 5.24 -37.36
N ASP A 62 -10.88 4.97 -37.34
CA ASP A 62 -11.82 5.69 -36.47
C ASP A 62 -11.44 5.54 -35.00
N ARG A 63 -10.93 4.36 -34.65
CA ARG A 63 -10.49 4.05 -33.30
C ARG A 63 -9.18 4.79 -32.98
N ILE A 64 -8.28 4.83 -33.95
CA ILE A 64 -7.01 5.52 -33.82
C ILE A 64 -7.21 7.02 -33.61
N LEU A 65 -8.03 7.66 -34.45
CA LEU A 65 -8.18 9.11 -34.39
C LEU A 65 -8.97 9.61 -33.18
N ASN A 66 -9.60 8.68 -32.45
CA ASN A 66 -10.37 9.00 -31.26
C ASN A 66 -9.64 8.66 -29.95
N ASN A 67 -8.47 8.06 -30.09
CA ASN A 67 -7.60 7.85 -28.95
C ASN A 67 -6.87 9.15 -28.54
N ASN A 68 -7.15 9.62 -27.32
CA ASN A 68 -6.59 10.86 -26.76
C ASN A 68 -5.08 11.05 -26.93
N GLU A 69 -4.31 10.01 -26.70
CA GLU A 69 -2.86 10.16 -26.70
C GLU A 69 -2.31 10.30 -28.11
N ILE A 70 -2.87 9.53 -29.04
CA ILE A 70 -2.57 9.69 -30.46
C ILE A 70 -2.82 11.14 -30.86
N ARG A 71 -4.00 11.66 -30.53
CA ARG A 71 -4.36 13.05 -30.89
C ARG A 71 -3.41 14.10 -30.31
N GLN A 72 -2.99 13.89 -29.07
CA GLN A 72 -2.12 14.82 -28.39
C GLN A 72 -0.74 14.82 -28.98
N MET A 73 -0.29 13.64 -29.42
CA MET A 73 1.00 13.54 -30.07
C MET A 73 0.93 14.23 -31.43
N ILE A 74 -0.13 13.94 -32.18
CA ILE A 74 -0.34 14.57 -33.49
C ILE A 74 -0.34 16.09 -33.33
N THR A 75 -1.22 16.61 -32.46
CA THR A 75 -1.30 18.05 -32.20
C THR A 75 0.05 18.63 -31.79
N ALA A 76 0.76 17.92 -30.89
CA ALA A 76 2.07 18.36 -30.42
C ALA A 76 3.12 18.48 -31.54
N PHE A 77 3.17 17.46 -32.40
CA PHE A 77 4.15 17.40 -33.46
C PHE A 77 3.84 18.37 -34.58
N GLY A 78 2.54 18.60 -34.83
CA GLY A 78 2.11 19.62 -35.80
C GLY A 78 2.25 19.28 -37.27
N THR A 79 2.64 18.05 -37.57
CA THR A 79 2.93 17.61 -38.93
C THR A 79 1.77 16.98 -39.72
N GLY A 80 0.64 16.68 -39.06
CA GLY A 80 -0.42 15.88 -39.68
C GLY A 80 -0.09 14.39 -39.72
N ILE A 81 -0.93 13.60 -40.40
CA ILE A 81 -0.71 12.14 -40.48
C ILE A 81 -0.90 11.58 -41.88
N GLY A 82 -0.30 10.42 -42.14
CA GLY A 82 -0.41 9.71 -43.42
C GLY A 82 -0.06 10.55 -44.63
N GLY A 83 -1.04 10.71 -45.53
CA GLY A 83 -0.87 11.46 -46.77
C GLY A 83 -0.66 12.95 -46.55
N ASP A 84 -1.26 13.49 -45.48
CA ASP A 84 -1.17 14.92 -45.17
C ASP A 84 0.08 15.29 -44.34
N PHE A 85 0.94 14.31 -44.09
CA PHE A 85 2.17 14.56 -43.36
C PHE A 85 3.01 15.64 -44.04
N ASP A 86 3.45 16.61 -43.26
CA ASP A 86 4.33 17.66 -43.74
C ASP A 86 5.50 17.83 -42.77
N LEU A 87 6.67 17.33 -43.18
CA LEU A 87 7.89 17.43 -42.35
C LEU A 87 8.27 18.88 -41.99
N ALA A 88 8.02 19.81 -42.90
CA ALA A 88 8.24 21.24 -42.65
C ALA A 88 7.45 21.81 -41.46
N LYS A 89 6.33 21.18 -41.12
CA LYS A 89 5.46 21.71 -40.06
C LYS A 89 5.80 21.14 -38.68
N ALA A 90 6.87 20.37 -38.60
CA ALA A 90 7.34 19.76 -37.36
C ALA A 90 7.74 20.80 -36.29
N ARG A 91 7.08 20.75 -35.15
CA ARG A 91 7.39 21.66 -34.05
C ARG A 91 8.68 21.28 -33.31
N TYR A 92 9.15 20.05 -33.52
CA TYR A 92 10.37 19.53 -32.90
C TYR A 92 11.20 18.73 -33.90
N HIS A 93 12.52 18.91 -33.89
CA HIS A 93 13.41 18.09 -34.74
C HIS A 93 13.99 16.87 -34.01
N LYS A 94 13.59 16.70 -32.75
CA LYS A 94 13.87 15.51 -31.98
C LYS A 94 12.63 15.08 -31.21
N ILE A 95 12.05 13.94 -31.62
CA ILE A 95 11.02 13.28 -30.84
C ILE A 95 11.75 12.19 -30.09
N VAL A 96 11.69 12.23 -28.76
CA VAL A 96 12.43 11.27 -27.95
C VAL A 96 11.49 10.37 -27.16
N ILE A 97 11.57 9.08 -27.45
CA ILE A 97 10.82 8.09 -26.71
C ILE A 97 11.62 7.73 -25.48
N MET A 98 11.08 8.07 -24.31
CA MET A 98 11.73 7.84 -23.04
C MET A 98 10.77 7.14 -22.07
N THR A 99 10.45 5.89 -22.39
CA THR A 99 9.62 5.03 -21.55
C THR A 99 10.43 4.46 -20.41
N ASP A 100 9.75 3.97 -19.36
CA ASP A 100 10.46 3.40 -18.21
C ASP A 100 11.38 2.26 -18.62
N ALA A 101 12.47 2.08 -17.86
CA ALA A 101 13.44 1.01 -18.10
C ALA A 101 12.96 -0.34 -17.55
N ASP A 102 11.82 -0.79 -18.03
CA ASP A 102 11.37 -2.14 -17.73
C ASP A 102 10.70 -2.78 -18.95
N VAL A 103 10.33 -4.05 -18.85
CA VAL A 103 9.82 -4.73 -20.04
C VAL A 103 8.56 -4.10 -20.60
N ASP A 104 7.70 -3.60 -19.70
CA ASP A 104 6.50 -2.91 -20.15
C ASP A 104 6.84 -1.60 -20.86
N GLY A 105 7.92 -0.96 -20.44
CA GLY A 105 8.44 0.22 -21.09
C GLY A 105 8.95 -0.09 -22.49
N ALA A 106 9.66 -1.21 -22.64
CA ALA A 106 10.08 -1.67 -23.96
C ALA A 106 8.85 -1.87 -24.85
N HIS A 107 7.77 -2.36 -24.23
CA HIS A 107 6.55 -2.68 -24.97
C HIS A 107 5.87 -1.42 -25.46
N ILE A 108 5.87 -0.40 -24.61
CA ILE A 108 5.25 0.88 -24.95
C ILE A 108 6.05 1.52 -26.06
N ARG A 109 7.38 1.40 -25.98
CA ARG A 109 8.26 1.86 -27.05
C ARG A 109 7.88 1.22 -28.40
N THR A 110 7.68 -0.10 -28.41
CA THR A 110 7.27 -0.80 -29.62
C THR A 110 5.91 -0.32 -30.13
N LEU A 111 5.02 0.05 -29.22
CA LEU A 111 3.72 0.57 -29.63
C LEU A 111 3.81 1.93 -30.29
N LEU A 112 4.61 2.82 -29.71
CA LEU A 112 4.83 4.14 -30.30
C LEU A 112 5.57 4.09 -31.64
N LEU A 113 6.56 3.20 -31.77
CA LEU A 113 7.26 3.07 -33.04
C LEU A 113 6.32 2.53 -34.11
N THR A 114 5.43 1.63 -33.71
CA THR A 114 4.41 1.10 -34.63
C THR A 114 3.63 2.28 -35.19
N PHE A 115 3.13 3.13 -34.28
CA PHE A 115 2.37 4.31 -34.67
C PHE A 115 3.17 5.26 -35.55
N PHE A 116 4.41 5.56 -35.17
CA PHE A 116 5.24 6.46 -35.99
C PHE A 116 5.46 5.91 -37.39
N TYR A 117 5.67 4.60 -37.49
CA TYR A 117 5.95 3.99 -38.79
C TYR A 117 4.77 3.99 -39.75
N ARG A 118 3.56 3.80 -39.21
CA ARG A 118 2.38 3.68 -40.07
C ARG A 118 1.76 5.02 -40.37
N PHE A 119 2.02 6.02 -39.52
CA PHE A 119 1.34 7.30 -39.66
C PHE A 119 2.28 8.49 -39.84
N MET A 120 3.55 8.31 -39.53
CA MET A 120 4.52 9.39 -39.62
C MET A 120 5.85 8.88 -40.14
N ARG A 121 5.81 7.88 -41.02
CA ARG A 121 7.01 7.29 -41.60
C ARG A 121 8.10 8.31 -41.97
N PRO A 122 7.73 9.45 -42.63
CA PRO A 122 8.79 10.40 -43.04
C PRO A 122 9.54 11.01 -41.85
N LEU A 123 8.85 11.08 -40.71
CA LEU A 123 9.48 11.55 -39.47
C LEU A 123 10.69 10.71 -39.08
N ILE A 124 10.61 9.39 -39.32
CA ILE A 124 11.70 8.45 -39.05
C ILE A 124 12.79 8.52 -40.11
N GLU A 125 12.38 8.75 -41.36
CA GLU A 125 13.30 8.79 -42.49
C GLU A 125 14.17 10.04 -42.48
N ALA A 126 13.69 11.10 -41.83
CA ALA A 126 14.44 12.34 -41.69
C ALA A 126 15.34 12.29 -40.46
N GLY A 127 15.20 11.25 -39.64
CA GLY A 127 16.01 11.05 -38.45
C GLY A 127 15.60 11.94 -37.28
N TYR A 128 14.30 12.20 -37.17
CA TYR A 128 13.75 13.04 -36.09
C TYR A 128 13.29 12.20 -34.90
N VAL A 129 13.23 10.88 -35.06
CA VAL A 129 12.82 9.99 -33.97
C VAL A 129 14.02 9.36 -33.24
N TYR A 130 14.07 9.61 -31.93
CA TYR A 130 15.13 9.11 -31.06
C TYR A 130 14.58 8.25 -29.94
N ILE A 131 15.47 7.44 -29.37
CA ILE A 131 15.20 6.66 -28.17
C ILE A 131 16.17 7.06 -27.06
N ALA A 132 15.62 7.58 -25.97
CA ALA A 132 16.40 7.86 -24.76
C ALA A 132 16.85 6.55 -24.12
N GLN A 133 17.93 6.61 -23.34
CA GLN A 133 18.45 5.40 -22.68
C GLN A 133 18.62 5.62 -21.19
N PRO A 134 17.50 5.61 -20.43
CA PRO A 134 17.55 5.80 -18.98
C PRO A 134 18.26 4.60 -18.31
N PRO A 135 18.92 4.83 -17.17
CA PRO A 135 19.58 3.70 -16.51
C PRO A 135 18.56 2.67 -16.01
N THR A 136 19.01 1.41 -15.96
CA THR A 136 18.22 0.33 -15.42
C THR A 136 18.49 0.27 -13.93
N GLY A 137 17.64 -0.48 -13.23
CA GLY A 137 17.69 -0.52 -11.78
C GLY A 137 16.64 0.39 -11.20
N TYR A 138 15.74 0.89 -12.07
CA TYR A 138 14.65 1.77 -11.64
C TYR A 138 13.37 1.29 -12.25
N LYS A 139 12.30 1.29 -11.46
CA LYS A 139 10.98 0.86 -11.95
C LYS A 139 10.41 1.85 -12.96
N GLY A 140 10.39 3.13 -12.58
CA GLY A 140 9.96 4.21 -13.46
C GLY A 140 10.87 5.41 -13.30
N LEU A 141 10.63 6.45 -14.09
CA LEU A 141 11.45 7.65 -14.00
C LEU A 141 11.15 8.46 -12.73
N GLY A 142 9.96 8.22 -12.16
CA GLY A 142 9.56 8.84 -10.90
C GLY A 142 10.39 8.40 -9.72
N GLU A 143 11.08 7.27 -9.89
CA GLU A 143 11.97 6.72 -8.87
C GLU A 143 13.29 7.46 -8.84
N MET A 144 13.55 8.20 -9.92
CA MET A 144 14.81 8.92 -10.04
C MET A 144 14.68 10.34 -9.53
N ASN A 145 15.79 10.89 -9.06
CA ASN A 145 15.83 12.31 -8.74
C ASN A 145 16.02 13.07 -10.03
N ALA A 146 15.49 14.29 -10.05
CA ALA A 146 15.47 15.12 -11.24
C ALA A 146 16.87 15.35 -11.81
N ASP A 147 17.88 15.44 -10.94
CA ASP A 147 19.24 15.68 -11.41
C ASP A 147 19.84 14.44 -12.06
N GLN A 148 19.64 13.27 -11.46
CA GLN A 148 20.17 12.02 -11.99
C GLN A 148 19.60 11.76 -13.37
N LEU A 149 18.30 12.04 -13.53
CA LEU A 149 17.65 11.86 -14.82
C LEU A 149 18.16 12.85 -15.87
N TRP A 150 18.38 14.10 -15.46
CA TRP A 150 18.98 15.09 -16.36
C TRP A 150 20.39 14.67 -16.81
N GLU A 151 21.27 14.38 -15.85
CA GLU A 151 22.68 14.14 -16.15
C GLU A 151 22.97 12.90 -17.00
N THR A 152 22.24 11.82 -16.75
CA THR A 152 22.44 10.56 -17.45
C THR A 152 21.61 10.43 -18.72
N THR A 153 20.55 11.21 -18.86
CA THR A 153 19.56 10.88 -19.86
C THR A 153 19.12 12.02 -20.77
N MET A 154 18.95 13.22 -20.24
CA MET A 154 18.42 14.34 -21.04
C MET A 154 19.47 15.40 -21.39
N ASN A 155 20.49 15.56 -20.55
CA ASN A 155 21.56 16.53 -20.78
C ASN A 155 22.40 16.20 -22.02
N PRO A 156 22.29 17.05 -23.08
CA PRO A 156 23.02 16.84 -24.34
C PRO A 156 24.55 16.66 -24.23
N GLU A 157 25.13 17.01 -23.10
CA GLU A 157 26.59 16.90 -22.90
C GLU A 157 27.08 15.51 -22.46
N HIS A 158 26.19 14.68 -21.96
CA HIS A 158 26.59 13.33 -21.51
C HIS A 158 25.62 12.26 -22.00
N ARG A 159 24.41 12.66 -22.37
CA ARG A 159 23.37 11.71 -22.76
C ARG A 159 23.81 10.90 -23.97
N ALA A 160 23.21 9.73 -24.14
CA ALA A 160 23.46 8.92 -25.30
C ALA A 160 22.12 8.53 -25.90
N LEU A 161 21.57 9.42 -26.72
CA LEU A 161 20.32 9.18 -27.44
C LEU A 161 20.53 8.23 -28.61
N LEU A 162 19.56 7.37 -28.88
CA LEU A 162 19.66 6.49 -30.04
C LEU A 162 18.78 6.98 -31.18
N GLN A 163 19.40 7.41 -32.27
CA GLN A 163 18.62 7.79 -33.45
C GLN A 163 18.07 6.56 -34.24
N VAL A 164 16.76 6.56 -34.48
CA VAL A 164 16.10 5.44 -35.18
C VAL A 164 16.32 5.56 -36.68
N LYS A 165 16.85 4.50 -37.28
CA LYS A 165 17.18 4.50 -38.70
C LYS A 165 16.37 3.43 -39.45
N LEU A 166 15.74 3.84 -40.54
CA LEU A 166 15.04 2.92 -41.41
C LEU A 166 16.00 2.50 -42.53
N GLU A 167 16.37 1.21 -42.54
CA GLU A 167 17.33 0.70 -43.52
C GLU A 167 16.64 0.12 -44.73
N ASP A 168 15.77 -0.85 -44.48
CA ASP A 168 15.08 -1.55 -45.55
C ASP A 168 13.58 -1.48 -45.30
N ALA A 169 12.89 -0.79 -46.21
CA ALA A 169 11.45 -0.55 -46.10
C ALA A 169 10.60 -1.82 -46.15
N ILE A 170 10.98 -2.75 -47.02
CA ILE A 170 10.29 -4.04 -47.18
C ILE A 170 10.37 -4.84 -45.88
N GLU A 171 11.58 -4.91 -45.32
CA GLU A 171 11.82 -5.69 -44.11
C GLU A 171 11.14 -5.09 -42.87
N ALA A 172 11.02 -3.77 -42.82
CA ALA A 172 10.34 -3.11 -41.69
C ALA A 172 8.83 -3.31 -41.74
N ASP A 173 8.26 -3.23 -42.95
CA ASP A 173 6.84 -3.54 -43.18
C ASP A 173 6.48 -4.91 -42.63
N GLN A 174 7.30 -5.92 -42.95
CA GLN A 174 7.04 -7.30 -42.55
C GLN A 174 7.20 -7.47 -41.06
N THR A 175 8.17 -6.74 -40.50
CA THR A 175 8.40 -6.75 -39.07
C THR A 175 7.21 -6.18 -38.29
N PHE A 176 6.68 -5.04 -38.71
CA PHE A 176 5.48 -4.49 -38.07
C PHE A 176 4.22 -5.37 -38.26
N GLU A 177 4.10 -5.99 -39.42
CA GLU A 177 3.04 -6.97 -39.66
C GLU A 177 3.10 -8.13 -38.67
N MET A 178 4.25 -8.79 -38.64
CA MET A 178 4.47 -9.98 -37.83
C MET A 178 4.31 -9.73 -36.34
N LEU A 179 5.06 -8.76 -35.81
CA LEU A 179 5.10 -8.51 -34.37
C LEU A 179 3.86 -7.82 -33.81
N MET A 180 3.23 -6.93 -34.59
CA MET A 180 2.17 -6.09 -34.06
C MET A 180 0.81 -6.40 -34.65
N GLY A 181 0.81 -7.20 -35.72
CA GLY A 181 -0.39 -7.54 -36.47
C GLY A 181 -1.29 -8.55 -35.77
N ASP A 182 -2.42 -8.87 -36.38
CA ASP A 182 -3.39 -9.70 -35.71
C ASP A 182 -3.17 -11.21 -35.92
N VAL A 183 -2.30 -11.60 -36.85
CA VAL A 183 -2.07 -13.04 -36.99
C VAL A 183 -1.10 -13.52 -35.93
N VAL A 184 -1.66 -14.14 -34.90
CA VAL A 184 -0.93 -14.57 -33.70
C VAL A 184 0.16 -15.56 -34.07
N GLU A 185 -0.20 -16.55 -34.90
CA GLU A 185 0.68 -17.65 -35.24
C GLU A 185 2.08 -17.20 -35.64
N ASN A 186 2.20 -16.12 -36.43
CA ASN A 186 3.51 -15.66 -36.89
C ASN A 186 4.31 -15.07 -35.73
N ARG A 187 3.62 -14.33 -34.88
CA ARG A 187 4.18 -13.87 -33.61
C ARG A 187 4.63 -15.06 -32.75
N ARG A 188 3.79 -16.10 -32.65
CA ARG A 188 4.18 -17.31 -31.92
C ARG A 188 5.44 -17.94 -32.53
N GLN A 189 5.43 -18.11 -33.85
CA GLN A 189 6.58 -18.63 -34.60
C GLN A 189 7.84 -17.81 -34.34
N PHE A 190 7.69 -16.49 -34.41
CA PHE A 190 8.80 -15.59 -34.16
C PHE A 190 9.43 -15.84 -32.80
N ILE A 191 8.59 -15.96 -31.79
CA ILE A 191 9.03 -16.21 -30.40
C ILE A 191 9.78 -17.54 -30.30
N GLU A 192 9.24 -18.59 -30.93
CA GLU A 192 9.81 -19.93 -30.84
C GLU A 192 11.23 -19.99 -31.41
N ASP A 193 11.43 -19.37 -32.57
CA ASP A 193 12.74 -19.36 -33.24
C ASP A 193 13.80 -18.50 -32.55
N ASN A 194 13.37 -17.53 -31.76
CA ASN A 194 14.30 -16.53 -31.22
C ASN A 194 14.52 -16.59 -29.71
N ALA A 195 13.54 -17.12 -28.98
CA ALA A 195 13.59 -17.17 -27.53
C ALA A 195 14.84 -17.86 -27.00
N VAL A 196 15.62 -17.12 -26.24
CA VAL A 196 16.70 -17.71 -25.47
C VAL A 196 16.28 -17.73 -23.99
N TYR A 197 16.12 -18.93 -23.43
CA TYR A 197 15.69 -19.10 -22.04
C TYR A 197 16.87 -19.27 -21.06
N ALA A 198 17.97 -18.54 -21.30
CA ALA A 198 19.25 -18.73 -20.59
C ALA A 198 19.28 -18.29 -19.11
N ASN A 199 18.40 -17.58 -18.60
N ARG A 209 25.46 0.52 -26.73
CA ARG A 209 24.69 1.28 -27.78
C ARG A 209 25.04 2.79 -27.73
N ILE A 210 25.56 3.31 -28.83
CA ILE A 210 26.09 4.70 -28.86
C ILE A 210 25.27 5.67 -29.71
N ASN A 211 25.08 5.37 -30.99
CA ASN A 211 24.50 6.34 -31.92
C ASN A 211 23.23 5.92 -32.66
N GLU A 212 23.37 5.01 -33.62
CA GLU A 212 22.26 4.66 -34.50
C GLU A 212 21.55 3.44 -33.98
N ARG A 213 20.31 3.27 -34.41
CA ARG A 213 19.50 2.13 -34.03
C ARG A 213 18.52 1.80 -35.14
N ASN A 214 18.83 0.75 -35.88
CA ASN A 214 17.97 0.26 -36.94
C ASN A 214 16.58 -0.08 -36.39
N ILE A 215 15.53 0.50 -36.98
CA ILE A 215 14.17 0.35 -36.43
C ILE A 215 13.76 -1.12 -36.28
N THR A 216 14.15 -1.93 -37.26
CA THR A 216 13.77 -3.34 -37.32
C THR A 216 14.37 -4.15 -36.17
N SER A 217 15.65 -3.94 -35.90
CA SER A 217 16.32 -4.60 -34.79
C SER A 217 15.66 -4.18 -33.48
N GLU A 218 15.52 -2.88 -33.27
CA GLU A 218 14.86 -2.35 -32.08
C GLU A 218 13.52 -3.03 -31.79
N MET A 219 12.66 -3.13 -32.79
CA MET A 219 11.34 -3.76 -32.65
C MET A 219 11.45 -5.25 -32.31
N ARG A 220 12.41 -5.93 -32.93
CA ARG A 220 12.66 -7.35 -32.68
C ARG A 220 13.11 -7.59 -31.26
N GLU A 221 14.19 -6.94 -30.86
CA GLU A 221 14.77 -7.12 -29.53
C GLU A 221 13.84 -6.65 -28.43
N SER A 222 13.14 -5.53 -28.65
CA SER A 222 12.25 -4.99 -27.62
C SER A 222 10.99 -5.86 -27.46
N PHE A 223 10.42 -6.29 -28.57
CA PHE A 223 9.19 -7.07 -28.49
C PHE A 223 9.46 -8.45 -27.92
N LEU A 224 10.53 -9.09 -28.37
CA LEU A 224 10.97 -10.34 -27.77
C LEU A 224 11.21 -10.22 -26.27
N ASP A 225 11.89 -9.18 -25.84
CA ASP A 225 12.12 -8.94 -24.42
C ASP A 225 10.77 -8.92 -23.63
N TYR A 226 9.79 -8.17 -24.13
CA TYR A 226 8.47 -8.15 -23.51
C TYR A 226 7.72 -9.49 -23.60
N ALA A 227 7.73 -10.09 -24.79
CA ALA A 227 7.04 -11.34 -25.04
C ALA A 227 7.57 -12.43 -24.13
N MET A 228 8.89 -12.48 -24.01
CA MET A 228 9.58 -13.48 -23.26
C MET A 228 9.29 -13.36 -21.79
N SER A 229 9.23 -12.10 -21.33
CA SER A 229 9.06 -11.77 -19.95
C SER A 229 7.64 -12.07 -19.49
N VAL A 230 6.70 -11.94 -20.41
CA VAL A 230 5.28 -12.17 -20.11
C VAL A 230 5.00 -13.67 -20.15
N ILE A 231 5.72 -14.37 -21.02
CA ILE A 231 5.61 -15.81 -21.13
C ILE A 231 6.19 -16.52 -19.90
N VAL A 232 7.36 -16.10 -19.43
CA VAL A 232 8.04 -16.88 -18.38
C VAL A 232 7.85 -16.29 -16.98
N ALA A 233 7.44 -15.04 -16.91
CA ALA A 233 7.37 -14.39 -15.61
C ALA A 233 6.18 -13.43 -15.46
N ARG A 234 4.98 -13.91 -15.78
CA ARG A 234 3.75 -13.17 -15.55
C ARG A 234 2.49 -14.01 -15.78
N ALA A 235 2.28 -14.42 -17.03
CA ALA A 235 0.96 -14.85 -17.49
C ALA A 235 0.74 -16.34 -17.44
N LEU A 236 1.82 -17.12 -17.39
CA LEU A 236 1.73 -18.57 -17.43
C LEU A 236 2.12 -19.23 -16.11
N PRO A 237 1.36 -20.27 -15.69
CA PRO A 237 1.70 -21.03 -14.51
C PRO A 237 2.85 -22.05 -14.69
N ASP A 238 3.63 -22.25 -13.62
CA ASP A 238 4.62 -23.33 -13.61
C ASP A 238 3.91 -24.68 -13.39
N VAL A 239 4.32 -25.72 -14.11
CA VAL A 239 3.68 -27.05 -14.06
C VAL A 239 3.84 -27.73 -12.67
N ARG A 240 4.89 -27.35 -11.93
CA ARG A 240 5.24 -27.99 -10.67
C ARG A 240 4.33 -27.58 -9.52
N ASP A 241 4.10 -26.28 -9.38
CA ASP A 241 3.32 -25.78 -8.26
C ASP A 241 2.05 -25.05 -8.72
N GLY A 242 1.88 -24.90 -10.03
CA GLY A 242 0.65 -24.37 -10.60
C GLY A 242 0.43 -22.88 -10.39
N LEU A 243 1.50 -22.18 -10.05
CA LEU A 243 1.43 -20.73 -9.82
C LEU A 243 2.16 -19.83 -10.85
N LYS A 244 1.71 -18.58 -10.93
CA LYS A 244 2.31 -17.51 -11.70
C LYS A 244 3.09 -16.70 -10.68
N PRO A 245 4.09 -15.92 -11.14
CA PRO A 245 4.90 -15.16 -10.20
C PRO A 245 4.13 -14.39 -9.14
N VAL A 246 3.07 -13.67 -9.51
CA VAL A 246 2.36 -12.85 -8.54
C VAL A 246 1.78 -13.67 -7.39
N HIS A 247 1.16 -14.80 -7.70
CA HIS A 247 0.54 -15.62 -6.67
C HIS A 247 1.62 -16.26 -5.81
N ARG A 248 2.73 -16.62 -6.43
CA ARG A 248 3.83 -17.26 -5.66
C ARG A 248 4.37 -16.29 -4.61
N ARG A 249 4.58 -15.05 -5.03
CA ARG A 249 5.17 -14.05 -4.18
C ARG A 249 4.19 -13.65 -3.09
N ILE A 250 2.89 -13.66 -3.41
CA ILE A 250 1.87 -13.45 -2.38
C ILE A 250 1.96 -14.53 -1.29
N LEU A 251 1.86 -15.79 -1.70
CA LEU A 251 1.93 -16.89 -0.75
C LEU A 251 3.23 -16.84 0.06
N TYR A 252 4.36 -16.62 -0.62
CA TYR A 252 5.64 -16.54 0.06
C TYR A 252 5.67 -15.40 1.07
N GLY A 253 5.10 -14.26 0.68
CA GLY A 253 4.93 -13.11 1.55
C GLY A 253 4.19 -13.48 2.81
N LEU A 254 3.05 -14.16 2.66
CA LEU A 254 2.24 -14.60 3.81
C LEU A 254 2.99 -15.54 4.74
N ASN A 255 3.80 -16.43 4.15
CA ASN A 255 4.62 -17.35 4.93
C ASN A 255 5.74 -16.64 5.70
N GLU A 256 6.42 -15.72 5.04
CA GLU A 256 7.58 -15.03 5.61
C GLU A 256 7.24 -14.21 6.84
N GLN A 257 6.01 -13.71 6.88
CA GLN A 257 5.56 -12.94 8.02
C GLN A 257 4.67 -13.78 8.96
N GLY A 258 4.78 -15.10 8.82
CA GLY A 258 4.08 -16.05 9.70
C GLY A 258 2.58 -15.90 9.71
N MET A 259 2.02 -15.47 8.58
CA MET A 259 0.57 -15.24 8.51
C MET A 259 -0.22 -16.53 8.25
N THR A 260 -0.21 -17.41 9.24
CA THR A 260 -0.73 -18.77 9.15
C THR A 260 -2.22 -18.87 9.58
N PRO A 261 -2.87 -20.03 9.36
CA PRO A 261 -4.31 -20.15 9.72
C PRO A 261 -4.62 -19.92 11.20
N ASP A 262 -3.76 -20.42 12.09
CA ASP A 262 -3.89 -20.25 13.56
C ASP A 262 -3.60 -18.81 14.06
N LYS A 263 -2.94 -18.00 13.24
CA LYS A 263 -2.65 -16.62 13.63
C LYS A 263 -3.77 -15.72 13.15
N SER A 264 -3.98 -14.59 13.84
CA SER A 264 -5.05 -13.66 13.50
C SER A 264 -4.92 -13.13 12.07
N TYR A 265 -6.01 -12.57 11.53
CA TYR A 265 -6.01 -11.97 10.18
C TYR A 265 -5.09 -10.75 10.13
N LYS A 266 -4.37 -10.59 9.01
CA LYS A 266 -3.42 -9.49 8.83
C LYS A 266 -3.92 -8.51 7.77
N LYS A 267 -3.66 -7.23 7.97
CA LYS A 267 -4.13 -6.18 7.06
C LYS A 267 -3.67 -6.41 5.61
N SER A 268 -4.60 -6.24 4.67
CA SER A 268 -4.32 -6.43 3.25
C SER A 268 -3.28 -5.43 2.72
N ALA A 269 -3.39 -4.19 3.18
CA ALA A 269 -2.50 -3.12 2.79
C ALA A 269 -1.07 -3.48 3.15
N ARG A 270 -0.92 -4.08 4.33
CA ARG A 270 0.38 -4.50 4.83
C ARG A 270 0.90 -5.64 3.98
N ILE A 271 0.01 -6.57 3.62
CA ILE A 271 0.42 -7.72 2.84
C ILE A 271 0.91 -7.21 1.50
N VAL A 272 0.14 -6.30 0.90
CA VAL A 272 0.40 -5.90 -0.48
C VAL A 272 1.64 -5.02 -0.57
N GLY A 273 1.80 -4.13 0.40
CA GLY A 273 2.94 -3.24 0.44
C GLY A 273 4.22 -4.02 0.55
N ASP A 274 4.20 -5.06 1.37
CA ASP A 274 5.33 -5.94 1.56
C ASP A 274 5.74 -6.75 0.34
N VAL A 275 4.76 -7.38 -0.29
CA VAL A 275 4.97 -8.10 -1.52
C VAL A 275 5.45 -7.17 -2.63
N MET A 276 4.93 -5.94 -2.64
CA MET A 276 5.27 -4.96 -3.67
C MET A 276 6.70 -4.48 -3.47
N GLY A 277 7.07 -4.28 -2.21
CA GLY A 277 8.41 -3.82 -1.85
C GLY A 277 9.54 -4.81 -2.09
N LYS A 278 9.31 -6.07 -1.70
CA LYS A 278 10.38 -7.05 -1.71
C LYS A 278 10.40 -7.99 -2.91
N TYR A 279 9.23 -8.26 -3.52
CA TYR A 279 9.18 -9.34 -4.53
C TYR A 279 8.56 -8.98 -5.87
N HIS A 280 7.47 -8.21 -5.87
CA HIS A 280 6.69 -7.97 -7.09
C HIS A 280 6.63 -6.49 -7.47
N PRO A 281 7.57 -6.04 -8.33
CA PRO A 281 7.71 -4.61 -8.63
C PRO A 281 6.68 -4.10 -9.65
N HIS A 282 5.41 -4.16 -9.28
CA HIS A 282 4.34 -3.75 -10.18
C HIS A 282 3.25 -3.05 -9.38
N GLY A 283 2.20 -2.61 -10.06
CA GLY A 283 1.09 -1.90 -9.43
C GLY A 283 0.38 -2.71 -8.36
N ASP A 284 -0.12 -2.00 -7.35
CA ASP A 284 -0.85 -2.59 -6.25
C ASP A 284 -2.08 -3.39 -6.68
N SER A 285 -2.86 -2.83 -7.60
CA SER A 285 -4.02 -3.54 -8.20
C SER A 285 -3.75 -4.99 -8.48
N SER A 286 -2.75 -5.25 -9.34
CA SER A 286 -2.45 -6.60 -9.77
C SER A 286 -2.19 -7.52 -8.60
N ILE A 287 -1.55 -7.01 -7.56
CA ILE A 287 -1.23 -7.84 -6.42
C ILE A 287 -2.50 -8.11 -5.60
N TYR A 288 -3.19 -7.05 -5.22
CA TYR A 288 -4.37 -7.20 -4.40
C TYR A 288 -5.43 -8.03 -5.09
N GLU A 289 -5.73 -7.70 -6.34
CA GLU A 289 -6.79 -8.41 -7.07
C GLU A 289 -6.43 -9.87 -7.24
N ALA A 290 -5.13 -10.17 -7.37
CA ALA A 290 -4.70 -11.56 -7.44
C ALA A 290 -4.95 -12.28 -6.11
N MET A 291 -4.53 -11.68 -5.01
CA MET A 291 -4.82 -12.21 -3.69
C MET A 291 -6.32 -12.42 -3.46
N VAL A 292 -7.11 -11.41 -3.77
CA VAL A 292 -8.57 -11.49 -3.72
C VAL A 292 -9.14 -12.76 -4.38
N ARG A 293 -8.74 -13.01 -5.63
N ARG A 293 -8.74 -13.02 -5.63
CA ARG A 293 -9.20 -14.20 -6.37
CA ARG A 293 -9.22 -14.21 -6.35
C ARG A 293 -8.89 -15.50 -5.61
C ARG A 293 -8.90 -15.50 -5.61
N MET A 294 -7.68 -15.58 -5.07
CA MET A 294 -7.23 -16.75 -4.30
C MET A 294 -8.10 -16.98 -3.07
N ALA A 295 -8.75 -15.93 -2.57
CA ALA A 295 -9.66 -16.04 -1.42
C ALA A 295 -11.14 -16.30 -1.79
N GLN A 296 -11.42 -16.48 -3.09
CA GLN A 296 -12.80 -16.57 -3.57
C GLN A 296 -13.25 -18.02 -3.77
N ASP A 297 -14.24 -18.44 -3.00
CA ASP A 297 -14.69 -19.83 -3.09
C ASP A 297 -15.44 -20.19 -4.38
N PHE A 298 -15.70 -19.20 -5.23
CA PHE A 298 -16.29 -19.41 -6.56
C PHE A 298 -15.26 -19.28 -7.67
N SER A 299 -14.01 -18.95 -7.30
CA SER A 299 -12.91 -18.88 -8.26
C SER A 299 -11.94 -20.03 -8.04
N TYR A 300 -11.57 -20.28 -6.79
CA TYR A 300 -10.61 -21.32 -6.51
C TYR A 300 -11.30 -22.59 -5.98
N ARG A 301 -11.15 -23.69 -6.70
CA ARG A 301 -11.63 -25.00 -6.28
C ARG A 301 -11.14 -25.34 -4.87
N TYR A 302 -9.87 -25.05 -4.59
CA TYR A 302 -9.36 -25.04 -3.22
C TYR A 302 -8.70 -23.71 -2.89
N PRO A 303 -9.43 -22.82 -2.18
CA PRO A 303 -8.94 -21.46 -1.90
C PRO A 303 -7.57 -21.43 -1.22
N LEU A 304 -6.70 -20.54 -1.69
CA LEU A 304 -5.34 -20.41 -1.15
C LEU A 304 -5.24 -19.32 -0.10
N VAL A 305 -6.17 -18.38 -0.12
CA VAL A 305 -6.17 -17.30 0.87
C VAL A 305 -7.51 -17.31 1.63
N ASP A 306 -7.45 -16.94 2.90
CA ASP A 306 -8.60 -16.84 3.78
C ASP A 306 -8.88 -15.35 4.02
N GLY A 307 -10.00 -14.86 3.49
CA GLY A 307 -10.36 -13.46 3.60
C GLY A 307 -11.41 -13.10 4.64
N GLN A 308 -11.27 -11.89 5.19
CA GLN A 308 -12.20 -11.30 6.13
C GLN A 308 -12.57 -9.91 5.61
N GLY A 309 -13.85 -9.67 5.34
CA GLY A 309 -14.32 -8.43 4.75
C GLY A 309 -14.86 -8.69 3.35
N ASN A 310 -15.22 -7.63 2.65
CA ASN A 310 -15.75 -7.74 1.28
C ASN A 310 -14.70 -8.15 0.25
N PHE A 311 -14.84 -9.36 -0.27
CA PHE A 311 -13.90 -9.95 -1.22
C PHE A 311 -14.54 -10.17 -2.58
N GLY A 312 -15.60 -9.43 -2.87
CA GLY A 312 -16.26 -9.57 -4.16
C GLY A 312 -17.33 -10.67 -4.20
N SER A 313 -17.86 -10.92 -5.39
CA SER A 313 -19.04 -11.76 -5.57
C SER A 313 -19.11 -12.27 -6.99
N MET A 314 -19.96 -13.26 -7.22
CA MET A 314 -20.17 -13.80 -8.56
C MET A 314 -20.83 -12.82 -9.49
N ASP A 315 -21.39 -11.74 -8.97
CA ASP A 315 -22.00 -10.73 -9.80
C ASP A 315 -20.96 -9.73 -10.31
N GLY A 316 -19.69 -9.99 -10.04
CA GLY A 316 -18.60 -9.19 -10.56
C GLY A 316 -18.16 -8.02 -9.70
N ASP A 317 -18.88 -7.73 -8.63
CA ASP A 317 -18.42 -6.82 -7.59
C ASP A 317 -16.99 -7.12 -7.24
N GLY A 318 -16.10 -6.15 -7.37
CA GLY A 318 -14.76 -6.29 -6.84
C GLY A 318 -14.75 -6.31 -5.33
N ALA A 319 -13.55 -6.49 -4.75
CA ALA A 319 -13.38 -6.45 -3.30
C ALA A 319 -13.59 -5.03 -2.78
N ALA A 320 -13.68 -4.90 -1.47
CA ALA A 320 -13.57 -3.59 -0.85
C ALA A 320 -12.11 -3.11 -1.05
N ALA A 321 -11.88 -1.81 -1.01
CA ALA A 321 -10.51 -1.28 -1.13
C ALA A 321 -9.66 -1.98 -0.07
N MET A 322 -8.38 -2.18 -0.34
CA MET A 322 -7.54 -2.98 0.55
C MET A 322 -7.36 -2.44 1.97
N ARG A 323 -7.58 -1.14 2.19
CA ARG A 323 -7.52 -0.61 3.56
C ARG A 323 -8.58 -1.28 4.50
N PHE A 324 -9.59 -1.92 3.91
CA PHE A 324 -10.67 -2.48 4.69
C PHE A 324 -10.53 -3.95 4.97
N THR A 325 -9.89 -4.67 4.05
CA THR A 325 -9.84 -6.13 4.13
C THR A 325 -8.60 -6.62 4.88
N GLU A 326 -8.68 -7.87 5.35
CA GLU A 326 -7.60 -8.55 6.06
C GLU A 326 -7.54 -9.98 5.54
N ALA A 327 -6.35 -10.57 5.59
CA ALA A 327 -6.18 -11.91 5.05
C ALA A 327 -5.14 -12.76 5.81
N ARG A 328 -5.12 -14.05 5.49
CA ARG A 328 -4.13 -15.01 5.97
C ARG A 328 -4.21 -16.25 5.06
N MET A 329 -3.26 -17.17 5.20
CA MET A 329 -3.30 -18.41 4.44
C MET A 329 -4.48 -19.27 4.86
N THR A 330 -4.92 -20.14 3.96
CA THR A 330 -5.80 -21.23 4.33
C THR A 330 -4.96 -22.40 4.84
N LYS A 331 -5.60 -23.37 5.48
CA LYS A 331 -4.89 -24.56 5.94
C LYS A 331 -4.21 -25.30 4.77
N ILE A 332 -4.85 -25.27 3.60
CA ILE A 332 -4.32 -26.01 2.46
C ILE A 332 -3.09 -25.35 1.82
N THR A 333 -2.93 -24.03 2.01
CA THR A 333 -1.75 -23.33 1.49
C THR A 333 -0.48 -23.75 2.22
N LEU A 334 -0.64 -24.20 3.47
CA LEU A 334 0.52 -24.68 4.25
C LEU A 334 1.19 -25.86 3.56
N GLU A 335 0.44 -26.54 2.71
CA GLU A 335 0.93 -27.72 2.04
C GLU A 335 1.68 -27.29 0.80
N LEU A 336 1.25 -26.18 0.21
CA LEU A 336 2.02 -25.56 -0.84
C LEU A 336 3.39 -25.19 -0.34
N LEU A 337 3.45 -24.74 0.92
CA LEU A 337 4.67 -24.20 1.54
C LEU A 337 5.43 -25.16 2.45
N ARG A 338 4.85 -26.33 2.70
CA ARG A 338 5.49 -27.28 3.61
C ARG A 338 6.90 -27.62 3.17
N ASP A 339 7.84 -27.59 4.13
CA ASP A 339 9.24 -27.95 3.88
C ASP A 339 10.02 -26.93 3.02
N ILE A 340 9.52 -25.70 2.92
CA ILE A 340 10.20 -24.67 2.11
C ILE A 340 11.52 -24.21 2.73
N ASN A 341 11.66 -24.36 4.04
CA ASN A 341 12.89 -24.00 4.75
C ASN A 341 13.79 -25.21 5.03
N LYS A 342 13.65 -26.26 4.24
CA LYS A 342 14.50 -27.44 4.39
C LYS A 342 15.19 -27.77 3.06
N ASP A 343 15.71 -26.74 2.41
CA ASP A 343 16.46 -26.85 1.15
C ASP A 343 15.77 -27.76 0.14
N THR A 344 14.46 -27.62 0.01
CA THR A 344 13.71 -28.47 -0.90
C THR A 344 13.61 -27.81 -2.26
N ILE A 345 13.63 -26.48 -2.27
CA ILE A 345 13.54 -25.74 -3.53
C ILE A 345 14.62 -24.67 -3.67
N ASP A 346 14.93 -24.32 -4.92
CA ASP A 346 15.95 -23.30 -5.22
C ASP A 346 15.45 -21.88 -5.01
N PHE A 347 16.20 -21.11 -4.22
CA PHE A 347 15.93 -19.69 -4.08
C PHE A 347 16.68 -18.88 -5.14
N ILE A 348 16.12 -17.73 -5.50
CA ILE A 348 16.78 -16.79 -6.40
C ILE A 348 16.73 -15.39 -5.80
N ASP A 349 17.60 -14.51 -6.29
CA ASP A 349 17.59 -13.08 -5.98
C ASP A 349 16.26 -12.45 -6.39
N ASN A 350 15.77 -11.49 -5.62
CA ASN A 350 14.61 -10.70 -6.07
C ASN A 350 15.01 -9.75 -7.21
N TYR A 351 14.06 -8.94 -7.69
CA TYR A 351 14.28 -8.00 -8.78
C TYR A 351 15.44 -7.01 -8.58
N ASP A 352 15.76 -6.67 -7.33
CA ASP A 352 16.82 -5.68 -7.08
C ASP A 352 18.06 -6.18 -6.32
N GLY A 353 18.06 -7.46 -5.97
CA GLY A 353 19.20 -8.09 -5.27
C GLY A 353 19.19 -7.96 -3.75
N ASN A 354 18.19 -7.29 -3.19
CA ASN A 354 18.10 -7.10 -1.72
C ASN A 354 17.37 -8.22 -0.98
N GLU A 355 16.62 -9.05 -1.71
CA GLU A 355 15.88 -10.12 -1.09
C GLU A 355 16.12 -11.44 -1.79
N ARG A 356 15.73 -12.52 -1.14
CA ARG A 356 15.67 -13.83 -1.78
C ARG A 356 14.20 -14.21 -1.95
N GLU A 357 13.89 -14.91 -3.04
CA GLU A 357 12.54 -15.42 -3.25
C GLU A 357 12.61 -16.86 -3.79
N PRO A 358 11.50 -17.62 -3.67
CA PRO A 358 11.57 -18.99 -4.15
C PRO A 358 11.29 -19.07 -5.65
N SER A 359 12.05 -19.91 -6.35
CA SER A 359 11.80 -20.10 -7.78
C SER A 359 10.51 -20.88 -7.94
N VAL A 360 10.28 -21.83 -7.04
CA VAL A 360 9.07 -22.68 -7.08
C VAL A 360 8.72 -23.07 -5.63
N LEU A 361 7.45 -23.39 -5.38
CA LEU A 361 7.04 -23.88 -4.04
C LEU A 361 7.09 -25.39 -4.01
N PRO A 362 7.35 -25.98 -2.83
CA PRO A 362 7.35 -27.43 -2.72
C PRO A 362 6.07 -28.07 -3.26
N ALA A 363 4.92 -27.42 -3.04
CA ALA A 363 3.64 -27.83 -3.64
C ALA A 363 3.26 -29.28 -3.34
N ARG A 364 2.99 -29.57 -2.07
CA ARG A 364 2.72 -30.93 -1.64
C ARG A 364 1.36 -31.52 -2.11
N PHE A 365 0.54 -30.73 -2.81
CA PHE A 365 -0.59 -31.27 -3.59
C PHE A 365 -0.58 -30.70 -5.00
N PRO A 366 -1.08 -31.49 -6.00
CA PRO A 366 -1.06 -31.13 -7.43
C PRO A 366 -1.89 -29.89 -7.77
N ASN A 367 -1.34 -28.73 -7.45
CA ASN A 367 -2.06 -27.47 -7.48
C ASN A 367 -2.43 -26.99 -8.89
N LEU A 368 -1.54 -27.22 -9.85
CA LEU A 368 -1.83 -26.80 -11.22
C LEU A 368 -3.20 -27.29 -11.66
N LEU A 369 -3.46 -28.56 -11.45
CA LEU A 369 -4.68 -29.17 -11.95
C LEU A 369 -5.83 -28.94 -10.99
N ALA A 370 -5.49 -28.83 -9.70
CA ALA A 370 -6.50 -28.70 -8.66
C ALA A 370 -7.25 -27.39 -8.81
N ASN A 371 -6.50 -26.29 -8.85
CA ASN A 371 -7.10 -24.96 -8.98
C ASN A 371 -7.19 -24.47 -10.42
N GLY A 372 -6.43 -25.08 -11.31
CA GLY A 372 -6.38 -24.64 -12.71
C GLY A 372 -5.76 -23.25 -12.89
N ALA A 373 -5.93 -22.69 -14.09
CA ALA A 373 -5.37 -21.36 -14.40
C ALA A 373 -5.88 -20.93 -15.75
N SER A 374 -5.96 -19.61 -15.95
CA SER A 374 -6.17 -19.04 -17.25
C SER A 374 -5.24 -17.85 -17.42
N GLY A 375 -4.62 -17.70 -18.58
CA GLY A 375 -3.72 -16.57 -18.81
C GLY A 375 -3.59 -16.17 -20.25
N ILE A 376 -3.66 -14.88 -20.51
CA ILE A 376 -3.35 -14.33 -21.83
C ILE A 376 -1.91 -13.82 -21.79
N ALA A 377 -1.06 -14.38 -22.66
CA ALA A 377 0.35 -13.99 -22.72
C ALA A 377 0.59 -13.27 -24.04
N VAL A 378 1.74 -13.53 -24.67
CA VAL A 378 2.04 -13.01 -25.99
C VAL A 378 2.35 -14.19 -26.90
N GLY A 379 1.66 -14.27 -28.03
CA GLY A 379 1.83 -15.39 -28.96
C GLY A 379 1.10 -16.67 -28.55
N MET A 380 0.57 -16.70 -27.35
CA MET A 380 -0.07 -17.89 -26.77
C MET A 380 -0.91 -17.52 -25.56
N ALA A 381 -1.73 -18.46 -25.11
CA ALA A 381 -2.56 -18.28 -23.93
C ALA A 381 -2.67 -19.62 -23.27
N THR A 382 -3.35 -19.65 -22.11
CA THR A 382 -3.53 -20.90 -21.38
C THR A 382 -4.89 -20.96 -20.69
N ASN A 383 -5.48 -22.14 -20.64
CA ASN A 383 -6.78 -22.31 -20.01
C ASN A 383 -6.86 -23.74 -19.50
N ILE A 384 -6.68 -23.88 -18.20
CA ILE A 384 -6.64 -25.17 -17.54
C ILE A 384 -7.73 -25.14 -16.46
N PRO A 385 -8.72 -26.06 -16.56
CA PRO A 385 -9.81 -26.07 -15.60
C PRO A 385 -9.37 -26.72 -14.30
N PRO A 386 -10.07 -26.44 -13.20
CA PRO A 386 -9.76 -27.06 -11.92
C PRO A 386 -10.29 -28.49 -11.81
N HIS A 387 -9.75 -29.24 -10.85
CA HIS A 387 -10.11 -30.64 -10.67
C HIS A 387 -10.31 -30.99 -9.20
N ASN A 388 -10.89 -32.17 -8.96
CA ASN A 388 -11.12 -32.65 -7.59
C ASN A 388 -9.88 -33.29 -6.98
N LEU A 389 -9.48 -32.82 -5.80
CA LEU A 389 -8.19 -33.17 -5.21
C LEU A 389 -8.06 -34.66 -4.93
N THR A 390 -9.16 -35.29 -4.51
CA THR A 390 -9.20 -36.71 -4.22
C THR A 390 -8.88 -37.49 -5.50
N GLU A 391 -9.56 -37.12 -6.58
CA GLU A 391 -9.36 -37.76 -7.87
C GLU A 391 -7.93 -37.59 -8.40
N LEU A 392 -7.40 -36.36 -8.25
CA LEU A 392 -6.08 -36.05 -8.74
C LEU A 392 -5.04 -36.88 -8.03
N ILE A 393 -5.13 -36.97 -6.71
CA ILE A 393 -4.13 -37.72 -5.93
C ILE A 393 -4.16 -39.21 -6.26
N ASN A 394 -5.36 -39.76 -6.38
CA ASN A 394 -5.51 -41.14 -6.78
C ASN A 394 -4.89 -41.42 -8.16
N GLY A 395 -5.04 -40.46 -9.07
CA GLY A 395 -4.37 -40.50 -10.36
C GLY A 395 -2.86 -40.53 -10.19
N VAL A 396 -2.33 -39.54 -9.50
CA VAL A 396 -0.91 -39.46 -9.15
C VAL A 396 -0.40 -40.77 -8.55
N LEU A 397 -1.14 -41.31 -7.59
CA LEU A 397 -0.79 -42.59 -6.98
C LEU A 397 -0.78 -43.74 -8.00
N SER A 398 -1.79 -43.80 -8.85
CA SER A 398 -1.84 -44.82 -9.91
C SER A 398 -0.65 -44.70 -10.84
N LEU A 399 -0.34 -43.45 -11.22
CA LEU A 399 0.80 -43.18 -12.07
C LEU A 399 2.10 -43.63 -11.45
N SER A 400 2.23 -43.43 -10.14
CA SER A 400 3.45 -43.74 -9.42
C SER A 400 3.70 -45.23 -9.34
N LYS A 401 2.64 -46.03 -9.47
CA LYS A 401 2.74 -47.50 -9.50
C LYS A 401 2.77 -48.07 -10.91
N ASN A 402 2.69 -47.21 -11.93
CA ASN A 402 2.64 -47.66 -13.31
C ASN A 402 3.00 -46.52 -14.28
N PRO A 403 4.30 -46.27 -14.50
CA PRO A 403 4.73 -45.17 -15.36
C PRO A 403 4.26 -45.35 -16.79
N ASP A 404 3.80 -46.55 -17.13
CA ASP A 404 3.25 -46.83 -18.47
C ASP A 404 1.72 -46.68 -18.55
N ILE A 405 1.11 -46.12 -17.50
CA ILE A 405 -0.33 -45.87 -17.47
C ILE A 405 -0.78 -44.94 -18.60
N SER A 406 -1.82 -45.36 -19.33
CA SER A 406 -2.44 -44.57 -20.39
C SER A 406 -3.41 -43.51 -19.83
N ILE A 407 -3.69 -42.50 -20.67
CA ILE A 407 -4.68 -41.46 -20.38
C ILE A 407 -6.03 -42.07 -20.02
N ALA A 408 -6.48 -43.09 -20.76
CA ALA A 408 -7.78 -43.69 -20.47
C ALA A 408 -7.82 -44.31 -19.07
N GLU A 409 -6.72 -44.97 -18.69
CA GLU A 409 -6.65 -45.58 -17.38
C GLU A 409 -6.58 -44.49 -16.28
N LEU A 410 -5.86 -43.42 -16.54
CA LEU A 410 -5.82 -42.29 -15.61
C LEU A 410 -7.22 -41.69 -15.41
N MET A 411 -8.08 -41.83 -16.41
CA MET A 411 -9.44 -41.28 -16.36
C MET A 411 -10.40 -42.08 -15.46
N GLU A 412 -9.96 -43.26 -15.03
CA GLU A 412 -10.68 -44.01 -14.00
C GLU A 412 -10.52 -43.36 -12.60
N ASP A 413 -9.47 -42.57 -12.42
CA ASP A 413 -9.30 -41.77 -11.21
C ASP A 413 -9.80 -40.34 -11.39
N ILE A 414 -9.37 -39.70 -12.47
CA ILE A 414 -9.74 -38.31 -12.79
C ILE A 414 -10.85 -38.34 -13.87
N GLU A 415 -12.08 -38.17 -13.41
N GLU A 415 -12.11 -38.22 -13.44
CA GLU A 415 -13.28 -38.28 -14.24
CA GLU A 415 -13.24 -38.30 -14.37
C GLU A 415 -13.48 -37.07 -15.18
C GLU A 415 -13.29 -37.09 -15.30
N GLY A 416 -12.98 -35.91 -14.76
CA GLY A 416 -13.05 -34.69 -15.55
C GLY A 416 -12.81 -33.52 -14.64
N PRO A 417 -12.97 -32.30 -15.18
CA PRO A 417 -12.80 -31.09 -14.37
C PRO A 417 -13.84 -31.08 -13.26
N ASP A 418 -13.58 -30.31 -12.21
CA ASP A 418 -14.51 -30.17 -11.10
C ASP A 418 -14.45 -28.72 -10.64
N PHE A 419 -15.42 -27.92 -11.11
CA PHE A 419 -15.44 -26.48 -10.89
C PHE A 419 -15.96 -26.11 -9.51
N PRO A 420 -15.40 -25.03 -8.92
CA PRO A 420 -15.85 -24.57 -7.61
C PRO A 420 -17.32 -24.23 -7.57
N THR A 421 -17.87 -23.89 -8.73
CA THR A 421 -19.26 -23.48 -8.89
C THR A 421 -20.18 -24.64 -9.25
N ALA A 422 -19.63 -25.86 -9.33
CA ALA A 422 -20.43 -27.07 -9.51
C ALA A 422 -21.04 -27.18 -10.92
N GLY A 423 -22.36 -27.35 -11.01
CA GLY A 423 -23.04 -27.51 -12.29
C GLY A 423 -22.88 -28.85 -13.02
N LEU A 424 -23.00 -28.82 -14.33
CA LEU A 424 -23.03 -30.05 -15.11
C LEU A 424 -22.06 -29.93 -16.23
N ILE A 425 -21.49 -31.07 -16.61
CA ILE A 425 -20.71 -31.18 -17.84
C ILE A 425 -21.40 -32.13 -18.80
N LEU A 426 -21.48 -31.72 -20.06
CA LEU A 426 -22.13 -32.52 -21.10
C LEU A 426 -21.17 -33.45 -21.84
N GLY A 427 -21.29 -34.73 -21.57
CA GLY A 427 -20.53 -35.72 -22.32
C GLY A 427 -19.11 -35.85 -21.84
N LYS A 428 -18.44 -36.90 -22.30
CA LYS A 428 -17.06 -37.18 -21.92
C LYS A 428 -16.06 -36.98 -23.06
N SER A 429 -16.56 -36.80 -24.28
CA SER A 429 -15.66 -36.77 -25.42
C SER A 429 -14.79 -35.53 -25.34
N GLY A 430 -15.39 -34.40 -24.99
CA GLY A 430 -14.64 -33.14 -24.85
C GLY A 430 -13.52 -33.24 -23.82
N ILE A 431 -13.85 -33.80 -22.65
CA ILE A 431 -12.89 -34.09 -21.59
C ILE A 431 -11.76 -35.00 -22.10
N ARG A 432 -12.11 -36.06 -22.83
CA ARG A 432 -11.14 -37.02 -23.33
C ARG A 432 -10.11 -36.37 -24.25
N ARG A 433 -10.58 -35.66 -25.27
CA ARG A 433 -9.69 -34.92 -26.17
C ARG A 433 -8.75 -34.02 -25.36
N ALA A 434 -9.32 -33.28 -24.41
CA ALA A 434 -8.52 -32.38 -23.56
C ALA A 434 -7.41 -33.10 -22.80
N TYR A 435 -7.71 -34.27 -22.26
CA TYR A 435 -6.72 -35.01 -21.49
C TYR A 435 -5.68 -35.71 -22.35
N GLU A 436 -6.07 -36.05 -23.58
CA GLU A 436 -5.17 -36.74 -24.51
C GLU A 436 -4.21 -35.80 -25.23
N THR A 437 -4.64 -34.56 -25.47
CA THR A 437 -3.91 -33.67 -26.39
C THR A 437 -3.51 -32.35 -25.76
N GLY A 438 -4.22 -31.94 -24.69
CA GLY A 438 -4.02 -30.65 -24.07
C GLY A 438 -5.03 -29.62 -24.53
N ARG A 439 -5.81 -29.98 -25.55
CA ARG A 439 -6.85 -29.11 -26.09
C ARG A 439 -8.20 -29.82 -26.26
N GLY A 440 -9.29 -29.10 -26.02
CA GLY A 440 -10.63 -29.69 -26.11
C GLY A 440 -11.69 -28.75 -25.59
N SER A 441 -12.89 -28.87 -26.13
CA SER A 441 -14.00 -28.02 -25.73
C SER A 441 -14.87 -28.84 -24.79
N ILE A 442 -15.13 -28.32 -23.59
CA ILE A 442 -15.99 -28.99 -22.63
C ILE A 442 -17.27 -28.20 -22.38
N GLN A 443 -18.43 -28.78 -22.73
CA GLN A 443 -19.72 -28.10 -22.54
C GLN A 443 -20.10 -28.02 -21.05
N MET A 444 -20.30 -26.81 -20.53
CA MET A 444 -20.71 -26.65 -19.12
C MET A 444 -22.12 -26.13 -19.08
N ARG A 445 -22.93 -26.74 -18.21
CA ARG A 445 -24.32 -26.37 -18.07
C ARG A 445 -24.68 -26.02 -16.62
N SER A 446 -25.57 -25.05 -16.47
CA SER A 446 -26.15 -24.68 -15.17
C SER A 446 -27.01 -25.80 -14.60
N ARG A 447 -27.20 -25.82 -13.29
CA ARG A 447 -28.14 -26.77 -12.73
C ARG A 447 -29.50 -26.07 -12.70
N ALA A 448 -30.44 -26.63 -13.44
CA ALA A 448 -31.76 -26.04 -13.55
C ALA A 448 -32.82 -27.11 -13.40
N VAL A 449 -33.89 -26.77 -12.69
CA VAL A 449 -35.04 -27.66 -12.55
C VAL A 449 -36.29 -26.89 -12.93
N ILE A 450 -37.37 -27.61 -13.18
CA ILE A 450 -38.67 -27.00 -13.46
C ILE A 450 -39.63 -27.42 -12.34
N GLU A 451 -40.39 -26.45 -11.82
CA GLU A 451 -41.32 -26.71 -10.72
C GLU A 451 -42.53 -25.82 -10.83
N GLU A 452 -43.65 -26.27 -10.25
CA GLU A 452 -44.87 -25.50 -10.19
C GLU A 452 -44.73 -24.29 -9.28
N ARG A 453 -45.57 -23.27 -9.49
CA ARG A 453 -45.54 -22.05 -8.72
C ARG A 453 -46.94 -21.59 -8.34
N GLY A 454 -47.95 -22.39 -8.71
CA GLY A 454 -49.33 -22.10 -8.33
C GLY A 454 -50.22 -21.81 -9.51
N GLY A 455 -51.47 -22.25 -9.44
CA GLY A 455 -52.46 -22.02 -10.49
C GLY A 455 -52.07 -22.59 -11.85
N GLY A 456 -51.34 -23.69 -11.84
CA GLY A 456 -51.00 -24.42 -13.07
C GLY A 456 -49.81 -23.79 -13.78
N ARG A 457 -49.15 -22.89 -13.08
CA ARG A 457 -48.03 -22.19 -13.64
C ARG A 457 -46.75 -22.82 -13.11
N GLN A 458 -45.70 -22.73 -13.92
CA GLN A 458 -44.40 -23.30 -13.60
C GLN A 458 -43.30 -22.24 -13.58
N ARG A 459 -42.12 -22.63 -13.12
CA ARG A 459 -40.94 -21.76 -13.16
C ARG A 459 -39.65 -22.57 -13.30
N ILE A 460 -38.63 -21.95 -13.90
CA ILE A 460 -37.30 -22.55 -13.98
C ILE A 460 -36.51 -21.97 -12.85
N VAL A 461 -35.79 -22.84 -12.15
CA VAL A 461 -34.99 -22.44 -10.99
C VAL A 461 -33.57 -22.94 -11.18
N VAL A 462 -32.64 -21.98 -11.23
CA VAL A 462 -31.23 -22.23 -11.44
C VAL A 462 -30.53 -22.04 -10.12
N THR A 463 -29.79 -23.06 -9.71
CA THR A 463 -29.12 -23.05 -8.42
C THR A 463 -27.61 -23.17 -8.58
N GLU A 464 -27.16 -23.52 -9.77
CA GLU A 464 -25.73 -23.56 -10.05
C GLU A 464 -25.44 -23.04 -11.45
N ILE A 465 -24.38 -22.27 -11.59
CA ILE A 465 -24.01 -21.69 -12.88
C ILE A 465 -22.61 -22.11 -13.32
N PRO A 466 -22.29 -21.94 -14.63
CA PRO A 466 -20.96 -22.37 -15.11
C PRO A 466 -19.78 -21.61 -14.49
N PHE A 467 -18.61 -22.26 -14.49
CA PHE A 467 -17.37 -21.66 -13.99
C PHE A 467 -17.07 -20.40 -14.80
N GLN A 468 -16.69 -19.34 -14.10
CA GLN A 468 -16.21 -18.08 -14.69
C GLN A 468 -17.29 -17.26 -15.40
N VAL A 469 -18.56 -17.55 -15.07
CA VAL A 469 -19.69 -16.77 -15.58
C VAL A 469 -20.15 -15.78 -14.51
N ASN A 470 -20.28 -14.52 -14.89
CA ASN A 470 -20.80 -13.49 -13.99
C ASN A 470 -22.34 -13.59 -13.93
N LYS A 471 -22.88 -13.94 -12.77
CA LYS A 471 -24.33 -14.21 -12.61
C LYS A 471 -25.23 -13.06 -13.03
N ALA A 472 -24.99 -11.88 -12.49
CA ALA A 472 -25.81 -10.72 -12.81
C ALA A 472 -25.77 -10.40 -14.28
N ARG A 473 -24.62 -10.66 -14.92
CA ARG A 473 -24.47 -10.36 -16.34
C ARG A 473 -25.23 -11.36 -17.18
N MET A 474 -25.23 -12.62 -16.74
CA MET A 474 -26.02 -13.64 -17.38
C MET A 474 -27.51 -13.32 -17.26
N ILE A 475 -27.92 -12.85 -16.08
CA ILE A 475 -29.30 -12.38 -15.85
C ILE A 475 -29.67 -11.23 -16.81
N GLU A 476 -28.78 -10.25 -16.92
N GLU A 476 -28.77 -10.26 -16.90
CA GLU A 476 -29.02 -9.12 -17.82
CA GLU A 476 -28.96 -9.12 -17.82
C GLU A 476 -29.15 -9.55 -19.29
C GLU A 476 -29.14 -9.55 -19.28
N LYS A 477 -28.39 -10.56 -19.70
CA LYS A 477 -28.51 -11.09 -21.06
C LYS A 477 -29.83 -11.81 -21.32
N ILE A 478 -30.34 -12.54 -20.33
CA ILE A 478 -31.67 -13.13 -20.41
C ILE A 478 -32.74 -12.03 -20.48
N ALA A 479 -32.59 -10.98 -19.67
CA ALA A 479 -33.56 -9.88 -19.61
C ALA A 479 -33.62 -9.10 -20.91
N GLU A 480 -32.47 -9.05 -21.59
CA GLU A 480 -32.30 -8.43 -22.90
C GLU A 480 -33.00 -9.23 -23.99
N LEU A 481 -32.79 -10.55 -23.98
CA LEU A 481 -33.50 -11.45 -24.89
C LEU A 481 -35.02 -11.22 -24.90
N VAL A 482 -35.62 -11.26 -23.71
CA VAL A 482 -37.08 -11.09 -23.56
C VAL A 482 -37.57 -9.72 -24.05
N ARG A 483 -36.81 -8.68 -23.71
CA ARG A 483 -37.10 -7.32 -24.12
C ARG A 483 -37.09 -7.22 -25.66
N ASP A 484 -36.17 -7.94 -26.29
CA ASP A 484 -36.02 -7.95 -27.75
C ASP A 484 -36.83 -9.05 -28.43
N LYS A 485 -37.57 -9.82 -27.63
CA LYS A 485 -38.48 -10.85 -28.14
C LYS A 485 -37.79 -11.91 -29.01
N LYS A 486 -36.55 -12.23 -28.65
CA LYS A 486 -35.80 -13.30 -29.32
C LYS A 486 -35.92 -14.59 -28.54
N ILE A 487 -36.90 -14.64 -27.63
CA ILE A 487 -37.34 -15.83 -26.92
C ILE A 487 -38.72 -15.59 -26.32
N ASP A 488 -39.63 -16.55 -26.45
CA ASP A 488 -40.95 -16.35 -25.83
C ASP A 488 -41.25 -17.30 -24.65
N GLY A 489 -42.17 -16.86 -23.80
CA GLY A 489 -42.69 -17.67 -22.72
C GLY A 489 -42.24 -17.23 -21.33
N ILE A 490 -41.34 -16.25 -21.27
CA ILE A 490 -40.83 -15.77 -19.98
C ILE A 490 -41.61 -14.56 -19.52
N THR A 491 -42.24 -14.68 -18.35
CA THR A 491 -43.03 -13.61 -17.78
C THR A 491 -42.24 -12.82 -16.75
N ASP A 492 -41.31 -13.48 -16.08
CA ASP A 492 -40.59 -12.84 -14.97
C ASP A 492 -39.22 -13.48 -14.72
N LEU A 493 -38.32 -12.66 -14.19
CA LEU A 493 -36.89 -13.02 -14.00
C LEU A 493 -36.37 -12.34 -12.73
N ARG A 494 -36.03 -13.15 -11.72
CA ARG A 494 -35.53 -12.62 -10.44
C ARG A 494 -34.28 -13.37 -9.97
N ASP A 495 -33.31 -12.64 -9.44
CA ASP A 495 -32.21 -13.27 -8.70
C ASP A 495 -32.58 -13.41 -7.23
N GLU A 496 -32.89 -14.63 -6.78
CA GLU A 496 -33.30 -14.86 -5.37
C GLU A 496 -32.15 -15.33 -4.44
N THR A 497 -30.92 -15.25 -4.96
CA THR A 497 -29.71 -15.57 -4.21
C THR A 497 -29.62 -14.88 -2.83
N SER A 498 -29.29 -15.66 -1.82
CA SER A 498 -29.08 -15.20 -0.46
C SER A 498 -28.02 -16.05 0.19
N LEU A 499 -27.41 -15.51 1.25
CA LEU A 499 -26.55 -16.29 2.13
C LEU A 499 -27.26 -17.51 2.74
N ARG A 500 -28.54 -17.35 3.07
CA ARG A 500 -29.39 -18.45 3.62
C ARG A 500 -29.76 -19.47 2.54
N THR A 501 -30.26 -18.95 1.43
CA THR A 501 -30.79 -19.76 0.34
C THR A 501 -29.72 -20.36 -0.59
N GLY A 502 -28.58 -19.68 -0.74
CA GLY A 502 -27.62 -20.02 -1.80
C GLY A 502 -28.09 -19.41 -3.11
N VAL A 503 -27.36 -19.69 -4.18
CA VAL A 503 -27.69 -19.24 -5.53
C VAL A 503 -29.08 -19.75 -5.92
N ARG A 504 -29.91 -18.86 -6.46
CA ARG A 504 -31.27 -19.22 -6.87
C ARG A 504 -31.78 -18.15 -7.81
N VAL A 505 -31.79 -18.47 -9.10
CA VAL A 505 -32.29 -17.57 -10.10
C VAL A 505 -33.60 -18.17 -10.57
N VAL A 506 -34.65 -17.36 -10.65
CA VAL A 506 -35.97 -17.84 -11.01
C VAL A 506 -36.42 -17.22 -12.34
N ILE A 507 -36.80 -18.10 -13.27
CA ILE A 507 -37.44 -17.69 -14.51
C ILE A 507 -38.90 -18.18 -14.54
N ASP A 508 -39.86 -17.29 -14.28
CA ASP A 508 -41.28 -17.61 -14.36
C ASP A 508 -41.72 -17.77 -15.82
N VAL A 509 -42.42 -18.86 -16.10
CA VAL A 509 -42.87 -19.21 -17.43
C VAL A 509 -44.36 -18.89 -17.57
N ARG A 510 -44.80 -18.59 -18.79
CA ARG A 510 -46.17 -18.17 -19.07
C ARG A 510 -47.08 -19.37 -19.06
N LYS A 511 -48.22 -19.24 -18.40
CA LYS A 511 -49.17 -20.35 -18.18
C LYS A 511 -49.37 -21.14 -19.46
N ASP A 512 -49.19 -22.45 -19.35
CA ASP A 512 -49.39 -23.35 -20.49
C ASP A 512 -48.26 -23.38 -21.54
N ALA A 513 -47.17 -22.65 -21.31
CA ALA A 513 -46.01 -22.70 -22.20
C ALA A 513 -45.07 -23.84 -21.82
N ASN A 514 -44.49 -24.52 -22.79
CA ASN A 514 -43.57 -25.60 -22.48
C ASN A 514 -42.25 -25.11 -21.85
N ALA A 515 -42.07 -25.41 -20.57
CA ALA A 515 -40.93 -24.87 -19.80
C ALA A 515 -39.60 -25.46 -20.19
N SER A 516 -39.62 -26.71 -20.64
CA SER A 516 -38.40 -27.38 -21.12
C SER A 516 -37.86 -26.78 -22.41
N VAL A 517 -38.78 -26.38 -23.29
CA VAL A 517 -38.39 -25.80 -24.56
C VAL A 517 -37.76 -24.44 -24.31
N ILE A 518 -38.36 -23.68 -23.40
CA ILE A 518 -37.79 -22.41 -22.99
C ILE A 518 -36.40 -22.62 -22.39
N LEU A 519 -36.29 -23.49 -21.39
CA LEU A 519 -35.00 -23.83 -20.80
C LEU A 519 -33.98 -24.20 -21.86
N ASN A 520 -34.35 -25.06 -22.80
CA ASN A 520 -33.41 -25.42 -23.87
C ASN A 520 -32.93 -24.23 -24.71
N ASN A 521 -33.83 -23.27 -24.95
CA ASN A 521 -33.48 -22.06 -25.68
C ASN A 521 -32.51 -21.19 -24.87
N LEU A 522 -32.80 -21.07 -23.58
CA LEU A 522 -31.91 -20.35 -22.66
C LEU A 522 -30.48 -20.92 -22.70
N TYR A 523 -30.34 -22.24 -22.82
CA TYR A 523 -29.02 -22.86 -22.89
C TYR A 523 -28.29 -22.47 -24.15
N LYS A 524 -29.01 -22.39 -25.27
CA LYS A 524 -28.44 -22.06 -26.57
C LYS A 524 -28.19 -20.57 -26.75
N GLN A 525 -29.02 -19.74 -26.14
CA GLN A 525 -28.96 -18.32 -26.44
C GLN A 525 -28.26 -17.46 -25.37
N THR A 526 -27.92 -18.07 -24.24
CA THR A 526 -27.33 -17.33 -23.13
C THR A 526 -26.19 -18.10 -22.46
N PRO A 527 -25.38 -17.42 -21.62
CA PRO A 527 -24.31 -18.13 -20.89
C PRO A 527 -24.78 -19.25 -19.95
N LEU A 528 -26.10 -19.44 -19.83
CA LEU A 528 -26.66 -20.51 -18.96
C LEU A 528 -26.02 -21.85 -19.25
N GLN A 529 -25.55 -22.00 -20.49
CA GLN A 529 -24.58 -23.02 -20.88
C GLN A 529 -23.39 -22.36 -21.58
N THR A 530 -22.19 -22.60 -21.06
CA THR A 530 -20.96 -22.08 -21.65
C THR A 530 -20.00 -23.24 -21.90
N SER A 531 -19.08 -23.06 -22.83
CA SER A 531 -18.06 -24.05 -23.05
C SER A 531 -16.76 -23.57 -22.46
N PHE A 532 -15.97 -24.52 -21.97
CA PHE A 532 -14.65 -24.21 -21.44
C PHE A 532 -13.65 -24.71 -22.45
N GLY A 533 -12.91 -23.80 -23.09
CA GLY A 533 -11.97 -24.17 -24.13
C GLY A 533 -10.65 -24.55 -23.50
N VAL A 534 -10.44 -25.83 -23.25
CA VAL A 534 -9.19 -26.29 -22.64
C VAL A 534 -8.00 -26.05 -23.55
N ASN A 535 -6.97 -25.44 -23.00
CA ASN A 535 -5.72 -25.22 -23.68
C ASN A 535 -4.59 -25.31 -22.64
N MET A 536 -4.03 -26.49 -22.44
CA MET A 536 -3.17 -26.71 -21.28
C MET A 536 -1.73 -26.37 -21.54
N ILE A 537 -1.42 -25.08 -21.54
CA ILE A 537 -0.06 -24.60 -21.70
C ILE A 537 0.47 -24.17 -20.33
N ALA A 538 1.54 -24.82 -19.88
CA ALA A 538 2.23 -24.46 -18.63
C ALA A 538 3.76 -24.40 -18.87
N LEU A 539 4.47 -23.83 -17.90
CA LEU A 539 5.93 -23.74 -17.98
C LEU A 539 6.59 -25.02 -17.50
N VAL A 540 7.31 -25.66 -18.40
CA VAL A 540 8.06 -26.89 -18.12
C VAL A 540 9.52 -26.60 -18.36
N ASN A 541 10.32 -26.72 -17.30
N ASN A 541 10.33 -26.75 -17.32
CA ASN A 541 11.73 -26.34 -17.33
CA ASN A 541 11.74 -26.33 -17.32
C ASN A 541 11.90 -24.94 -17.91
C ASN A 541 11.90 -24.95 -17.92
N GLY A 542 11.11 -24.00 -17.41
CA GLY A 542 11.14 -22.60 -17.85
C GLY A 542 10.73 -22.27 -19.28
N ARG A 543 10.12 -23.23 -19.99
CA ARG A 543 9.61 -22.97 -21.34
C ARG A 543 8.14 -23.28 -21.42
N PRO A 544 7.39 -22.57 -22.26
CA PRO A 544 5.97 -22.88 -22.39
C PRO A 544 5.77 -24.14 -23.21
N LYS A 545 4.89 -25.02 -22.75
CA LYS A 545 4.66 -26.30 -23.39
C LYS A 545 3.19 -26.69 -23.30
N LEU A 546 2.64 -27.18 -24.40
CA LEU A 546 1.30 -27.74 -24.39
C LEU A 546 1.42 -29.18 -23.90
N ILE A 547 0.74 -29.49 -22.81
CA ILE A 547 0.87 -30.78 -22.16
C ILE A 547 -0.51 -31.47 -22.08
N ASN A 548 -0.53 -32.81 -22.11
CA ASN A 548 -1.75 -33.57 -21.82
C ASN A 548 -1.81 -33.91 -20.32
N LEU A 549 -2.83 -34.66 -19.92
CA LEU A 549 -3.04 -34.97 -18.51
C LEU A 549 -1.90 -35.79 -17.93
N LYS A 550 -1.34 -36.69 -18.73
CA LYS A 550 -0.28 -37.52 -18.20
C LYS A 550 1.00 -36.73 -17.96
N GLU A 551 1.36 -35.85 -18.91
CA GLU A 551 2.59 -35.05 -18.79
C GLU A 551 2.52 -34.14 -17.55
N ALA A 552 1.33 -33.60 -17.28
CA ALA A 552 1.13 -32.74 -16.14
C ALA A 552 1.37 -33.50 -14.86
N LEU A 553 0.82 -34.71 -14.77
CA LEU A 553 1.03 -35.50 -13.56
C LEU A 553 2.48 -35.90 -13.40
N VAL A 554 3.12 -36.30 -14.51
CA VAL A 554 4.48 -36.84 -14.53
C VAL A 554 5.46 -35.79 -14.04
N HIS A 555 5.30 -34.57 -14.56
CA HIS A 555 6.13 -33.47 -14.12
C HIS A 555 5.88 -33.15 -12.66
N TYR A 556 4.64 -33.26 -12.21
CA TYR A 556 4.31 -32.92 -10.83
C TYR A 556 4.91 -33.95 -9.91
N LEU A 557 4.72 -35.23 -10.22
CA LEU A 557 5.31 -36.30 -9.43
C LEU A 557 6.84 -36.26 -9.35
N GLU A 558 7.51 -35.87 -10.44
CA GLU A 558 8.98 -35.72 -10.40
C GLU A 558 9.40 -34.58 -9.47
N HIS A 559 8.59 -33.53 -9.41
CA HIS A 559 8.80 -32.44 -8.48
C HIS A 559 8.76 -33.04 -7.08
N GLN A 560 7.67 -33.75 -6.77
CA GLN A 560 7.49 -34.34 -5.45
C GLN A 560 8.64 -35.24 -5.04
N LYS A 561 9.08 -36.09 -5.96
CA LYS A 561 10.21 -36.96 -5.68
C LYS A 561 11.46 -36.16 -5.33
N THR A 562 11.62 -35.00 -5.98
CA THR A 562 12.78 -34.13 -5.75
C THR A 562 12.69 -33.43 -4.40
N VAL A 563 11.48 -32.99 -4.05
CA VAL A 563 11.25 -32.25 -2.81
C VAL A 563 11.48 -33.17 -1.61
N VAL A 564 10.94 -34.38 -1.66
CA VAL A 564 11.11 -35.33 -0.54
C VAL A 564 12.56 -35.79 -0.41
N ARG A 565 13.23 -36.02 -1.54
CA ARG A 565 14.65 -36.37 -1.56
C ARG A 565 15.52 -35.27 -0.96
N ARG A 566 15.31 -34.04 -1.39
CA ARG A 566 16.06 -32.90 -0.89
C ARG A 566 15.82 -32.65 0.60
N ARG A 567 14.59 -32.88 1.06
CA ARG A 567 14.25 -32.73 2.47
C ARG A 567 15.03 -33.73 3.30
N THR A 568 14.95 -34.99 2.90
CA THR A 568 15.68 -36.07 3.56
C THR A 568 17.21 -35.82 3.63
N GLN A 569 17.79 -35.29 2.54
CA GLN A 569 19.22 -34.93 2.49
C GLN A 569 19.54 -33.78 3.46
N TYR A 570 18.59 -32.84 3.59
CA TYR A 570 18.74 -31.70 4.47
C TYR A 570 18.73 -32.15 5.92
N ASN A 571 17.65 -32.82 6.31
CA ASN A 571 17.53 -33.37 7.66
C ASN A 571 18.71 -34.29 8.05
N LEU A 572 19.35 -34.91 7.07
CA LEU A 572 20.54 -35.74 7.34
C LEU A 572 21.78 -34.89 7.63
N ARG A 573 22.01 -33.84 6.82
CA ARG A 573 23.12 -32.92 7.10
C ARG A 573 22.89 -32.24 8.45
N LYS A 574 21.64 -31.97 8.77
CA LYS A 574 21.28 -31.31 10.03
C LYS A 574 21.53 -32.21 11.25
N ALA A 575 21.10 -33.46 11.14
CA ALA A 575 21.32 -34.47 12.19
C ALA A 575 22.79 -34.81 12.40
N LYS A 576 23.55 -34.92 11.29
CA LYS A 576 24.96 -35.25 11.38
C LYS A 576 25.77 -34.12 12.01
N ASP A 577 25.32 -32.88 11.79
CA ASP A 577 25.97 -31.72 12.38
C ASP A 577 25.71 -31.70 13.87
N ARG A 578 24.47 -31.97 14.25
CA ARG A 578 24.04 -31.99 15.62
C ARG A 578 24.74 -33.12 16.43
N ALA A 579 24.84 -34.32 15.85
CA ALA A 579 25.55 -35.41 16.51
C ALA A 579 27.00 -35.01 16.84
N HIS A 580 27.62 -34.30 15.89
CA HIS A 580 29.00 -33.87 16.02
C HIS A 580 29.13 -32.85 17.14
N ILE A 581 28.17 -31.92 17.23
CA ILE A 581 28.16 -30.99 18.37
C ILE A 581 28.04 -31.77 19.68
N LEU A 582 27.10 -32.72 19.73
CA LEU A 582 26.82 -33.47 20.95
C LEU A 582 28.01 -34.31 21.42
N GLU A 583 28.84 -34.77 20.48
CA GLU A 583 30.06 -35.48 20.84
C GLU A 583 31.02 -34.57 21.58
N GLY A 584 31.02 -33.29 21.19
CA GLY A 584 31.86 -32.28 21.81
C GLY A 584 31.30 -31.84 23.14
N LEU A 585 29.98 -31.76 23.25
CA LEU A 585 29.34 -31.48 24.53
C LEU A 585 29.50 -32.61 25.56
N ARG A 586 29.55 -33.86 25.09
CA ARG A 586 29.77 -35.02 25.99
C ARG A 586 31.18 -34.99 26.59
N ILE A 587 32.16 -34.71 25.74
CA ILE A 587 33.56 -34.60 26.16
C ILE A 587 33.69 -33.46 27.15
N ALA A 588 33.09 -32.31 26.82
CA ALA A 588 33.13 -31.17 27.71
C ALA A 588 32.56 -31.50 29.09
N LEU A 589 31.33 -32.00 29.15
CA LEU A 589 30.69 -32.28 30.45
C LEU A 589 31.38 -33.35 31.28
N ASP A 590 31.96 -34.35 30.62
CA ASP A 590 32.76 -35.37 31.30
C ASP A 590 34.01 -34.77 31.93
N HIS A 591 34.63 -33.83 31.25
CA HIS A 591 35.89 -33.26 31.70
C HIS A 591 35.70 -31.80 32.09
N ILE A 592 34.57 -31.49 32.69
CA ILE A 592 34.16 -30.10 32.82
C ILE A 592 35.13 -29.22 33.64
N ASP A 593 35.73 -29.79 34.68
CA ASP A 593 36.64 -29.02 35.54
C ASP A 593 37.87 -28.60 34.77
N GLU A 594 38.42 -29.51 33.97
CA GLU A 594 39.54 -29.19 33.09
C GLU A 594 39.11 -28.15 32.06
N ILE A 595 37.88 -28.30 31.54
CA ILE A 595 37.32 -27.37 30.55
C ILE A 595 37.27 -25.94 31.10
N ILE A 596 36.69 -25.80 32.28
CA ILE A 596 36.65 -24.52 32.95
C ILE A 596 38.04 -23.94 33.19
N SER A 597 38.98 -24.72 33.73
CA SER A 597 40.32 -24.16 34.01
C SER A 597 41.00 -23.63 32.75
N THR A 598 40.83 -24.37 31.66
CA THR A 598 41.34 -23.98 30.34
C THR A 598 40.78 -22.65 29.85
N ILE A 599 39.50 -22.41 30.10
CA ILE A 599 38.85 -21.17 29.70
C ILE A 599 39.36 -20.02 30.57
N ARG A 600 39.32 -20.20 31.89
CA ARG A 600 39.78 -19.19 32.85
C ARG A 600 41.23 -18.71 32.64
N GLU A 601 42.11 -19.63 32.27
CA GLU A 601 43.52 -19.33 32.09
C GLU A 601 43.76 -18.68 30.72
N SER A 602 42.71 -18.58 29.91
CA SER A 602 42.82 -18.01 28.58
C SER A 602 42.35 -16.57 28.59
N ASP A 603 43.17 -15.67 28.08
CA ASP A 603 42.85 -14.25 28.10
C ASP A 603 41.83 -13.81 27.04
N THR A 604 41.88 -14.43 25.85
CA THR A 604 40.93 -14.14 24.77
C THR A 604 40.12 -15.39 24.37
N ASP A 605 39.10 -15.20 23.53
CA ASP A 605 38.38 -16.31 22.93
C ASP A 605 39.25 -17.08 21.94
N LYS A 606 40.07 -16.35 21.17
CA LYS A 606 40.98 -16.99 20.20
C LYS A 606 41.87 -18.04 20.87
N VAL A 607 42.47 -17.68 22.02
CA VAL A 607 43.31 -18.61 22.79
C VAL A 607 42.46 -19.76 23.37
N ALA A 608 41.34 -19.43 24.01
CA ALA A 608 40.42 -20.44 24.52
C ALA A 608 40.00 -21.46 23.45
N MET A 609 39.60 -20.96 22.27
CA MET A 609 39.33 -21.83 21.11
C MET A 609 40.50 -22.78 20.83
N GLU A 610 41.70 -22.23 20.63
CA GLU A 610 42.90 -23.00 20.30
C GLU A 610 43.25 -24.05 21.36
N SER A 611 43.13 -23.69 22.64
CA SER A 611 43.46 -24.59 23.75
C SER A 611 42.44 -25.72 23.93
N LEU A 612 41.17 -25.44 23.68
CA LEU A 612 40.15 -26.47 23.79
C LEU A 612 40.29 -27.49 22.65
N GLN A 613 40.71 -27.01 21.47
CA GLN A 613 40.82 -27.87 20.30
C GLN A 613 41.94 -28.88 20.40
N GLN A 614 43.11 -28.44 20.90
CA GLN A 614 44.25 -29.34 21.05
C GLN A 614 44.08 -30.27 22.24
N ARG A 615 43.81 -29.69 23.42
CA ARG A 615 43.83 -30.44 24.66
C ARG A 615 42.76 -31.53 24.75
N PHE A 616 41.62 -31.30 24.09
CA PHE A 616 40.50 -32.22 24.19
C PHE A 616 40.12 -32.90 22.86
N LYS A 617 40.92 -32.68 21.82
CA LYS A 617 40.69 -33.28 20.49
C LYS A 617 39.34 -32.85 19.92
N LEU A 618 39.11 -31.54 19.87
CA LEU A 618 37.85 -30.98 19.40
C LEU A 618 37.97 -30.19 18.10
N SER A 619 36.90 -30.21 17.31
CA SER A 619 36.81 -29.40 16.09
C SER A 619 36.47 -27.96 16.46
N GLU A 620 36.65 -27.04 15.52
CA GLU A 620 36.37 -25.63 15.74
C GLU A 620 34.90 -25.38 16.11
N LYS A 621 33.99 -26.08 15.43
CA LYS A 621 32.56 -26.02 15.76
C LYS A 621 32.22 -26.50 17.19
N GLN A 622 32.81 -27.62 17.62
CA GLN A 622 32.59 -28.16 18.97
C GLN A 622 33.12 -27.26 20.08
N ALA A 623 34.32 -26.71 19.87
CA ALA A 623 34.92 -25.80 20.83
C ALA A 623 34.01 -24.60 21.03
N GLN A 624 33.51 -24.05 19.93
CA GLN A 624 32.59 -22.91 19.95
C GLN A 624 31.29 -23.23 20.71
N ALA A 625 30.78 -24.46 20.54
CA ALA A 625 29.53 -24.84 21.15
C ALA A 625 29.68 -24.86 22.65
N ILE A 626 30.88 -25.24 23.09
CA ILE A 626 31.17 -25.40 24.49
C ILE A 626 31.29 -24.03 25.14
N LEU A 627 31.91 -23.09 24.42
CA LEU A 627 32.06 -21.74 24.94
C LEU A 627 30.71 -21.05 25.04
N ASP A 628 29.82 -21.33 24.09
CA ASP A 628 28.48 -20.73 24.07
C ASP A 628 27.53 -21.34 25.11
N MET A 629 27.97 -22.44 25.71
CA MET A 629 27.18 -23.14 26.70
C MET A 629 26.98 -22.30 27.97
N ARG A 630 25.74 -22.26 28.47
CA ARG A 630 25.38 -21.49 29.64
C ARG A 630 25.58 -22.35 30.88
N LEU A 631 25.81 -21.71 32.03
CA LEU A 631 26.10 -22.42 33.27
C LEU A 631 24.99 -23.37 33.73
N ARG A 632 23.74 -23.00 33.47
CA ARG A 632 22.59 -23.85 33.77
C ARG A 632 22.71 -25.24 33.12
N ARG A 633 23.38 -25.29 31.98
CA ARG A 633 23.66 -26.54 31.29
C ARG A 633 24.54 -27.53 32.08
N LEU A 634 24.94 -27.17 33.30
CA LEU A 634 25.83 -28.02 34.11
C LEU A 634 25.11 -28.75 35.24
N THR A 635 23.79 -28.57 35.30
CA THR A 635 22.94 -29.26 36.25
C THR A 635 23.02 -30.80 36.12
N GLY A 636 22.69 -31.49 37.22
CA GLY A 636 22.89 -32.92 37.37
C GLY A 636 22.31 -33.86 36.33
N LEU A 637 21.19 -33.48 35.72
CA LEU A 637 20.49 -34.39 34.81
C LEU A 637 20.69 -34.08 33.31
N GLU A 638 21.59 -33.15 33.01
CA GLU A 638 21.94 -32.75 31.64
C GLU A 638 22.83 -33.76 30.93
N ARG A 639 23.80 -34.33 31.64
CA ARG A 639 24.71 -35.34 31.06
C ARG A 639 23.95 -36.55 30.49
N ASP A 640 22.85 -36.93 31.13
CA ASP A 640 21.98 -38.00 30.64
C ASP A 640 21.10 -37.53 29.48
N LYS A 641 20.56 -36.31 29.60
CA LYS A 641 19.70 -35.72 28.58
C LYS A 641 20.38 -35.60 27.20
N ILE A 642 21.67 -35.27 27.24
CA ILE A 642 22.52 -35.17 26.06
C ILE A 642 22.84 -36.53 25.47
N GLU A 643 23.14 -37.50 26.34
CA GLU A 643 23.34 -38.90 25.92
C GLU A 643 22.10 -39.45 25.22
N ALA A 644 20.92 -39.20 25.79
CA ALA A 644 19.66 -39.69 25.22
C ALA A 644 19.43 -39.11 23.82
N GLU A 645 19.73 -37.82 23.67
CA GLU A 645 19.58 -37.12 22.38
C GLU A 645 20.50 -37.67 21.29
N TYR A 646 21.73 -37.99 21.69
CA TYR A 646 22.75 -38.47 20.77
C TYR A 646 22.43 -39.88 20.27
N ASN A 647 21.97 -40.74 21.18
CA ASN A 647 21.54 -42.09 20.82
C ASN A 647 20.39 -42.07 19.83
N GLU A 648 19.47 -41.14 20.04
CA GLU A 648 18.27 -41.07 19.24
C GLU A 648 18.58 -40.47 17.86
N LEU A 649 19.55 -39.56 17.83
CA LEU A 649 20.06 -39.01 16.57
C LEU A 649 20.72 -40.08 15.70
N LEU A 650 21.47 -40.99 16.32
CA LEU A 650 22.04 -42.11 15.59
C LEU A 650 21.00 -43.08 14.98
N ASN A 651 19.84 -43.22 15.59
CA ASN A 651 18.73 -43.99 15.01
C ASN A 651 18.15 -43.21 13.84
N TYR A 652 17.96 -41.91 14.06
CA TYR A 652 17.40 -41.00 13.06
C TYR A 652 18.27 -40.98 11.80
N ILE A 653 19.56 -40.71 11.96
CA ILE A 653 20.52 -40.74 10.84
C ILE A 653 20.45 -42.04 10.06
N SER A 654 20.30 -43.15 10.79
CA SER A 654 20.18 -44.47 10.17
C SER A 654 18.86 -44.62 9.41
N GLU A 655 17.80 -44.03 9.93
CA GLU A 655 16.50 -44.07 9.25
C GLU A 655 16.55 -43.28 7.93
N LEU A 656 17.23 -42.14 7.95
CA LEU A 656 17.35 -41.28 6.78
C LEU A 656 18.25 -41.86 5.69
N GLU A 657 19.31 -42.56 6.09
CA GLU A 657 20.22 -43.16 5.11
C GLU A 657 19.56 -44.33 4.36
N THR A 658 18.78 -45.11 5.11
CA THR A 658 17.94 -46.20 4.63
C THR A 658 17.01 -45.76 3.51
N ILE A 659 16.49 -44.53 3.64
CA ILE A 659 15.55 -43.94 2.68
C ILE A 659 16.27 -43.48 1.42
N LEU A 660 17.40 -42.79 1.60
CA LEU A 660 18.24 -42.35 0.49
C LEU A 660 18.92 -43.49 -0.27
N ALA A 661 18.99 -44.68 0.33
CA ALA A 661 19.64 -45.83 -0.28
C ALA A 661 18.73 -46.59 -1.24
N ASP A 662 17.42 -46.45 -1.04
CA ASP A 662 16.43 -47.19 -1.82
C ASP A 662 15.41 -46.25 -2.43
N GLU A 663 15.34 -46.24 -3.76
CA GLU A 663 14.40 -45.37 -4.49
C GLU A 663 12.95 -45.70 -4.20
N GLU A 664 12.64 -46.98 -4.03
CA GLU A 664 11.26 -47.40 -3.79
C GLU A 664 10.75 -46.96 -2.40
N VAL A 665 11.64 -46.88 -1.41
CA VAL A 665 11.26 -46.41 -0.08
C VAL A 665 10.96 -44.91 -0.13
N LEU A 666 11.70 -44.18 -0.96
CA LEU A 666 11.46 -42.76 -1.21
C LEU A 666 10.13 -42.52 -1.93
N LEU A 667 9.85 -43.33 -2.93
CA LEU A 667 8.63 -43.17 -3.73
C LEU A 667 7.41 -43.49 -2.88
N GLN A 668 7.53 -44.56 -2.11
CA GLN A 668 6.53 -44.90 -1.12
C GLN A 668 6.32 -43.72 -0.16
N LEU A 669 7.41 -43.06 0.22
CA LEU A 669 7.30 -41.96 1.17
C LEU A 669 6.49 -40.81 0.59
N VAL A 670 6.62 -40.60 -0.72
CA VAL A 670 5.81 -39.63 -1.46
C VAL A 670 4.34 -40.06 -1.48
N ARG A 671 4.11 -41.34 -1.73
CA ARG A 671 2.75 -41.85 -1.77
C ARG A 671 2.04 -41.61 -0.44
N ASP A 672 2.72 -41.92 0.66
CA ASP A 672 2.18 -41.81 2.00
C ASP A 672 1.80 -40.41 2.39
N GLU A 673 2.62 -39.44 1.98
CA GLU A 673 2.35 -38.06 2.31
C GLU A 673 1.22 -37.51 1.44
N LEU A 674 1.20 -37.88 0.16
CA LEU A 674 0.12 -37.49 -0.75
C LEU A 674 -1.24 -38.03 -0.27
N THR A 675 -1.24 -39.31 0.09
CA THR A 675 -2.38 -40.00 0.68
C THR A 675 -2.88 -39.28 1.92
N GLU A 676 -1.96 -38.84 2.77
CA GLU A 676 -2.33 -38.10 3.96
C GLU A 676 -2.98 -36.78 3.57
N ILE A 677 -2.37 -36.06 2.63
CA ILE A 677 -2.99 -34.84 2.07
C ILE A 677 -4.42 -35.14 1.58
N ARG A 678 -4.60 -36.28 0.93
CA ARG A 678 -5.89 -36.64 0.35
C ARG A 678 -6.95 -36.78 1.42
N ASP A 679 -6.62 -37.56 2.45
CA ASP A 679 -7.55 -37.85 3.53
C ASP A 679 -7.95 -36.62 4.34
N ARG A 680 -7.04 -35.64 4.40
CA ARG A 680 -7.31 -34.46 5.18
C ARG A 680 -8.02 -33.40 4.37
N PHE A 681 -7.74 -33.33 3.07
CA PHE A 681 -8.20 -32.21 2.25
C PHE A 681 -9.12 -32.61 1.10
N GLY A 682 -9.07 -33.89 0.73
CA GLY A 682 -9.91 -34.41 -0.32
C GLY A 682 -11.35 -34.21 0.04
N ASP A 683 -12.17 -33.92 -0.97
CA ASP A 683 -13.60 -33.67 -0.78
C ASP A 683 -14.40 -34.27 -1.92
N ASP A 684 -15.72 -34.21 -1.81
CA ASP A 684 -16.60 -34.75 -2.82
C ASP A 684 -16.50 -34.01 -4.14
N ARG A 685 -16.90 -34.70 -5.20
CA ARG A 685 -17.05 -34.09 -6.51
C ARG A 685 -18.22 -33.11 -6.44
N ARG A 686 -18.08 -31.95 -7.07
CA ARG A 686 -19.15 -30.96 -7.11
C ARG A 686 -19.85 -30.93 -8.48
N THR A 687 -19.07 -30.98 -9.56
CA THR A 687 -19.62 -30.91 -10.89
C THR A 687 -20.05 -32.29 -11.38
N GLU A 688 -21.31 -32.41 -11.80
CA GLU A 688 -21.81 -33.70 -12.29
C GLU A 688 -21.52 -33.85 -13.77
N ILE A 689 -20.98 -35.00 -14.13
CA ILE A 689 -20.69 -35.26 -15.51
C ILE A 689 -21.79 -36.17 -16.03
N GLN A 690 -22.70 -35.59 -16.81
CA GLN A 690 -23.82 -36.30 -17.39
C GLN A 690 -23.43 -36.78 -18.78
N LEU A 691 -23.67 -38.06 -19.05
CA LEU A 691 -23.24 -38.64 -20.31
C LEU A 691 -24.32 -38.56 -21.39
N GLY A 692 -23.87 -38.19 -22.59
CA GLY A 692 -24.73 -38.14 -23.76
C GLY A 692 -24.84 -36.72 -24.28
N GLY B 8 -27.49 4.55 -12.91
CA GLY B 8 -28.23 3.97 -11.74
C GLY B 8 -27.33 3.13 -10.86
N LYS B 9 -26.83 3.71 -9.78
CA LYS B 9 -26.04 2.97 -8.79
C LYS B 9 -26.96 2.08 -7.95
N LEU B 10 -28.24 2.43 -7.91
CA LEU B 10 -29.25 1.72 -7.13
C LEU B 10 -29.32 0.23 -7.48
N ALA B 11 -29.19 -0.63 -6.47
CA ALA B 11 -29.43 -2.06 -6.61
C ALA B 11 -30.78 -2.35 -6.00
N ASP B 12 -31.82 -2.26 -6.81
CA ASP B 12 -33.18 -2.31 -6.30
C ASP B 12 -33.55 -3.68 -5.74
N CYS B 13 -34.69 -3.76 -5.06
CA CYS B 13 -35.28 -5.03 -4.61
C CYS B 13 -36.33 -5.59 -5.59
N SER B 14 -36.74 -6.84 -5.37
CA SER B 14 -37.78 -7.50 -6.17
C SER B 14 -39.18 -6.89 -5.96
N SER B 15 -39.70 -7.05 -4.75
CA SER B 15 -41.03 -6.56 -4.38
C SER B 15 -41.24 -5.09 -4.78
N LYS B 16 -42.45 -4.76 -5.22
CA LYS B 16 -42.77 -3.38 -5.60
C LYS B 16 -43.84 -2.85 -4.67
N SER B 17 -43.87 -3.41 -3.46
CA SER B 17 -44.81 -3.03 -2.42
C SER B 17 -44.08 -2.15 -1.40
N PRO B 18 -44.28 -0.82 -1.51
CA PRO B 18 -43.49 0.07 -0.67
C PRO B 18 -43.72 -0.10 0.82
N GLU B 19 -44.88 -0.63 1.22
CA GLU B 19 -45.18 -0.87 2.64
C GLU B 19 -44.09 -1.72 3.30
N GLU B 20 -43.51 -2.64 2.53
CA GLU B 20 -42.61 -3.67 3.06
C GLU B 20 -41.19 -3.59 2.47
N CYS B 21 -40.94 -2.63 1.58
CA CYS B 21 -39.63 -2.46 0.95
C CYS B 21 -38.81 -1.41 1.68
N GLU B 22 -37.50 -1.66 1.80
CA GLU B 22 -36.60 -0.71 2.44
C GLU B 22 -35.34 -0.46 1.60
N ILE B 23 -34.70 0.70 1.78
CA ILE B 23 -33.50 1.05 1.01
C ILE B 23 -32.35 1.48 1.92
N PHE B 24 -31.18 0.88 1.69
CA PHE B 24 -29.99 1.19 2.48
C PHE B 24 -29.04 2.13 1.75
N LEU B 25 -28.84 3.30 2.34
CA LEU B 25 -27.86 4.25 1.86
C LEU B 25 -26.51 3.98 2.50
N VAL B 26 -25.55 3.55 1.69
CA VAL B 26 -24.18 3.26 2.17
C VAL B 26 -23.14 4.24 1.60
N GLU B 27 -21.92 4.22 2.15
CA GLU B 27 -20.90 5.21 1.75
C GLU B 27 -20.34 5.01 0.35
N GLY B 28 -20.25 3.77 -0.11
CA GLY B 28 -19.69 3.46 -1.43
C GLY B 28 -19.71 1.98 -1.69
N ASP B 29 -18.92 1.54 -2.67
CA ASP B 29 -18.91 0.13 -3.10
C ASP B 29 -18.21 -0.81 -2.13
N SER B 30 -17.27 -0.29 -1.33
CA SER B 30 -16.59 -1.10 -0.32
C SER B 30 -17.62 -1.54 0.75
N ALA B 31 -18.46 -0.62 1.20
CA ALA B 31 -19.59 -0.96 2.05
C ALA B 31 -20.65 -1.72 1.25
N GLY B 32 -21.01 -1.18 0.08
CA GLY B 32 -22.01 -1.76 -0.82
C GLY B 32 -21.93 -3.27 -1.05
N GLY B 33 -20.71 -3.77 -1.31
CA GLY B 33 -20.48 -5.19 -1.48
C GLY B 33 -20.93 -6.06 -0.32
N SER B 34 -20.43 -5.77 0.88
CA SER B 34 -20.88 -6.43 2.11
C SER B 34 -22.40 -6.33 2.30
N THR B 35 -22.92 -5.13 2.02
CA THR B 35 -24.35 -4.82 2.09
C THR B 35 -25.14 -5.69 1.11
N LYS B 36 -24.71 -5.72 -0.15
CA LYS B 36 -25.41 -6.50 -1.20
C LYS B 36 -25.38 -8.00 -0.93
N SER B 37 -24.24 -8.48 -0.47
CA SER B 37 -24.05 -9.89 -0.18
C SER B 37 -24.87 -10.39 1.01
N GLY B 38 -25.17 -9.52 1.96
CA GLY B 38 -25.84 -9.90 3.20
C GLY B 38 -27.34 -9.63 3.19
N ARG B 39 -27.80 -8.77 2.30
CA ARG B 39 -29.20 -8.33 2.27
C ARG B 39 -30.20 -9.42 1.86
N ASP B 40 -31.47 -9.08 2.05
CA ASP B 40 -32.57 -9.84 1.51
C ASP B 40 -33.02 -9.04 0.27
N SER B 41 -32.72 -9.56 -0.91
CA SER B 41 -32.98 -8.80 -2.14
C SER B 41 -34.47 -8.70 -2.49
N ARG B 42 -35.31 -9.45 -1.77
CA ARG B 42 -36.76 -9.37 -1.89
C ARG B 42 -37.27 -7.98 -1.46
N THR B 43 -36.72 -7.47 -0.36
CA THR B 43 -37.29 -6.28 0.30
C THR B 43 -36.27 -5.18 0.62
N GLN B 44 -35.02 -5.40 0.23
CA GLN B 44 -33.94 -4.49 0.62
C GLN B 44 -33.14 -3.99 -0.58
N ALA B 45 -33.36 -2.73 -0.90
CA ALA B 45 -32.59 -2.04 -1.93
C ALA B 45 -31.36 -1.40 -1.32
N ILE B 46 -30.36 -1.16 -2.15
CA ILE B 46 -29.11 -0.53 -1.70
C ILE B 46 -28.73 0.54 -2.67
N LEU B 47 -28.40 1.71 -2.14
CA LEU B 47 -27.86 2.81 -2.93
C LEU B 47 -26.53 3.23 -2.32
N PRO B 48 -25.43 2.80 -2.95
CA PRO B 48 -24.14 3.29 -2.53
C PRO B 48 -23.90 4.70 -3.06
N LEU B 49 -23.53 5.59 -2.16
CA LEU B 49 -23.21 6.96 -2.49
C LEU B 49 -21.74 7.02 -2.90
N ARG B 50 -21.09 8.17 -2.72
CA ARG B 50 -19.65 8.33 -3.01
C ARG B 50 -19.00 9.19 -1.92
N GLY B 51 -19.16 8.82 -0.66
CA GLY B 51 -18.57 9.58 0.43
C GLY B 51 -19.32 10.84 0.84
N LYS B 52 -18.59 11.86 1.29
CA LYS B 52 -19.24 13.07 1.82
C LYS B 52 -20.16 13.63 0.76
N ILE B 53 -21.45 13.71 1.06
CA ILE B 53 -22.40 14.34 0.14
C ILE B 53 -22.37 15.86 0.34
N LEU B 54 -22.92 16.57 -0.62
CA LEU B 54 -23.08 18.01 -0.60
C LEU B 54 -23.83 18.52 0.64
N ASN B 55 -23.40 19.67 1.16
CA ASN B 55 -24.12 20.31 2.26
C ASN B 55 -25.16 21.28 1.73
N VAL B 56 -26.40 20.78 1.61
CA VAL B 56 -27.47 21.53 0.96
C VAL B 56 -27.88 22.80 1.73
N GLU B 57 -27.41 22.89 2.97
CA GLU B 57 -27.64 24.04 3.83
C GLU B 57 -26.74 25.20 3.44
N LYS B 58 -25.56 24.89 2.88
CA LYS B 58 -24.57 25.89 2.48
C LYS B 58 -24.56 26.15 0.97
N ALA B 59 -25.12 25.21 0.21
CA ALA B 59 -25.05 25.24 -1.25
C ALA B 59 -26.26 25.94 -1.89
N ARG B 60 -26.04 26.57 -3.04
CA ARG B 60 -27.13 27.21 -3.78
C ARG B 60 -28.10 26.18 -4.38
N LEU B 61 -29.34 26.60 -4.62
CA LEU B 61 -30.40 25.72 -5.13
C LEU B 61 -30.06 25.01 -6.44
N ASP B 62 -29.57 25.76 -7.43
CA ASP B 62 -29.24 25.21 -8.76
C ASP B 62 -28.25 24.04 -8.74
N ARG B 63 -27.33 24.07 -7.79
CA ARG B 63 -26.21 23.15 -7.75
C ARG B 63 -26.55 21.90 -6.94
N ILE B 64 -27.49 22.05 -6.00
CA ILE B 64 -28.11 20.91 -5.33
C ILE B 64 -28.84 20.03 -6.33
N LEU B 65 -29.61 20.65 -7.24
CA LEU B 65 -30.39 19.92 -8.25
C LEU B 65 -29.53 19.30 -9.36
N ASN B 66 -28.38 19.90 -9.65
CA ASN B 66 -27.43 19.33 -10.63
C ASN B 66 -26.45 18.32 -10.04
N ASN B 67 -26.63 17.99 -8.77
CA ASN B 67 -25.73 17.09 -8.07
C ASN B 67 -26.17 15.63 -8.18
N ASN B 68 -25.25 14.84 -8.71
CA ASN B 68 -25.45 13.42 -9.01
C ASN B 68 -26.11 12.55 -7.93
N GLU B 69 -25.53 12.52 -6.73
CA GLU B 69 -26.01 11.63 -5.66
C GLU B 69 -27.34 12.11 -5.09
N ILE B 70 -27.52 13.44 -5.09
CA ILE B 70 -28.79 14.06 -4.77
C ILE B 70 -29.85 13.60 -5.78
N ARG B 71 -29.56 13.75 -7.08
CA ARG B 71 -30.45 13.23 -8.12
C ARG B 71 -30.83 11.75 -7.90
N GLN B 72 -29.81 10.91 -7.68
CA GLN B 72 -30.00 9.47 -7.55
C GLN B 72 -30.87 9.11 -6.36
N MET B 73 -30.64 9.77 -5.23
CA MET B 73 -31.47 9.57 -4.06
C MET B 73 -32.92 9.92 -4.34
N ILE B 74 -33.12 11.10 -4.92
CA ILE B 74 -34.46 11.53 -5.33
C ILE B 74 -35.08 10.52 -6.30
N THR B 75 -34.39 10.25 -7.40
CA THR B 75 -34.87 9.26 -8.38
C THR B 75 -35.29 7.96 -7.67
N ALA B 76 -34.41 7.46 -6.78
CA ALA B 76 -34.65 6.22 -6.06
C ALA B 76 -35.91 6.27 -5.18
N PHE B 77 -36.05 7.34 -4.40
CA PHE B 77 -37.19 7.51 -3.50
C PHE B 77 -38.53 7.66 -4.24
N GLY B 78 -38.51 8.32 -5.39
CA GLY B 78 -39.70 8.47 -6.26
C GLY B 78 -40.70 9.55 -5.87
N THR B 79 -40.36 10.38 -4.88
CA THR B 79 -41.30 11.35 -4.31
C THR B 79 -41.27 12.75 -4.96
N GLY B 80 -40.13 13.12 -5.55
CA GLY B 80 -39.90 14.50 -5.95
C GLY B 80 -39.43 15.33 -4.77
N ILE B 81 -39.34 16.65 -4.91
CA ILE B 81 -38.71 17.48 -3.87
C ILE B 81 -39.46 18.75 -3.44
N GLY B 82 -39.24 19.12 -2.18
CA GLY B 82 -39.77 20.33 -1.56
C GLY B 82 -41.29 20.39 -1.54
N GLY B 83 -41.84 20.99 -2.60
CA GLY B 83 -43.28 21.17 -2.76
C GLY B 83 -43.91 20.19 -3.73
N ASP B 84 -43.08 19.61 -4.62
CA ASP B 84 -43.54 18.57 -5.54
C ASP B 84 -43.36 17.20 -4.91
N PHE B 85 -43.17 17.21 -3.59
CA PHE B 85 -43.07 16.02 -2.78
C PHE B 85 -44.45 15.39 -2.55
N ASP B 86 -44.65 14.21 -3.12
CA ASP B 86 -45.85 13.39 -2.90
C ASP B 86 -45.44 12.16 -2.08
N LEU B 87 -45.95 12.07 -0.85
CA LEU B 87 -45.56 10.97 0.04
C LEU B 87 -46.12 9.64 -0.44
N ALA B 88 -47.21 9.71 -1.19
CA ALA B 88 -47.87 8.53 -1.74
C ALA B 88 -47.08 7.88 -2.89
N LYS B 89 -46.06 8.58 -3.40
CA LYS B 89 -45.25 8.07 -4.51
C LYS B 89 -43.95 7.44 -4.03
N ALA B 90 -43.70 7.58 -2.73
CA ALA B 90 -42.54 7.00 -2.05
C ALA B 90 -42.44 5.51 -2.31
N ARG B 91 -41.24 5.04 -2.66
CA ARG B 91 -41.07 3.66 -3.12
C ARG B 91 -40.58 2.73 -2.01
N TYR B 92 -40.18 3.31 -0.88
CA TYR B 92 -39.74 2.54 0.28
C TYR B 92 -40.34 3.20 1.52
N HIS B 93 -40.98 2.42 2.38
CA HIS B 93 -41.46 2.94 3.65
C HIS B 93 -40.36 2.92 4.70
N LYS B 94 -39.15 2.49 4.30
CA LYS B 94 -37.97 2.52 5.19
C LYS B 94 -36.73 2.96 4.43
N ILE B 95 -36.28 4.17 4.74
CA ILE B 95 -35.04 4.72 4.22
C ILE B 95 -34.02 4.73 5.35
N VAL B 96 -33.00 3.87 5.21
CA VAL B 96 -32.04 3.61 6.26
C VAL B 96 -30.67 4.23 5.92
N ILE B 97 -30.23 5.16 6.76
CA ILE B 97 -28.88 5.72 6.69
C ILE B 97 -27.92 4.75 7.42
N MET B 98 -27.10 4.06 6.65
CA MET B 98 -26.15 3.10 7.20
C MET B 98 -24.76 3.50 6.74
N THR B 99 -24.31 4.68 7.16
CA THR B 99 -22.94 5.10 6.93
C THR B 99 -22.02 4.27 7.83
N ASP B 100 -20.71 4.39 7.62
CA ASP B 100 -19.73 3.61 8.39
C ASP B 100 -19.68 4.09 9.85
N ALA B 101 -19.23 3.22 10.76
CA ALA B 101 -19.19 3.57 12.19
C ALA B 101 -17.91 4.31 12.58
N ASP B 102 -17.57 5.37 11.86
CA ASP B 102 -16.49 6.23 12.30
C ASP B 102 -16.96 7.68 12.29
N VAL B 103 -16.13 8.58 12.81
CA VAL B 103 -16.51 10.00 12.88
C VAL B 103 -16.97 10.58 11.53
N ASP B 104 -16.31 10.15 10.46
CA ASP B 104 -16.68 10.59 9.11
C ASP B 104 -18.01 10.01 8.64
N GLY B 105 -18.32 8.80 9.11
CA GLY B 105 -19.67 8.25 8.99
C GLY B 105 -20.72 9.12 9.67
N ALA B 106 -20.44 9.52 10.91
CA ALA B 106 -21.37 10.39 11.64
C ALA B 106 -21.61 11.72 10.90
N HIS B 107 -20.51 12.29 10.38
CA HIS B 107 -20.58 13.50 9.56
C HIS B 107 -21.48 13.34 8.33
N ILE B 108 -21.29 12.27 7.58
CA ILE B 108 -22.09 11.95 6.40
C ILE B 108 -23.56 11.79 6.77
N ARG B 109 -23.83 11.14 7.89
CA ARG B 109 -25.19 10.99 8.37
C ARG B 109 -25.78 12.37 8.64
N THR B 110 -25.01 13.29 9.20
CA THR B 110 -25.57 14.62 9.46
C THR B 110 -25.84 15.37 8.15
N LEU B 111 -24.96 15.15 7.16
CA LEU B 111 -25.16 15.75 5.85
C LEU B 111 -26.39 15.17 5.17
N LEU B 112 -26.61 13.86 5.31
CA LEU B 112 -27.80 13.22 4.71
C LEU B 112 -29.07 13.72 5.36
N LEU B 113 -29.02 13.86 6.68
CA LEU B 113 -30.14 14.35 7.47
C LEU B 113 -30.47 15.78 7.12
N THR B 114 -29.45 16.60 6.96
CA THR B 114 -29.59 17.98 6.50
C THR B 114 -30.36 18.00 5.18
N PHE B 115 -29.98 17.11 4.26
CA PHE B 115 -30.66 17.05 2.98
C PHE B 115 -32.10 16.57 3.12
N PHE B 116 -32.32 15.52 3.91
CA PHE B 116 -33.67 15.01 4.09
C PHE B 116 -34.58 16.07 4.73
N TYR B 117 -34.05 16.81 5.71
CA TYR B 117 -34.90 17.73 6.45
C TYR B 117 -35.28 18.96 5.62
N ARG B 118 -34.48 19.28 4.61
CA ARG B 118 -34.68 20.50 3.86
C ARG B 118 -35.49 20.31 2.58
N PHE B 119 -35.43 19.11 2.01
CA PHE B 119 -36.04 18.87 0.69
C PHE B 119 -37.06 17.74 0.74
N MET B 120 -36.99 16.92 1.78
CA MET B 120 -37.95 15.85 1.98
C MET B 120 -38.42 15.78 3.41
N ARG B 121 -38.71 16.94 4.01
CA ARG B 121 -39.16 17.00 5.39
C ARG B 121 -40.31 16.02 5.71
N PRO B 122 -41.32 15.90 4.80
CA PRO B 122 -42.47 15.05 5.12
C PRO B 122 -42.15 13.55 5.19
N LEU B 123 -41.02 13.16 4.59
CA LEU B 123 -40.51 11.81 4.67
C LEU B 123 -40.08 11.45 6.10
N ILE B 124 -39.42 12.40 6.78
CA ILE B 124 -39.09 12.28 8.20
C ILE B 124 -40.36 12.27 9.05
N GLU B 125 -41.31 13.15 8.71
CA GLU B 125 -42.55 13.29 9.46
C GLU B 125 -43.46 12.06 9.36
N ALA B 126 -43.35 11.31 8.27
CA ALA B 126 -44.14 10.09 8.09
C ALA B 126 -43.51 8.88 8.82
N GLY B 127 -42.38 9.13 9.49
CA GLY B 127 -41.63 8.10 10.18
C GLY B 127 -40.86 7.17 9.26
N TYR B 128 -40.58 7.64 8.04
CA TYR B 128 -39.95 6.81 7.02
C TYR B 128 -38.40 6.77 7.10
N VAL B 129 -37.80 7.68 7.86
CA VAL B 129 -36.32 7.75 7.93
C VAL B 129 -35.71 7.11 9.18
N TYR B 130 -34.73 6.23 8.96
CA TYR B 130 -34.14 5.39 10.00
C TYR B 130 -32.64 5.46 9.97
N ILE B 131 -32.02 5.13 11.09
CA ILE B 131 -30.58 5.09 11.25
C ILE B 131 -30.18 3.68 11.66
N ALA B 132 -29.37 3.02 10.84
CA ALA B 132 -28.90 1.69 11.14
C ALA B 132 -27.87 1.80 12.26
N GLN B 133 -27.59 0.69 12.94
CA GLN B 133 -26.57 0.70 13.99
C GLN B 133 -25.53 -0.43 13.82
N PRO B 134 -24.61 -0.24 12.86
CA PRO B 134 -23.51 -1.17 12.64
C PRO B 134 -22.63 -1.25 13.88
N PRO B 135 -21.96 -2.39 14.11
CA PRO B 135 -21.04 -2.49 15.25
C PRO B 135 -19.83 -1.55 15.09
N THR B 136 -19.34 -1.05 16.22
CA THR B 136 -18.12 -0.24 16.29
C THR B 136 -16.87 -1.14 16.16
N GLY B 137 -15.70 -0.54 16.01
CA GLY B 137 -14.45 -1.29 15.85
C GLY B 137 -14.24 -1.76 14.41
N TYR B 138 -15.03 -1.20 13.50
CA TYR B 138 -14.89 -1.41 12.07
C TYR B 138 -14.76 -0.07 11.36
N LYS B 139 -13.69 0.09 10.59
CA LYS B 139 -13.42 1.30 9.84
C LYS B 139 -14.54 1.60 8.85
N GLY B 140 -15.12 0.53 8.29
CA GLY B 140 -16.22 0.64 7.35
C GLY B 140 -16.89 -0.71 7.15
N LEU B 141 -18.04 -0.73 6.49
CA LEU B 141 -18.81 -1.97 6.41
C LEU B 141 -18.12 -3.02 5.54
N GLY B 142 -17.38 -2.58 4.54
CA GLY B 142 -16.53 -3.46 3.74
C GLY B 142 -15.51 -4.29 4.51
N GLU B 143 -15.24 -3.89 5.76
CA GLU B 143 -14.38 -4.64 6.67
C GLU B 143 -15.11 -5.80 7.36
N MET B 144 -16.44 -5.78 7.29
CA MET B 144 -17.25 -6.82 7.91
C MET B 144 -17.56 -7.92 6.93
N ASN B 145 -17.69 -9.14 7.42
CA ASN B 145 -18.21 -10.21 6.59
C ASN B 145 -19.68 -9.97 6.33
N ALA B 146 -20.20 -10.54 5.23
CA ALA B 146 -21.57 -10.31 4.82
C ALA B 146 -22.58 -10.75 5.87
N ASP B 147 -22.37 -11.94 6.45
CA ASP B 147 -23.32 -12.50 7.41
C ASP B 147 -23.39 -11.69 8.72
N GLN B 148 -22.24 -11.20 9.19
CA GLN B 148 -22.21 -10.46 10.46
C GLN B 148 -22.83 -9.07 10.31
N LEU B 149 -22.87 -8.57 9.08
CA LEU B 149 -23.52 -7.29 8.79
C LEU B 149 -25.04 -7.49 8.73
N TRP B 150 -25.47 -8.61 8.15
CA TRP B 150 -26.89 -8.97 8.12
C TRP B 150 -27.47 -9.21 9.51
N GLU B 151 -26.81 -10.07 10.29
CA GLU B 151 -27.32 -10.39 11.63
C GLU B 151 -27.32 -9.18 12.58
N THR B 152 -26.23 -8.43 12.62
CA THR B 152 -26.09 -7.30 13.54
C THR B 152 -26.93 -6.08 13.15
N THR B 153 -27.08 -5.83 11.86
CA THR B 153 -27.49 -4.51 11.40
C THR B 153 -28.69 -4.53 10.46
N MET B 154 -28.85 -5.60 9.69
CA MET B 154 -29.87 -5.62 8.61
C MET B 154 -31.01 -6.62 8.78
N ASN B 155 -30.84 -7.61 9.67
CA ASN B 155 -31.86 -8.63 9.87
C ASN B 155 -32.97 -8.08 10.76
N PRO B 156 -34.22 -8.00 10.23
CA PRO B 156 -35.30 -7.45 11.08
C PRO B 156 -35.47 -8.17 12.41
N GLU B 157 -35.04 -9.43 12.47
CA GLU B 157 -35.16 -10.24 13.68
C GLU B 157 -34.22 -9.83 14.81
N HIS B 158 -33.11 -9.18 14.50
CA HIS B 158 -32.10 -8.88 15.52
C HIS B 158 -31.64 -7.43 15.47
N ARG B 159 -31.85 -6.74 14.34
CA ARG B 159 -31.35 -5.38 14.18
C ARG B 159 -32.08 -4.42 15.12
N ALA B 160 -31.45 -3.28 15.38
CA ALA B 160 -32.04 -2.22 16.18
C ALA B 160 -31.95 -0.92 15.38
N LEU B 161 -32.95 -0.67 14.54
CA LEU B 161 -33.01 0.55 13.78
C LEU B 161 -33.54 1.65 14.68
N LEU B 162 -33.04 2.87 14.47
CA LEU B 162 -33.52 4.03 15.16
C LEU B 162 -34.39 4.81 14.19
N GLN B 163 -35.66 5.00 14.55
CA GLN B 163 -36.56 5.77 13.72
C GLN B 163 -36.37 7.26 14.00
N VAL B 164 -35.99 8.01 12.97
CA VAL B 164 -35.88 9.46 13.10
C VAL B 164 -37.28 10.09 13.31
N LYS B 165 -37.47 10.74 14.46
CA LYS B 165 -38.71 11.45 14.76
C LYS B 165 -38.41 12.95 14.92
N LEU B 166 -39.32 13.79 14.41
CA LEU B 166 -39.20 15.24 14.52
C LEU B 166 -40.16 15.79 15.58
N GLU B 167 -39.61 16.33 16.68
CA GLU B 167 -40.41 16.80 17.81
C GLU B 167 -40.78 18.29 17.74
N ASP B 168 -39.76 19.15 17.70
CA ASP B 168 -39.96 20.60 17.63
C ASP B 168 -39.39 21.16 16.32
N ALA B 169 -40.27 21.72 15.49
CA ALA B 169 -39.91 22.21 14.15
C ALA B 169 -39.06 23.47 14.19
N ILE B 170 -39.42 24.40 15.07
CA ILE B 170 -38.65 25.61 15.34
C ILE B 170 -37.23 25.25 15.82
N GLU B 171 -37.16 24.35 16.80
CA GLU B 171 -35.88 23.92 17.38
C GLU B 171 -35.03 23.17 16.37
N ALA B 172 -35.66 22.42 15.47
CA ALA B 172 -34.94 21.71 14.42
C ALA B 172 -34.30 22.72 13.46
N ASP B 173 -35.07 23.72 13.04
CA ASP B 173 -34.56 24.76 12.14
C ASP B 173 -33.32 25.44 12.70
N GLN B 174 -33.39 25.80 13.98
CA GLN B 174 -32.27 26.45 14.69
C GLN B 174 -31.05 25.52 14.77
N THR B 175 -31.29 24.21 14.77
CA THR B 175 -30.21 23.23 14.84
C THR B 175 -29.48 23.08 13.48
N PHE B 176 -30.26 22.88 12.41
CA PHE B 176 -29.66 22.71 11.09
C PHE B 176 -28.94 23.96 10.60
N GLU B 177 -29.47 25.12 10.96
CA GLU B 177 -28.85 26.38 10.59
C GLU B 177 -27.54 26.60 11.34
N MET B 178 -27.57 26.38 12.65
CA MET B 178 -26.39 26.47 13.50
C MET B 178 -25.26 25.51 13.04
N LEU B 179 -25.55 24.21 13.00
CA LEU B 179 -24.51 23.21 12.71
C LEU B 179 -24.02 23.18 11.28
N MET B 180 -24.94 23.31 10.31
CA MET B 180 -24.63 23.15 8.90
C MET B 180 -24.59 24.47 8.13
N GLY B 181 -25.03 25.55 8.77
CA GLY B 181 -25.09 26.87 8.14
C GLY B 181 -23.73 27.52 7.92
N ASP B 182 -23.73 28.59 7.15
CA ASP B 182 -22.51 29.23 6.70
C ASP B 182 -21.81 30.04 7.81
N VAL B 183 -22.54 30.42 8.86
CA VAL B 183 -21.97 31.23 9.96
C VAL B 183 -21.14 30.36 10.93
N VAL B 184 -19.83 30.58 10.92
CA VAL B 184 -18.87 29.77 11.69
C VAL B 184 -18.97 30.00 13.20
N GLU B 185 -19.07 31.25 13.62
CA GLU B 185 -19.06 31.59 15.05
C GLU B 185 -20.10 30.83 15.85
N ASN B 186 -21.28 30.65 15.27
CA ASN B 186 -22.36 29.94 15.96
C ASN B 186 -22.00 28.49 16.19
N ARG B 187 -21.37 27.88 15.19
CA ARG B 187 -20.86 26.53 15.28
C ARG B 187 -19.79 26.47 16.35
N ARG B 188 -18.78 27.35 16.22
CA ARG B 188 -17.72 27.47 17.21
C ARG B 188 -18.25 27.59 18.63
N GLN B 189 -19.31 28.37 18.81
CA GLN B 189 -19.90 28.57 20.14
C GLN B 189 -20.53 27.28 20.66
N PHE B 190 -21.22 26.57 19.78
CA PHE B 190 -21.79 25.27 20.13
C PHE B 190 -20.70 24.28 20.60
N ILE B 191 -19.54 24.29 19.92
CA ILE B 191 -18.44 23.37 20.26
C ILE B 191 -17.74 23.76 21.56
N GLU B 192 -17.69 25.05 21.89
CA GLU B 192 -17.03 25.47 23.12
C GLU B 192 -17.93 25.13 24.31
N ASP B 193 -19.22 25.33 24.13
CA ASP B 193 -20.19 25.12 25.20
C ASP B 193 -20.44 23.65 25.48
N ASN B 194 -20.31 22.81 24.45
CA ASN B 194 -20.66 21.40 24.58
C ASN B 194 -19.51 20.42 24.62
N ALA B 195 -18.33 20.86 24.21
CA ALA B 195 -17.12 20.03 24.19
C ALA B 195 -16.86 19.33 25.50
N VAL B 196 -16.55 18.04 25.40
CA VAL B 196 -16.08 17.23 26.53
C VAL B 196 -14.76 16.55 26.17
N TYR B 197 -13.72 16.83 26.94
CA TYR B 197 -12.39 16.32 26.63
C TYR B 197 -11.95 15.15 27.52
N ALA B 198 -11.89 14.02 27.07
N ASN B 211 -35.62 3.36 21.19
CA ASN B 211 -35.25 3.13 19.76
C ASN B 211 -36.05 3.97 18.78
N GLU B 212 -36.43 5.14 19.26
CA GLU B 212 -36.79 6.27 18.43
C GLU B 212 -35.59 7.17 18.63
N ARG B 213 -35.47 8.20 17.78
CA ARG B 213 -34.36 9.11 17.90
C ARG B 213 -34.70 10.51 17.39
N ASN B 214 -34.73 11.47 18.31
CA ASN B 214 -34.98 12.87 17.98
C ASN B 214 -33.93 13.46 17.02
N ILE B 215 -34.37 13.94 15.86
CA ILE B 215 -33.47 14.45 14.82
C ILE B 215 -32.50 15.51 15.35
N THR B 216 -33.02 16.37 16.22
CA THR B 216 -32.26 17.45 16.87
C THR B 216 -31.14 16.86 17.74
N SER B 217 -31.44 15.80 18.47
CA SER B 217 -30.44 15.13 19.29
C SER B 217 -29.34 14.46 18.47
N GLU B 218 -29.73 13.83 17.37
CA GLU B 218 -28.83 13.04 16.55
C GLU B 218 -27.85 13.94 15.83
N MET B 219 -28.39 15.03 15.29
CA MET B 219 -27.58 16.09 14.71
C MET B 219 -26.53 16.59 15.70
N ARG B 220 -26.97 16.95 16.90
CA ARG B 220 -26.09 17.53 17.91
C ARG B 220 -24.98 16.60 18.37
N GLU B 221 -25.31 15.32 18.55
CA GLU B 221 -24.35 14.34 19.02
C GLU B 221 -23.39 13.94 17.91
N SER B 222 -23.95 13.57 16.76
CA SER B 222 -23.17 13.18 15.59
C SER B 222 -22.20 14.28 15.14
N PHE B 223 -22.67 15.52 15.01
CA PHE B 223 -21.80 16.63 14.56
C PHE B 223 -20.70 16.94 15.58
N LEU B 224 -21.08 17.09 16.85
CA LEU B 224 -20.10 17.22 17.92
C LEU B 224 -19.05 16.09 17.88
N ASP B 225 -19.51 14.87 17.63
CA ASP B 225 -18.59 13.74 17.56
C ASP B 225 -17.56 13.95 16.43
N TYR B 226 -18.04 14.46 15.28
CA TYR B 226 -17.20 14.70 14.13
C TYR B 226 -16.32 15.93 14.36
N ALA B 227 -16.94 17.02 14.80
CA ALA B 227 -16.26 18.27 15.09
C ALA B 227 -15.09 18.07 16.02
N MET B 228 -15.37 17.40 17.14
CA MET B 228 -14.39 17.17 18.20
C MET B 228 -13.21 16.40 17.69
N SER B 229 -13.51 15.35 16.93
CA SER B 229 -12.49 14.44 16.47
C SER B 229 -11.56 15.13 15.49
N VAL B 230 -12.13 15.98 14.63
CA VAL B 230 -11.34 16.72 13.68
C VAL B 230 -10.49 17.80 14.37
N ILE B 231 -11.03 18.34 15.46
CA ILE B 231 -10.33 19.37 16.25
C ILE B 231 -9.16 18.81 17.05
N VAL B 232 -9.38 17.72 17.79
CA VAL B 232 -8.33 17.16 18.64
C VAL B 232 -7.50 16.05 17.99
N ALA B 233 -7.96 15.48 16.87
CA ALA B 233 -7.17 14.38 16.27
C ALA B 233 -7.14 14.34 14.76
N ARG B 234 -6.95 15.49 14.13
CA ARG B 234 -6.76 15.55 12.68
C ARG B 234 -6.15 16.85 12.17
N ALA B 235 -6.90 17.95 12.29
CA ALA B 235 -6.57 19.19 11.61
C ALA B 235 -5.67 20.18 12.38
N LEU B 236 -5.64 20.07 13.70
CA LEU B 236 -4.84 20.99 14.55
C LEU B 236 -3.58 20.32 15.14
N PRO B 237 -2.45 21.04 15.16
CA PRO B 237 -1.20 20.52 15.72
C PRO B 237 -1.13 20.64 17.24
N ASP B 238 -0.37 19.74 17.86
CA ASP B 238 -0.10 19.81 19.29
C ASP B 238 0.97 20.89 19.52
N VAL B 239 0.78 21.71 20.55
CA VAL B 239 1.70 22.78 20.88
C VAL B 239 3.13 22.29 21.20
N ARG B 240 3.25 21.04 21.63
CA ARG B 240 4.49 20.52 22.18
C ARG B 240 5.49 20.05 21.13
N ASP B 241 5.02 19.30 20.14
CA ASP B 241 5.86 18.78 19.05
C ASP B 241 5.46 19.32 17.67
N GLY B 242 4.42 20.15 17.66
CA GLY B 242 3.93 20.77 16.44
C GLY B 242 3.34 19.82 15.42
N LEU B 243 2.92 18.61 15.83
CA LEU B 243 2.46 17.65 14.81
C LEU B 243 0.95 17.38 14.82
N LYS B 244 0.40 17.09 13.65
CA LYS B 244 -0.93 16.49 13.56
C LYS B 244 -0.76 14.96 13.69
N PRO B 245 -1.84 14.24 14.04
CA PRO B 245 -1.74 12.78 14.14
C PRO B 245 -1.10 12.12 12.92
N VAL B 246 -1.47 12.51 11.71
CA VAL B 246 -0.93 11.84 10.53
C VAL B 246 0.59 11.96 10.47
N HIS B 247 1.13 13.14 10.77
CA HIS B 247 2.57 13.35 10.67
C HIS B 247 3.24 12.58 11.80
N ARG B 248 2.68 12.68 13.01
CA ARG B 248 3.25 12.01 14.16
C ARG B 248 3.36 10.51 13.92
N ARG B 249 2.39 9.97 13.18
CA ARG B 249 2.33 8.57 12.92
C ARG B 249 3.28 8.18 11.81
N ILE B 250 3.38 9.00 10.77
CA ILE B 250 4.37 8.76 9.70
C ILE B 250 5.78 8.72 10.30
N LEU B 251 6.10 9.72 11.11
CA LEU B 251 7.40 9.76 11.75
C LEU B 251 7.66 8.60 12.70
N TYR B 252 6.67 8.25 13.52
CA TYR B 252 6.83 7.13 14.43
C TYR B 252 7.09 5.85 13.68
N GLY B 253 6.34 5.65 12.60
CA GLY B 253 6.49 4.49 11.75
C GLY B 253 7.90 4.39 11.19
N LEU B 254 8.45 5.54 10.80
CA LEU B 254 9.82 5.60 10.27
C LEU B 254 10.79 5.21 11.36
N ASN B 255 10.45 5.60 12.58
CA ASN B 255 11.32 5.29 13.71
C ASN B 255 11.30 3.80 14.00
N GLU B 256 10.09 3.24 14.07
CA GLU B 256 9.88 1.83 14.41
C GLU B 256 10.54 0.86 13.46
N GLN B 257 10.64 1.25 12.20
CA GLN B 257 11.20 0.35 11.17
C GLN B 257 12.67 0.64 10.89
N GLY B 258 13.31 1.39 11.79
CA GLY B 258 14.76 1.66 11.72
C GLY B 258 15.14 2.41 10.45
N MET B 259 14.28 3.35 10.06
CA MET B 259 14.46 4.06 8.81
C MET B 259 15.16 5.40 9.04
N THR B 260 16.39 5.31 9.58
CA THR B 260 17.22 6.44 9.95
C THR B 260 18.01 6.94 8.74
N PRO B 261 18.54 8.18 8.80
CA PRO B 261 19.32 8.74 7.67
C PRO B 261 20.55 7.94 7.22
N ASP B 262 21.20 7.22 8.14
CA ASP B 262 22.39 6.38 7.83
C ASP B 262 21.99 5.09 7.09
N LYS B 263 20.71 4.73 7.17
CA LYS B 263 20.21 3.56 6.45
C LYS B 263 19.77 4.01 5.06
N SER B 264 19.57 3.05 4.17
CA SER B 264 19.16 3.33 2.80
C SER B 264 17.70 3.79 2.80
N TYR B 265 17.26 4.30 1.65
CA TYR B 265 15.86 4.70 1.48
C TYR B 265 14.97 3.46 1.42
N LYS B 266 13.84 3.51 2.14
CA LYS B 266 12.86 2.42 2.13
C LYS B 266 11.66 2.79 1.28
N LYS B 267 10.97 1.77 0.77
CA LYS B 267 9.91 2.01 -0.21
C LYS B 267 8.66 2.64 0.42
N SER B 268 8.08 3.60 -0.28
CA SER B 268 7.00 4.38 0.29
C SER B 268 5.73 3.57 0.52
N ALA B 269 5.53 2.59 -0.35
CA ALA B 269 4.38 1.71 -0.25
C ALA B 269 4.39 0.94 1.07
N ARG B 270 5.58 0.63 1.59
CA ARG B 270 5.69 -0.10 2.86
C ARG B 270 5.54 0.89 3.99
N ILE B 271 6.14 2.06 3.84
CA ILE B 271 5.94 3.10 4.85
C ILE B 271 4.44 3.36 4.99
N VAL B 272 3.77 3.62 3.89
CA VAL B 272 2.34 3.91 3.93
C VAL B 272 1.55 2.72 4.46
N GLY B 273 1.79 1.54 3.88
CA GLY B 273 1.11 0.31 4.31
C GLY B 273 1.22 0.11 5.81
N ASP B 274 2.41 0.36 6.33
CA ASP B 274 2.72 0.14 7.74
C ASP B 274 2.00 1.14 8.63
N VAL B 275 2.06 2.41 8.24
CA VAL B 275 1.42 3.46 9.03
C VAL B 275 -0.10 3.26 9.05
N MET B 276 -0.66 2.85 7.92
CA MET B 276 -2.10 2.69 7.76
C MET B 276 -2.67 1.53 8.60
N GLY B 277 -1.94 0.41 8.60
CA GLY B 277 -2.33 -0.76 9.39
C GLY B 277 -2.14 -0.53 10.87
N LYS B 278 -0.97 -0.05 11.26
CA LYS B 278 -0.65 0.05 12.67
C LYS B 278 -1.24 1.27 13.39
N TYR B 279 -1.30 2.43 12.72
CA TYR B 279 -1.57 3.68 13.44
C TYR B 279 -2.67 4.60 12.88
N HIS B 280 -2.83 4.64 11.56
CA HIS B 280 -3.65 5.68 10.94
C HIS B 280 -4.79 5.06 10.14
N PRO B 281 -5.99 4.91 10.75
CA PRO B 281 -7.01 4.14 10.04
C PRO B 281 -7.77 4.98 9.03
N HIS B 282 -7.03 5.53 8.07
CA HIS B 282 -7.62 6.38 7.02
C HIS B 282 -6.98 6.04 5.67
N GLY B 283 -7.46 6.64 4.60
CA GLY B 283 -6.98 6.35 3.24
C GLY B 283 -5.51 6.60 2.96
N ASP B 284 -4.95 5.88 1.99
CA ASP B 284 -3.51 5.90 1.74
C ASP B 284 -3.04 7.22 1.20
N SER B 285 -3.94 7.95 0.54
CA SER B 285 -3.56 9.20 -0.11
C SER B 285 -3.32 10.28 0.93
N SER B 286 -4.14 10.29 1.98
CA SER B 286 -3.91 11.25 3.06
C SER B 286 -2.54 11.05 3.68
N ILE B 287 -2.15 9.78 3.83
CA ILE B 287 -0.86 9.43 4.46
C ILE B 287 0.27 9.76 3.51
N TYR B 288 0.22 9.24 2.29
CA TYR B 288 1.30 9.45 1.34
C TYR B 288 1.54 10.94 1.08
N GLU B 289 0.46 11.70 0.90
CA GLU B 289 0.60 13.11 0.59
C GLU B 289 1.08 13.96 1.77
N ALA B 290 0.74 13.55 2.99
CA ALA B 290 1.27 14.21 4.19
C ALA B 290 2.78 13.97 4.30
N MET B 291 3.20 12.72 4.04
CA MET B 291 4.62 12.39 3.98
C MET B 291 5.37 13.17 2.90
N VAL B 292 4.74 13.29 1.72
CA VAL B 292 5.37 13.97 0.61
C VAL B 292 5.67 15.44 0.99
N ARG B 293 4.66 16.13 1.53
CA ARG B 293 4.83 17.51 2.01
C ARG B 293 6.06 17.69 2.88
N MET B 294 6.26 16.75 3.82
CA MET B 294 7.37 16.82 4.78
C MET B 294 8.75 16.69 4.11
N ALA B 295 8.78 16.24 2.86
CA ALA B 295 10.04 16.06 2.14
C ALA B 295 10.38 17.24 1.22
N GLN B 296 9.44 18.19 1.10
CA GLN B 296 9.52 19.28 0.14
C GLN B 296 10.21 20.50 0.74
N ASP B 297 11.35 20.90 0.15
CA ASP B 297 12.12 22.00 0.73
C ASP B 297 11.47 23.37 0.54
N PHE B 298 10.41 23.42 -0.26
CA PHE B 298 9.62 24.64 -0.42
C PHE B 298 8.37 24.67 0.45
N SER B 299 8.07 23.57 1.15
CA SER B 299 6.90 23.55 2.05
C SER B 299 7.36 23.53 3.49
N TYR B 300 8.40 22.75 3.77
CA TYR B 300 8.94 22.63 5.12
C TYR B 300 10.27 23.41 5.33
N ARG B 301 10.24 24.41 6.21
CA ARG B 301 11.42 25.19 6.56
C ARG B 301 12.58 24.31 7.03
N TYR B 302 12.26 23.16 7.61
CA TYR B 302 13.24 22.16 8.04
C TYR B 302 12.67 20.78 7.70
N PRO B 303 12.86 20.33 6.46
CA PRO B 303 12.21 19.10 5.99
C PRO B 303 12.34 17.96 6.98
N LEU B 304 11.26 17.19 7.14
CA LEU B 304 11.24 16.10 8.10
C LEU B 304 11.45 14.72 7.48
N VAL B 305 11.19 14.64 6.18
CA VAL B 305 11.37 13.42 5.44
C VAL B 305 12.38 13.67 4.30
N ASP B 306 13.23 12.70 4.07
CA ASP B 306 14.24 12.79 3.01
C ASP B 306 13.77 11.84 1.91
N GLY B 307 13.25 12.42 0.84
CA GLY B 307 12.67 11.60 -0.21
C GLY B 307 13.57 11.33 -1.38
N GLN B 308 13.42 10.16 -2.00
CA GLN B 308 14.04 9.83 -3.30
C GLN B 308 12.99 9.70 -4.39
N GLY B 309 13.20 10.39 -5.50
CA GLY B 309 12.29 10.35 -6.64
C GLY B 309 11.48 11.62 -6.81
N ASN B 310 10.39 11.53 -7.56
CA ASN B 310 9.57 12.68 -7.84
C ASN B 310 8.67 13.00 -6.65
N PHE B 311 8.99 14.07 -5.95
CA PHE B 311 8.27 14.48 -4.76
C PHE B 311 7.49 15.79 -4.89
N GLY B 312 7.24 16.20 -6.13
CA GLY B 312 6.44 17.40 -6.37
C GLY B 312 7.28 18.62 -6.73
N SER B 313 6.61 19.68 -7.16
CA SER B 313 7.25 20.93 -7.50
C SER B 313 6.47 22.13 -6.94
N MET B 314 7.13 23.28 -6.93
CA MET B 314 6.50 24.57 -6.66
C MET B 314 5.41 24.91 -7.67
N ASP B 315 5.40 24.20 -8.80
CA ASP B 315 4.40 24.46 -9.83
C ASP B 315 3.14 23.64 -9.59
N GLY B 316 3.05 23.04 -8.41
CA GLY B 316 1.88 22.29 -8.03
C GLY B 316 1.82 20.87 -8.54
N ASP B 317 2.77 20.45 -9.41
CA ASP B 317 2.82 19.05 -9.82
C ASP B 317 2.84 18.18 -8.57
N GLY B 318 2.11 17.07 -8.58
CA GLY B 318 2.08 16.17 -7.44
C GLY B 318 3.31 15.28 -7.48
N ALA B 319 3.45 14.40 -6.49
CA ALA B 319 4.53 13.44 -6.45
C ALA B 319 4.23 12.24 -7.35
N ALA B 320 5.24 11.45 -7.64
CA ALA B 320 5.05 10.16 -8.30
C ALA B 320 4.22 9.24 -7.39
N ALA B 321 3.53 8.26 -7.98
CA ALA B 321 2.74 7.32 -7.20
C ALA B 321 3.63 6.61 -6.18
N MET B 322 3.07 6.16 -5.05
CA MET B 322 3.89 5.60 -3.98
C MET B 322 4.72 4.36 -4.37
N ARG B 323 4.31 3.64 -5.40
CA ARG B 323 5.07 2.46 -5.84
C ARG B 323 6.48 2.82 -6.37
N PHE B 324 6.70 4.08 -6.74
CA PHE B 324 7.95 4.58 -7.33
C PHE B 324 8.93 5.21 -6.36
N THR B 325 8.39 5.84 -5.32
CA THR B 325 9.20 6.72 -4.50
C THR B 325 9.71 6.02 -3.25
N GLU B 326 10.76 6.58 -2.66
CA GLU B 326 11.35 6.07 -1.43
C GLU B 326 11.63 7.21 -0.46
N ALA B 327 11.75 6.89 0.82
CA ALA B 327 12.00 7.89 1.83
C ALA B 327 12.68 7.33 3.07
N ARG B 328 13.12 8.25 3.92
CA ARG B 328 13.71 7.97 5.22
C ARG B 328 13.67 9.28 6.02
N MET B 329 14.11 9.23 7.27
CA MET B 329 14.19 10.45 8.06
C MET B 329 15.31 11.37 7.55
N THR B 330 15.14 12.67 7.79
CA THR B 330 16.22 13.64 7.67
C THR B 330 17.02 13.56 8.98
N LYS B 331 18.23 14.13 9.03
CA LYS B 331 19.00 14.13 10.28
C LYS B 331 18.24 14.87 11.40
N ILE B 332 17.45 15.89 11.06
CA ILE B 332 16.79 16.69 12.06
C ILE B 332 15.60 15.96 12.70
N THR B 333 14.97 15.06 11.95
CA THR B 333 13.86 14.29 12.46
C THR B 333 14.34 13.42 13.63
N LEU B 334 15.58 12.92 13.57
CA LEU B 334 16.15 12.21 14.71
C LEU B 334 16.00 13.01 16.01
N GLU B 335 15.98 14.34 15.91
CA GLU B 335 15.86 15.19 17.10
C GLU B 335 14.41 15.30 17.57
N LEU B 336 13.48 15.07 16.66
CA LEU B 336 12.11 14.94 17.10
C LEU B 336 11.93 13.67 17.92
N LEU B 337 12.58 12.60 17.50
CA LEU B 337 12.42 11.27 18.13
C LEU B 337 13.41 10.94 19.26
N ARG B 338 14.45 11.73 19.42
CA ARG B 338 15.53 11.39 20.35
C ARG B 338 14.95 11.03 21.72
N ASP B 339 15.24 9.81 22.18
CA ASP B 339 14.90 9.33 23.52
C ASP B 339 13.43 8.95 23.72
N ILE B 340 12.74 8.60 22.63
CA ILE B 340 11.33 8.18 22.70
C ILE B 340 11.16 6.82 23.39
N ASN B 341 12.21 6.00 23.39
CA ASN B 341 12.12 4.68 24.00
C ASN B 341 12.78 4.65 25.36
N LYS B 342 12.98 5.84 25.93
CA LYS B 342 13.48 5.99 27.28
C LYS B 342 12.41 6.62 28.19
N ASP B 343 11.18 6.09 28.11
CA ASP B 343 10.04 6.52 28.93
C ASP B 343 9.93 8.04 29.09
N THR B 344 10.11 8.77 28.00
CA THR B 344 10.08 10.23 28.07
C THR B 344 8.67 10.75 27.84
N ILE B 345 7.93 10.08 26.97
CA ILE B 345 6.59 10.52 26.63
C ILE B 345 5.57 9.40 26.82
N ASP B 346 4.29 9.73 27.00
CA ASP B 346 3.27 8.71 27.29
C ASP B 346 2.82 8.03 26.00
N PHE B 347 2.80 6.70 26.01
CA PHE B 347 2.27 5.91 24.89
C PHE B 347 0.80 5.66 25.11
N ILE B 348 0.04 5.51 24.02
CA ILE B 348 -1.37 5.19 24.14
C ILE B 348 -1.72 4.01 23.21
N ASP B 349 -2.82 3.32 23.52
CA ASP B 349 -3.37 2.31 22.63
C ASP B 349 -3.70 2.94 21.29
N ASN B 350 -3.46 2.21 20.22
CA ASN B 350 -3.84 2.66 18.89
C ASN B 350 -5.34 2.51 18.70
N TYR B 351 -5.81 2.74 17.47
CA TYR B 351 -7.23 2.75 17.15
C TYR B 351 -7.95 1.43 17.45
N ASP B 352 -7.22 0.32 17.50
CA ASP B 352 -7.88 -0.99 17.68
C ASP B 352 -7.36 -1.85 18.83
N GLY B 353 -6.49 -1.28 19.67
CA GLY B 353 -5.95 -1.99 20.82
C GLY B 353 -4.90 -3.05 20.49
N ASN B 354 -4.51 -3.15 19.23
CA ASN B 354 -3.41 -4.04 18.84
C ASN B 354 -2.04 -3.36 18.76
N GLU B 355 -1.98 -2.04 18.83
CA GLU B 355 -0.66 -1.38 18.81
C GLU B 355 -0.54 -0.29 19.85
N ARG B 356 0.68 0.21 20.01
CA ARG B 356 0.96 1.34 20.88
C ARG B 356 1.59 2.42 20.03
N GLU B 357 1.12 3.66 20.24
CA GLU B 357 1.62 4.82 19.54
C GLU B 357 1.90 5.97 20.53
N PRO B 358 2.83 6.88 20.18
CA PRO B 358 3.13 8.00 21.04
C PRO B 358 2.00 8.99 21.07
N SER B 359 1.75 9.56 22.25
CA SER B 359 0.75 10.63 22.34
C SER B 359 1.37 11.89 21.80
N VAL B 360 2.69 12.02 21.95
CA VAL B 360 3.45 13.22 21.61
C VAL B 360 4.92 12.81 21.39
N LEU B 361 5.65 13.48 20.50
CA LEU B 361 7.10 13.21 20.32
C LEU B 361 7.98 14.01 21.30
N PRO B 362 9.18 13.50 21.64
CA PRO B 362 10.11 14.25 22.51
C PRO B 362 10.39 15.67 22.00
N ALA B 363 10.57 15.84 20.70
CA ALA B 363 10.64 17.16 20.07
C ALA B 363 11.74 18.05 20.63
N ARG B 364 12.97 17.61 20.45
CA ARG B 364 14.12 18.29 21.02
C ARG B 364 14.46 19.60 20.32
N PHE B 365 13.59 20.04 19.42
CA PHE B 365 13.59 21.42 18.94
C PHE B 365 12.16 21.94 18.74
N PRO B 366 11.97 23.27 18.84
CA PRO B 366 10.61 23.84 18.84
C PRO B 366 9.93 23.76 17.47
N ASN B 367 9.50 22.55 17.11
CA ASN B 367 9.02 22.28 15.76
C ASN B 367 7.77 23.06 15.32
N LEU B 368 6.84 23.29 16.25
CA LEU B 368 5.62 24.01 15.89
C LEU B 368 5.92 25.31 15.18
N LEU B 369 6.78 26.14 15.79
CA LEU B 369 7.09 27.45 15.22
C LEU B 369 8.09 27.31 14.09
N ALA B 370 8.94 26.29 14.16
CA ALA B 370 9.99 26.12 13.18
C ALA B 370 9.41 25.83 11.80
N ASN B 371 8.40 24.98 11.76
CA ASN B 371 7.80 24.55 10.52
C ASN B 371 6.43 25.10 10.30
N GLY B 372 5.80 25.58 11.36
CA GLY B 372 4.43 26.07 11.28
C GLY B 372 3.41 24.99 10.98
N ALA B 373 2.20 25.41 10.67
CA ALA B 373 1.08 24.48 10.51
C ALA B 373 -0.04 25.25 9.83
N SER B 374 -0.82 24.54 9.03
CA SER B 374 -2.10 25.06 8.58
C SER B 374 -3.11 23.93 8.59
N GLY B 375 -4.27 24.16 9.21
CA GLY B 375 -5.29 23.14 9.26
C GLY B 375 -6.65 23.79 9.17
N ILE B 376 -7.54 23.22 8.35
CA ILE B 376 -8.95 23.61 8.36
C ILE B 376 -9.69 22.58 9.21
N ALA B 377 -10.25 22.99 10.34
CA ALA B 377 -10.94 22.07 11.26
C ALA B 377 -12.43 22.33 11.19
N VAL B 378 -13.13 22.24 12.33
CA VAL B 378 -14.55 22.57 12.36
C VAL B 378 -14.78 23.68 13.38
N GLY B 379 -15.51 24.71 12.96
CA GLY B 379 -15.75 25.89 13.77
C GLY B 379 -14.50 26.69 14.04
N MET B 380 -13.39 26.30 13.40
CA MET B 380 -12.07 26.95 13.57
C MET B 380 -11.00 26.41 12.62
N ALA B 381 -9.95 27.20 12.43
CA ALA B 381 -8.84 26.79 11.59
C ALA B 381 -7.56 27.24 12.24
N THR B 382 -6.42 26.84 11.67
CA THR B 382 -5.12 27.30 12.18
C THR B 382 -4.16 27.68 11.06
N ASN B 383 -3.34 28.67 11.32
CA ASN B 383 -2.36 29.11 10.34
C ASN B 383 -1.16 29.73 11.04
N ILE B 384 -0.13 28.92 11.25
CA ILE B 384 1.12 29.34 11.90
C ILE B 384 2.28 29.37 10.86
N PRO B 385 3.00 30.50 10.76
CA PRO B 385 4.13 30.53 9.83
C PRO B 385 5.41 29.89 10.38
N PRO B 386 6.30 29.42 9.48
CA PRO B 386 7.60 28.88 9.88
C PRO B 386 8.57 29.95 10.39
N HIS B 387 9.59 29.51 11.12
CA HIS B 387 10.52 30.41 11.75
C HIS B 387 11.94 29.93 11.63
N ASN B 388 12.87 30.83 11.89
CA ASN B 388 14.27 30.47 11.88
C ASN B 388 14.64 29.75 13.18
N LEU B 389 15.31 28.60 13.03
CA LEU B 389 15.63 27.74 14.15
C LEU B 389 16.63 28.35 15.13
N THR B 390 17.66 29.01 14.60
CA THR B 390 18.63 29.73 15.42
C THR B 390 17.91 30.74 16.31
N GLU B 391 17.00 31.50 15.73
CA GLU B 391 16.31 32.54 16.47
C GLU B 391 15.33 31.97 17.50
N LEU B 392 14.64 30.88 17.15
CA LEU B 392 13.67 30.28 18.07
C LEU B 392 14.34 29.78 19.32
N ILE B 393 15.43 29.01 19.15
CA ILE B 393 16.13 28.42 20.30
C ILE B 393 16.66 29.55 21.19
N ASN B 394 17.29 30.55 20.58
CA ASN B 394 17.70 31.75 21.32
C ASN B 394 16.56 32.34 22.13
N GLY B 395 15.37 32.37 21.53
CA GLY B 395 14.15 32.76 22.22
C GLY B 395 13.89 31.88 23.43
N VAL B 396 13.91 30.56 23.23
CA VAL B 396 13.73 29.57 24.31
C VAL B 396 14.74 29.77 25.45
N LEU B 397 16.02 29.97 25.10
CA LEU B 397 17.07 30.24 26.08
C LEU B 397 16.81 31.48 26.92
N SER B 398 16.31 32.55 26.31
CA SER B 398 16.01 33.78 27.03
C SER B 398 14.84 33.57 28.00
N LEU B 399 13.79 32.91 27.53
CA LEU B 399 12.62 32.64 28.35
C LEU B 399 13.05 31.80 29.55
N SER B 400 14.01 30.92 29.32
CA SER B 400 14.44 30.00 30.36
C SER B 400 15.16 30.78 31.46
N LYS B 401 15.81 31.88 31.09
CA LYS B 401 16.52 32.71 32.05
C LYS B 401 15.65 33.80 32.67
N ASN B 402 14.45 34.03 32.12
CA ASN B 402 13.54 35.04 32.66
C ASN B 402 12.10 34.68 32.34
N PRO B 403 11.39 34.06 33.30
CA PRO B 403 9.99 33.62 33.07
C PRO B 403 9.03 34.78 32.80
N ASP B 404 9.46 36.00 33.11
CA ASP B 404 8.63 37.19 32.99
C ASP B 404 8.96 38.05 31.78
N ILE B 405 9.66 37.47 30.80
CA ILE B 405 10.11 38.19 29.60
C ILE B 405 8.91 38.64 28.76
N SER B 406 8.93 39.88 28.30
CA SER B 406 7.82 40.37 27.48
C SER B 406 7.92 39.85 26.04
N ILE B 407 6.83 39.99 25.28
CA ILE B 407 6.83 39.66 23.85
C ILE B 407 7.87 40.53 23.13
N ALA B 408 7.82 41.83 23.41
CA ALA B 408 8.78 42.79 22.84
C ALA B 408 10.21 42.28 23.00
N GLU B 409 10.47 41.73 24.17
CA GLU B 409 11.80 41.28 24.52
C GLU B 409 12.16 39.99 23.80
N LEU B 410 11.18 39.11 23.63
CA LEU B 410 11.38 37.88 22.89
C LEU B 410 11.71 38.19 21.44
N MET B 411 11.07 39.25 20.91
CA MET B 411 11.21 39.66 19.52
C MET B 411 12.60 40.26 19.18
N GLU B 412 13.43 40.44 20.19
CA GLU B 412 14.83 40.80 19.95
C GLU B 412 15.55 39.58 19.42
N ASP B 413 15.08 38.39 19.80
CA ASP B 413 15.61 37.10 19.31
C ASP B 413 14.90 36.63 18.04
N ILE B 414 13.57 36.58 18.08
CA ILE B 414 12.78 36.05 16.98
C ILE B 414 12.21 37.24 16.21
N GLU B 415 12.84 37.59 15.08
CA GLU B 415 12.52 38.80 14.35
C GLU B 415 11.13 38.75 13.72
N GLY B 416 10.72 37.53 13.35
CA GLY B 416 9.48 37.30 12.61
C GLY B 416 9.61 35.97 11.89
N PRO B 417 8.60 35.61 11.08
CA PRO B 417 8.63 34.34 10.34
C PRO B 417 9.84 34.24 9.46
N ASP B 418 10.25 33.01 9.15
CA ASP B 418 11.31 32.78 8.17
C ASP B 418 10.83 31.65 7.25
N PHE B 419 10.49 32.02 6.02
CA PHE B 419 9.85 31.12 5.06
C PHE B 419 10.87 30.29 4.27
N PRO B 420 10.57 29.00 4.05
CA PRO B 420 11.51 28.18 3.28
C PRO B 420 11.82 28.78 1.92
N THR B 421 10.85 29.52 1.38
CA THR B 421 10.90 30.15 0.06
C THR B 421 11.48 31.56 0.09
N ALA B 422 12.07 31.95 1.22
CA ALA B 422 12.74 33.26 1.36
C ALA B 422 11.78 34.43 1.13
N GLY B 423 12.12 35.34 0.23
CA GLY B 423 11.28 36.50 -0.07
C GLY B 423 11.46 37.64 0.92
N LEU B 424 10.51 38.58 0.90
CA LEU B 424 10.51 39.77 1.77
C LEU B 424 9.24 39.87 2.60
N ILE B 425 9.36 40.44 3.78
CA ILE B 425 8.19 40.79 4.60
C ILE B 425 8.17 42.29 4.79
N LEU B 426 7.00 42.89 4.56
CA LEU B 426 6.88 44.35 4.68
C LEU B 426 6.53 44.80 6.10
N GLY B 427 7.52 45.34 6.81
CA GLY B 427 7.24 46.00 8.08
C GLY B 427 7.11 45.05 9.24
N LYS B 428 6.97 45.61 10.43
CA LYS B 428 6.97 44.78 11.62
C LYS B 428 5.64 44.74 12.35
N SER B 429 4.66 45.52 11.90
CA SER B 429 3.44 45.72 12.69
C SER B 429 2.50 44.49 12.70
N GLY B 430 2.46 43.79 11.57
CA GLY B 430 1.68 42.58 11.42
C GLY B 430 2.30 41.50 12.27
N ILE B 431 3.63 41.40 12.23
CA ILE B 431 4.35 40.39 13.02
C ILE B 431 4.01 40.62 14.50
N ARG B 432 4.17 41.86 14.94
CA ARG B 432 4.00 42.25 16.33
C ARG B 432 2.62 41.85 16.84
N ARG B 433 1.59 42.24 16.09
CA ARG B 433 0.22 41.96 16.42
C ARG B 433 0.01 40.45 16.56
N ALA B 434 0.57 39.73 15.60
CA ALA B 434 0.47 38.28 15.56
C ALA B 434 1.18 37.60 16.74
N TYR B 435 2.32 38.15 17.16
CA TYR B 435 3.08 37.58 18.28
C TYR B 435 2.45 37.91 19.61
N GLU B 436 1.66 38.96 19.64
CA GLU B 436 1.10 39.42 20.91
C GLU B 436 -0.31 38.91 21.18
N THR B 437 -1.09 38.76 20.10
CA THR B 437 -2.49 38.39 20.18
C THR B 437 -2.75 36.98 19.63
N GLY B 438 -1.82 36.48 18.80
CA GLY B 438 -2.01 35.22 18.08
C GLY B 438 -2.63 35.37 16.69
N ARG B 439 -3.01 36.59 16.34
CA ARG B 439 -3.62 36.89 15.06
C ARG B 439 -2.99 38.12 14.45
N GLY B 440 -2.84 38.14 13.14
CA GLY B 440 -2.22 39.27 12.48
C GLY B 440 -1.92 39.03 11.02
N SER B 441 -1.79 40.10 10.27
CA SER B 441 -1.67 39.98 8.84
C SER B 441 -0.28 40.42 8.40
N ILE B 442 0.48 39.45 7.87
CA ILE B 442 1.87 39.64 7.45
C ILE B 442 1.96 39.74 5.93
N GLN B 443 2.26 40.93 5.39
CA GLN B 443 2.42 41.10 3.93
C GLN B 443 3.75 40.49 3.44
N MET B 444 3.67 39.58 2.47
CA MET B 444 4.86 38.95 1.88
C MET B 444 5.06 39.46 0.45
N ARG B 445 6.31 39.71 0.09
CA ARG B 445 6.65 40.06 -1.27
C ARG B 445 7.68 39.15 -1.88
N SER B 446 7.57 38.97 -3.18
CA SER B 446 8.61 38.32 -3.95
C SER B 446 9.88 39.16 -3.92
N ARG B 447 11.01 38.53 -4.17
CA ARG B 447 12.22 39.26 -4.38
C ARG B 447 12.31 39.53 -5.88
N ALA B 448 12.21 40.80 -6.26
CA ALA B 448 12.27 41.20 -7.66
C ALA B 448 13.28 42.33 -7.87
N VAL B 449 13.98 42.28 -9.01
CA VAL B 449 14.83 43.40 -9.42
C VAL B 449 14.51 43.85 -10.85
N ILE B 450 14.89 45.09 -11.18
CA ILE B 450 14.78 45.61 -12.53
C ILE B 450 16.20 45.69 -13.11
N GLU B 451 16.41 45.14 -14.29
CA GLU B 451 17.72 45.19 -14.96
C GLU B 451 17.58 45.51 -16.44
N GLU B 452 18.69 45.93 -17.05
CA GLU B 452 18.71 46.21 -18.48
C GLU B 452 18.85 44.92 -19.29
N ARG B 453 18.36 44.93 -20.52
CA ARG B 453 18.50 43.74 -21.35
C ARG B 453 19.00 44.05 -22.75
N GLY B 454 19.39 45.30 -22.97
CA GLY B 454 19.97 45.70 -24.25
C GLY B 454 19.05 46.59 -25.04
N GLY B 455 19.66 47.61 -25.66
CA GLY B 455 18.94 48.55 -26.51
C GLY B 455 18.04 49.53 -25.78
N GLY B 456 18.33 49.79 -24.51
CA GLY B 456 17.51 50.70 -23.73
C GLY B 456 16.28 50.04 -23.16
N ARG B 457 16.13 48.72 -23.38
CA ARG B 457 15.02 47.98 -22.81
C ARG B 457 15.35 47.36 -21.45
N GLN B 458 14.32 47.10 -20.66
CA GLN B 458 14.49 46.54 -19.32
C GLN B 458 13.65 45.30 -19.12
N ARG B 459 13.86 44.62 -18.00
CA ARG B 459 13.05 43.50 -17.60
C ARG B 459 12.99 43.43 -16.07
N ILE B 460 11.95 42.78 -15.55
CA ILE B 460 11.84 42.46 -14.15
C ILE B 460 12.25 41.01 -13.99
N VAL B 461 13.07 40.74 -12.97
CA VAL B 461 13.52 39.40 -12.68
C VAL B 461 13.14 39.08 -11.25
N VAL B 462 12.38 38.00 -11.09
CA VAL B 462 11.92 37.49 -9.80
C VAL B 462 12.65 36.20 -9.50
N THR B 463 13.25 36.10 -8.32
CA THR B 463 14.05 34.93 -7.98
C THR B 463 13.55 34.25 -6.73
N GLU B 464 12.54 34.83 -6.09
CA GLU B 464 11.96 34.26 -4.87
C GLU B 464 10.52 34.69 -4.85
N ILE B 465 9.62 33.76 -4.50
CA ILE B 465 8.18 34.06 -4.47
C ILE B 465 7.65 33.88 -3.04
N PRO B 466 6.44 34.41 -2.75
CA PRO B 466 5.89 34.21 -1.40
C PRO B 466 5.64 32.75 -1.04
N PHE B 467 5.59 32.45 0.24
CA PHE B 467 5.28 31.11 0.79
C PHE B 467 3.91 30.57 0.36
N GLN B 468 3.86 29.34 -0.14
CA GLN B 468 2.61 28.66 -0.49
C GLN B 468 1.94 29.23 -1.75
N VAL B 469 2.68 30.07 -2.49
CA VAL B 469 2.22 30.52 -3.79
C VAL B 469 2.64 29.52 -4.86
N ASN B 470 1.69 29.06 -5.67
CA ASN B 470 2.03 28.25 -6.82
C ASN B 470 2.63 29.13 -7.91
N LYS B 471 3.91 28.95 -8.19
CA LYS B 471 4.62 29.74 -9.20
C LYS B 471 3.96 29.71 -10.59
N ALA B 472 3.65 28.53 -11.10
CA ALA B 472 2.97 28.44 -12.40
C ALA B 472 1.59 29.10 -12.43
N ARG B 473 0.89 29.08 -11.31
CA ARG B 473 -0.42 29.79 -11.25
C ARG B 473 -0.21 31.28 -11.18
N MET B 474 0.82 31.70 -10.44
CA MET B 474 1.18 33.09 -10.42
C MET B 474 1.52 33.62 -11.82
N ILE B 475 2.27 32.86 -12.62
CA ILE B 475 2.62 33.29 -13.97
C ILE B 475 1.38 33.43 -14.87
N GLU B 476 0.48 32.45 -14.77
CA GLU B 476 -0.78 32.48 -15.51
C GLU B 476 -1.65 33.68 -15.12
N LYS B 477 -1.68 33.99 -13.82
CA LYS B 477 -2.36 35.20 -13.36
C LYS B 477 -1.85 36.46 -14.05
N ILE B 478 -0.52 36.63 -14.14
CA ILE B 478 0.10 37.76 -14.83
C ILE B 478 -0.30 37.76 -16.30
N ALA B 479 -0.15 36.62 -16.97
CA ALA B 479 -0.50 36.48 -18.39
C ALA B 479 -1.95 36.88 -18.67
N GLU B 480 -2.85 36.46 -17.79
CA GLU B 480 -4.25 36.77 -17.91
C GLU B 480 -4.46 38.28 -17.88
N LEU B 481 -3.80 38.98 -16.96
CA LEU B 481 -3.87 40.45 -16.90
C LEU B 481 -3.35 41.10 -18.18
N VAL B 482 -2.16 40.67 -18.63
CA VAL B 482 -1.59 41.12 -19.90
C VAL B 482 -2.64 41.03 -21.00
N ARG B 483 -3.27 39.86 -21.09
CA ARG B 483 -4.20 39.53 -22.15
C ARG B 483 -5.45 40.40 -22.09
N ASP B 484 -6.05 40.51 -20.91
CA ASP B 484 -7.26 41.30 -20.71
C ASP B 484 -7.02 42.81 -20.76
N LYS B 485 -5.75 43.20 -20.92
CA LYS B 485 -5.35 44.61 -20.92
C LYS B 485 -5.70 45.28 -19.59
N LYS B 486 -5.62 44.51 -18.51
CA LYS B 486 -5.86 45.01 -17.17
C LYS B 486 -4.54 45.50 -16.58
N ILE B 487 -3.44 45.31 -17.32
CA ILE B 487 -2.13 45.85 -16.95
C ILE B 487 -1.30 46.18 -18.19
N ASP B 488 -0.62 47.31 -18.14
CA ASP B 488 0.13 47.81 -19.28
C ASP B 488 1.64 47.67 -19.10
N GLY B 489 2.36 47.55 -20.21
CA GLY B 489 3.81 47.64 -20.22
C GLY B 489 4.57 46.36 -20.45
N ILE B 490 3.91 45.20 -20.32
CA ILE B 490 4.58 43.91 -20.43
C ILE B 490 4.58 43.36 -21.87
N THR B 491 5.76 43.03 -22.39
CA THR B 491 5.90 42.47 -23.74
C THR B 491 6.22 40.96 -23.76
N ASP B 492 6.68 40.42 -22.63
CA ASP B 492 7.00 38.99 -22.57
C ASP B 492 7.03 38.48 -21.13
N LEU B 493 6.78 37.18 -20.99
CA LEU B 493 6.65 36.54 -19.70
C LEU B 493 7.20 35.13 -19.83
N ARG B 494 8.34 34.87 -19.20
CA ARG B 494 9.00 33.55 -19.25
C ARG B 494 9.37 33.03 -17.85
N ASP B 495 9.15 31.74 -17.63
CA ASP B 495 9.64 31.06 -16.43
C ASP B 495 10.95 30.36 -16.74
N GLU B 496 12.07 31.06 -16.54
CA GLU B 496 13.37 30.49 -16.83
C GLU B 496 13.91 29.60 -15.69
N THR B 497 13.07 29.30 -14.69
CA THR B 497 13.47 28.44 -13.58
C THR B 497 14.15 27.16 -14.02
N SER B 498 15.16 26.77 -13.26
CA SER B 498 15.98 25.63 -13.61
C SER B 498 16.48 24.97 -12.34
N LEU B 499 16.68 23.67 -12.40
CA LEU B 499 17.32 22.96 -11.31
C LEU B 499 18.71 23.54 -11.04
N ARG B 500 19.43 23.87 -12.11
CA ARG B 500 20.80 24.37 -12.02
C ARG B 500 20.95 25.87 -11.69
N THR B 501 19.91 26.65 -11.95
CA THR B 501 20.01 28.10 -11.77
C THR B 501 18.96 28.69 -10.80
N GLY B 502 18.10 27.84 -10.24
CA GLY B 502 17.09 28.27 -9.27
C GLY B 502 15.90 28.95 -9.90
N VAL B 503 15.04 29.52 -9.05
CA VAL B 503 13.83 30.18 -9.50
C VAL B 503 14.18 31.47 -10.24
N ARG B 504 13.57 31.67 -11.42
CA ARG B 504 13.84 32.84 -12.25
C ARG B 504 12.66 33.12 -13.18
N VAL B 505 11.87 34.12 -12.82
CA VAL B 505 10.71 34.49 -13.59
C VAL B 505 11.01 35.85 -14.19
N VAL B 506 10.95 35.97 -15.51
CA VAL B 506 11.36 37.20 -16.21
C VAL B 506 10.15 37.89 -16.85
N ILE B 507 10.00 39.18 -16.54
CA ILE B 507 8.94 39.98 -17.10
C ILE B 507 9.58 41.11 -17.92
N ASP B 508 9.54 40.99 -19.24
CA ASP B 508 10.06 42.02 -20.12
C ASP B 508 9.17 43.26 -20.14
N VAL B 509 9.80 44.43 -20.06
CA VAL B 509 9.10 45.71 -20.01
C VAL B 509 9.21 46.43 -21.36
N ARG B 510 8.08 46.98 -21.82
CA ARG B 510 8.04 47.73 -23.10
C ARG B 510 9.00 48.91 -23.03
N LYS B 511 9.74 49.10 -24.11
CA LYS B 511 10.70 50.19 -24.19
C LYS B 511 10.10 51.50 -23.68
N ASP B 512 10.85 52.15 -22.78
CA ASP B 512 10.51 53.47 -22.22
C ASP B 512 9.29 53.49 -21.29
N ALA B 513 8.85 52.32 -20.82
CA ALA B 513 7.80 52.26 -19.81
C ALA B 513 8.47 52.17 -18.46
N ASN B 514 7.95 52.88 -17.47
CA ASN B 514 8.49 52.80 -16.12
C ASN B 514 8.24 51.42 -15.53
N ALA B 515 9.31 50.64 -15.43
CA ALA B 515 9.25 49.25 -14.96
C ALA B 515 8.95 49.20 -13.48
N SER B 516 9.28 50.29 -12.78
CA SER B 516 9.01 50.37 -11.37
C SER B 516 7.54 50.59 -11.10
N VAL B 517 6.89 51.28 -12.02
CA VAL B 517 5.44 51.44 -11.97
C VAL B 517 4.77 50.09 -12.28
N ILE B 518 5.32 49.36 -13.26
CA ILE B 518 4.83 48.04 -13.64
C ILE B 518 5.02 47.04 -12.51
N LEU B 519 6.19 47.06 -11.87
CA LEU B 519 6.44 46.17 -10.74
C LEU B 519 5.40 46.43 -9.63
N ASN B 520 5.24 47.69 -9.25
CA ASN B 520 4.22 48.08 -8.27
C ASN B 520 2.81 47.58 -8.58
N ASN B 521 2.42 47.62 -9.86
CA ASN B 521 1.09 47.16 -10.25
C ASN B 521 0.94 45.66 -10.05
N LEU B 522 2.01 44.91 -10.34
CA LEU B 522 2.02 43.47 -10.18
C LEU B 522 1.83 43.06 -8.73
N TYR B 523 2.43 43.82 -7.81
CA TYR B 523 2.24 43.56 -6.37
C TYR B 523 0.81 43.84 -5.92
N LYS B 524 0.15 44.77 -6.61
CA LYS B 524 -1.23 45.13 -6.29
C LYS B 524 -2.22 44.13 -6.83
N GLN B 525 -1.89 43.50 -7.95
CA GLN B 525 -2.89 42.77 -8.71
C GLN B 525 -2.66 41.27 -8.87
N THR B 526 -1.57 40.76 -8.30
CA THR B 526 -1.17 39.35 -8.46
C THR B 526 -0.59 38.78 -7.16
N PRO B 527 -0.50 37.44 -7.05
CA PRO B 527 0.11 36.82 -5.87
C PRO B 527 1.58 37.20 -5.65
N LEU B 528 2.18 37.93 -6.61
CA LEU B 528 3.52 38.46 -6.45
C LEU B 528 3.70 39.15 -5.12
N GLN B 529 2.61 39.73 -4.61
CA GLN B 529 2.47 40.06 -3.19
C GLN B 529 1.27 39.31 -2.63
N THR B 530 1.46 38.68 -1.48
CA THR B 530 0.47 37.82 -0.88
C THR B 530 0.55 38.06 0.62
N SER B 531 -0.58 37.97 1.30
CA SER B 531 -0.52 38.09 2.74
C SER B 531 -0.69 36.77 3.48
N PHE B 532 0.02 36.68 4.59
CA PHE B 532 -0.10 35.54 5.45
C PHE B 532 -0.87 35.99 6.70
N GLY B 533 -2.08 35.45 6.84
CA GLY B 533 -2.95 35.76 7.98
C GLY B 533 -2.65 34.78 9.10
N VAL B 534 -1.90 35.24 10.09
CA VAL B 534 -1.56 34.40 11.23
C VAL B 534 -2.77 34.21 12.11
N ASN B 535 -2.98 32.97 12.51
CA ASN B 535 -4.09 32.57 13.34
C ASN B 535 -3.58 31.36 14.12
N MET B 536 -2.90 31.63 15.24
CA MET B 536 -2.09 30.63 15.92
C MET B 536 -2.89 29.82 16.91
N ILE B 537 -3.64 28.85 16.37
CA ILE B 537 -4.36 27.90 17.19
C ILE B 537 -3.68 26.53 17.27
N ALA B 538 -3.41 26.07 18.49
CA ALA B 538 -2.86 24.75 18.71
C ALA B 538 -3.53 24.05 19.88
N LEU B 539 -3.25 22.75 20.01
CA LEU B 539 -3.74 21.96 21.14
C LEU B 539 -2.83 22.13 22.34
N VAL B 540 -3.40 22.70 23.38
CA VAL B 540 -2.72 22.91 24.62
C VAL B 540 -3.47 22.03 25.61
N ASN B 541 -2.77 21.03 26.16
CA ASN B 541 -3.39 20.06 27.05
C ASN B 541 -4.71 19.46 26.48
N GLY B 542 -4.66 19.04 25.22
CA GLY B 542 -5.80 18.37 24.58
C GLY B 542 -6.89 19.26 24.00
N ARG B 543 -6.82 20.56 24.27
N ARG B 543 -6.76 20.57 24.21
CA ARG B 543 -7.86 21.51 23.82
CA ARG B 543 -7.79 21.53 23.82
C ARG B 543 -7.29 22.53 22.86
C ARG B 543 -7.26 22.57 22.85
N PRO B 544 -8.06 22.94 21.83
CA PRO B 544 -7.67 23.99 20.87
C PRO B 544 -7.57 25.36 21.58
N LYS B 545 -6.52 26.11 21.30
CA LYS B 545 -6.33 27.36 22.01
C LYS B 545 -5.61 28.36 21.12
N LEU B 546 -6.08 29.60 21.12
CA LEU B 546 -5.41 30.67 20.39
C LEU B 546 -4.30 31.23 21.30
N ILE B 547 -3.05 31.05 20.87
CA ILE B 547 -1.89 31.39 21.70
C ILE B 547 -1.01 32.50 21.08
N ASN B 548 -0.36 33.30 21.93
CA ASN B 548 0.67 34.23 21.47
C ASN B 548 2.04 33.56 21.44
N LEU B 549 3.05 34.31 20.97
CA LEU B 549 4.38 33.76 20.80
C LEU B 549 4.89 33.21 22.12
N LYS B 550 4.76 33.98 23.22
CA LYS B 550 5.30 33.57 24.53
C LYS B 550 4.67 32.25 24.99
N GLU B 551 3.33 32.18 24.99
CA GLU B 551 2.63 30.95 25.33
C GLU B 551 3.17 29.78 24.54
N ALA B 552 3.45 30.00 23.24
CA ALA B 552 3.93 28.91 22.40
C ALA B 552 5.27 28.40 22.91
N LEU B 553 6.15 29.31 23.30
CA LEU B 553 7.47 28.94 23.81
C LEU B 553 7.40 28.41 25.23
N VAL B 554 6.45 28.91 26.01
CA VAL B 554 6.31 28.47 27.40
C VAL B 554 5.94 26.99 27.42
N HIS B 555 4.92 26.62 26.65
CA HIS B 555 4.49 25.23 26.64
C HIS B 555 5.60 24.34 26.08
N TYR B 556 6.37 24.86 25.11
CA TYR B 556 7.48 24.10 24.55
C TYR B 556 8.58 23.84 25.57
N LEU B 557 9.12 24.91 26.18
CA LEU B 557 10.10 24.75 27.29
C LEU B 557 9.65 23.79 28.40
N GLU B 558 8.45 24.01 28.93
CA GLU B 558 7.86 23.09 29.90
C GLU B 558 7.89 21.62 29.45
N HIS B 559 7.71 21.38 28.15
CA HIS B 559 7.74 20.03 27.62
C HIS B 559 9.19 19.50 27.56
N GLN B 560 10.15 20.36 27.23
CA GLN B 560 11.56 19.94 27.24
C GLN B 560 12.07 19.51 28.62
N LYS B 561 11.67 20.26 29.64
CA LYS B 561 11.95 19.87 31.04
C LYS B 561 11.42 18.49 31.38
N THR B 562 10.13 18.23 31.15
CA THR B 562 9.58 16.90 31.47
C THR B 562 10.31 15.78 30.73
N VAL B 563 10.70 16.04 29.48
CA VAL B 563 11.37 15.04 28.63
C VAL B 563 12.74 14.65 29.18
N VAL B 564 13.54 15.66 29.53
CA VAL B 564 14.91 15.43 30.02
C VAL B 564 14.87 14.86 31.44
N ARG B 565 13.92 15.30 32.26
CA ARG B 565 13.77 14.77 33.63
C ARG B 565 13.35 13.28 33.58
N ARG B 566 12.37 12.97 32.73
CA ARG B 566 11.91 11.60 32.57
C ARG B 566 13.01 10.72 31.99
N ARG B 567 13.78 11.27 31.03
CA ARG B 567 14.90 10.56 30.46
C ARG B 567 15.93 10.22 31.53
N THR B 568 16.31 11.23 32.31
CA THR B 568 17.28 11.05 33.38
C THR B 568 16.80 10.02 34.42
N GLN B 569 15.52 10.04 34.75
CA GLN B 569 14.92 9.04 35.68
C GLN B 569 14.90 7.63 35.10
N TYR B 570 14.63 7.52 33.80
CA TYR B 570 14.69 6.24 33.10
C TYR B 570 16.10 5.66 33.16
N ASN B 571 17.09 6.44 32.72
CA ASN B 571 18.47 5.99 32.65
C ASN B 571 18.96 5.53 34.01
N LEU B 572 18.50 6.22 35.06
CA LEU B 572 18.81 5.84 36.44
C LEU B 572 18.28 4.43 36.80
N ARG B 573 16.96 4.24 36.74
CA ARG B 573 16.36 2.92 37.02
C ARG B 573 17.11 1.80 36.30
N LYS B 574 17.55 2.08 35.06
CA LYS B 574 18.17 1.08 34.20
C LYS B 574 19.62 0.83 34.56
N ALA B 575 20.32 1.91 34.91
CA ALA B 575 21.67 1.82 35.44
C ALA B 575 21.65 1.01 36.75
N LYS B 576 20.65 1.25 37.58
CA LYS B 576 20.54 0.56 38.88
C LYS B 576 20.24 -0.94 38.75
N ASP B 577 19.44 -1.30 37.76
CA ASP B 577 19.15 -2.69 37.47
C ASP B 577 20.40 -3.40 36.94
N ARG B 578 21.12 -2.71 36.07
CA ARG B 578 22.30 -3.31 35.47
C ARG B 578 23.41 -3.46 36.51
N ALA B 579 23.55 -2.48 37.41
CA ALA B 579 24.56 -2.59 38.47
C ALA B 579 24.24 -3.79 39.36
N HIS B 580 22.96 -3.93 39.69
CA HIS B 580 22.50 -5.02 40.51
C HIS B 580 22.86 -6.36 39.86
N ILE B 581 22.54 -6.50 38.57
CA ILE B 581 22.95 -7.68 37.78
C ILE B 581 24.48 -7.89 37.82
N LEU B 582 25.27 -6.82 37.59
CA LEU B 582 26.74 -6.95 37.64
C LEU B 582 27.31 -7.34 39.02
N GLU B 583 26.71 -6.81 40.09
CA GLU B 583 27.08 -7.21 41.45
C GLU B 583 26.98 -8.74 41.64
N GLY B 584 25.98 -9.34 40.97
CA GLY B 584 25.78 -10.79 40.98
C GLY B 584 26.90 -11.52 40.28
N LEU B 585 27.27 -11.04 39.10
CA LEU B 585 28.32 -11.65 38.28
C LEU B 585 29.70 -11.54 38.93
N ARG B 586 29.94 -10.45 39.65
CA ARG B 586 31.21 -10.24 40.37
C ARG B 586 31.34 -11.16 41.54
N ILE B 587 30.26 -11.33 42.30
CA ILE B 587 30.23 -12.35 43.37
C ILE B 587 30.57 -13.71 42.74
N ALA B 588 29.85 -14.05 41.67
CA ALA B 588 30.11 -15.26 40.91
C ALA B 588 31.58 -15.35 40.48
N LEU B 589 32.09 -14.35 39.76
CA LEU B 589 33.51 -14.36 39.37
C LEU B 589 34.51 -14.56 40.51
N ASP B 590 34.17 -14.05 41.70
CA ASP B 590 34.99 -14.18 42.90
C ASP B 590 34.99 -15.59 43.50
N HIS B 591 33.89 -16.32 43.29
CA HIS B 591 33.73 -17.64 43.91
C HIS B 591 33.41 -18.67 42.86
N ILE B 592 34.03 -18.50 41.71
CA ILE B 592 33.64 -19.27 40.54
C ILE B 592 33.63 -20.77 40.84
N ASP B 593 34.67 -21.24 41.51
CA ASP B 593 34.75 -22.64 41.89
C ASP B 593 33.52 -23.11 42.70
N GLU B 594 33.11 -22.30 43.67
N GLU B 594 33.11 -22.31 43.69
CA GLU B 594 31.98 -22.61 44.54
CA GLU B 594 31.95 -22.63 44.53
C GLU B 594 30.62 -22.48 43.84
C GLU B 594 30.63 -22.54 43.79
N ILE B 595 30.55 -21.60 42.84
CA ILE B 595 29.34 -21.40 42.05
C ILE B 595 29.06 -22.62 41.15
N ILE B 596 30.11 -23.14 40.53
CA ILE B 596 30.06 -24.39 39.76
C ILE B 596 29.59 -25.56 40.62
N SER B 597 30.22 -25.77 41.78
CA SER B 597 29.80 -26.84 42.71
C SER B 597 28.30 -26.79 42.92
N THR B 598 27.79 -25.62 43.28
CA THR B 598 26.39 -25.45 43.60
C THR B 598 25.49 -25.85 42.42
N ILE B 599 25.87 -25.43 41.22
CA ILE B 599 25.08 -25.76 40.04
C ILE B 599 25.22 -27.24 39.65
N ARG B 600 26.43 -27.78 39.79
CA ARG B 600 26.73 -29.18 39.44
C ARG B 600 26.05 -30.21 40.34
N GLU B 601 25.87 -29.86 41.61
CA GLU B 601 25.21 -30.76 42.57
C GLU B 601 23.68 -30.61 42.57
N SER B 602 23.14 -29.82 41.64
CA SER B 602 21.69 -29.55 41.59
C SER B 602 21.01 -30.28 40.43
N ASP B 603 19.96 -31.03 40.74
CA ASP B 603 19.25 -31.80 39.71
C ASP B 603 18.59 -30.95 38.63
N THR B 604 17.89 -29.89 39.03
CA THR B 604 17.10 -29.06 38.11
C THR B 604 17.59 -27.61 38.18
N ASP B 605 17.10 -26.77 37.27
CA ASP B 605 17.45 -25.33 37.26
C ASP B 605 16.89 -24.61 38.49
N LYS B 606 15.65 -24.97 38.86
CA LYS B 606 14.98 -24.40 40.02
C LYS B 606 15.78 -24.69 41.30
N VAL B 607 16.25 -25.92 41.46
CA VAL B 607 17.09 -26.27 42.61
C VAL B 607 18.39 -25.45 42.63
N ALA B 608 19.06 -25.33 41.48
CA ALA B 608 20.27 -24.50 41.38
C ALA B 608 20.02 -23.03 41.76
N MET B 609 18.94 -22.46 41.21
CA MET B 609 18.48 -21.11 41.56
C MET B 609 18.38 -20.92 43.07
N GLU B 610 17.58 -21.76 43.70
CA GLU B 610 17.31 -21.70 45.12
C GLU B 610 18.61 -21.84 45.94
N SER B 611 19.48 -22.74 45.50
CA SER B 611 20.78 -22.93 46.15
C SER B 611 21.75 -21.75 45.94
N LEU B 612 21.77 -21.15 44.74
CA LEU B 612 22.62 -19.98 44.50
C LEU B 612 22.20 -18.80 45.39
N GLN B 613 20.90 -18.58 45.51
CA GLN B 613 20.37 -17.55 46.41
C GLN B 613 20.72 -17.84 47.85
N GLN B 614 20.65 -19.11 48.25
CA GLN B 614 20.87 -19.48 49.66
C GLN B 614 22.35 -19.37 50.04
N ARG B 615 23.22 -20.06 49.31
CA ARG B 615 24.67 -20.02 49.54
C ARG B 615 25.22 -18.58 49.52
N PHE B 616 25.00 -17.83 48.43
CA PHE B 616 25.68 -16.52 48.24
C PHE B 616 24.81 -15.26 48.43
N LYS B 617 23.62 -15.42 49.02
CA LYS B 617 22.71 -14.31 49.34
C LYS B 617 22.38 -13.43 48.13
N LEU B 618 22.13 -14.10 47.01
CA LEU B 618 21.78 -13.48 45.73
C LEU B 618 20.26 -13.31 45.56
N SER B 619 19.87 -12.30 44.79
CA SER B 619 18.48 -12.09 44.40
C SER B 619 18.06 -13.10 43.33
N GLU B 620 16.77 -13.19 43.05
CA GLU B 620 16.27 -14.11 42.05
C GLU B 620 16.86 -13.75 40.70
N LYS B 621 17.01 -12.45 40.45
CA LYS B 621 17.55 -11.94 39.19
C LYS B 621 19.04 -12.22 39.05
N GLN B 622 19.78 -12.05 40.13
CA GLN B 622 21.22 -12.27 40.09
C GLN B 622 21.51 -13.74 39.83
N ALA B 623 20.77 -14.60 40.52
CA ALA B 623 20.91 -16.03 40.32
C ALA B 623 20.62 -16.42 38.88
N GLN B 624 19.56 -15.84 38.30
CA GLN B 624 19.21 -16.11 36.89
C GLN B 624 20.32 -15.67 35.96
N ALA B 625 20.85 -14.49 36.23
CA ALA B 625 21.88 -13.93 35.39
C ALA B 625 23.15 -14.76 35.44
N ILE B 626 23.45 -15.36 36.61
CA ILE B 626 24.60 -16.25 36.75
C ILE B 626 24.42 -17.53 35.94
N LEU B 627 23.26 -18.19 36.11
CA LEU B 627 22.92 -19.41 35.35
C LEU B 627 22.90 -19.20 33.83
N ASP B 628 22.62 -17.97 33.40
CA ASP B 628 22.56 -17.64 31.98
C ASP B 628 23.91 -17.25 31.38
N MET B 629 24.91 -17.07 32.23
CA MET B 629 26.23 -16.69 31.79
C MET B 629 26.83 -17.85 31.01
N ARG B 630 27.44 -17.55 29.85
CA ARG B 630 28.14 -18.58 29.07
C ARG B 630 29.58 -18.78 29.54
N LEU B 631 30.18 -19.90 29.15
CA LEU B 631 31.54 -20.24 29.60
C LEU B 631 32.56 -19.24 29.05
N ARG B 632 32.29 -18.76 27.86
CA ARG B 632 32.95 -17.61 27.23
C ARG B 632 33.22 -16.43 28.17
N ARG B 633 32.31 -16.16 29.12
CA ARG B 633 32.44 -15.03 30.05
C ARG B 633 33.51 -15.25 31.11
N LEU B 634 34.22 -16.38 31.02
CA LEU B 634 35.26 -16.68 31.99
C LEU B 634 36.66 -16.39 31.47
N THR B 635 36.77 -15.92 30.23
CA THR B 635 38.06 -15.53 29.68
C THR B 635 38.54 -14.21 30.32
N GLY B 636 39.85 -14.03 30.36
CA GLY B 636 40.46 -12.89 31.03
C GLY B 636 39.82 -11.56 30.65
N LEU B 637 39.77 -11.27 29.35
CA LEU B 637 39.17 -10.03 28.82
C LEU B 637 37.71 -9.85 29.20
N GLU B 638 36.98 -10.96 29.32
CA GLU B 638 35.55 -10.93 29.64
C GLU B 638 35.30 -10.68 31.12
N ARG B 639 36.16 -11.23 31.95
CA ARG B 639 36.08 -10.97 33.37
C ARG B 639 36.37 -9.51 33.63
N ASP B 640 37.35 -8.96 32.90
CA ASP B 640 37.72 -7.56 33.05
C ASP B 640 36.62 -6.65 32.52
N LYS B 641 35.88 -7.11 31.50
CA LYS B 641 34.73 -6.37 30.95
C LYS B 641 33.67 -6.12 32.01
N ILE B 642 33.38 -7.13 32.82
CA ILE B 642 32.34 -7.03 33.84
C ILE B 642 32.73 -6.01 34.90
N GLU B 643 33.98 -6.08 35.36
CA GLU B 643 34.50 -5.12 36.35
C GLU B 643 34.49 -3.69 35.79
N ALA B 644 34.94 -3.53 34.55
CA ALA B 644 35.00 -2.21 33.90
C ALA B 644 33.62 -1.57 33.70
N GLU B 645 32.64 -2.37 33.25
CA GLU B 645 31.28 -1.87 33.05
C GLU B 645 30.70 -1.46 34.40
N TYR B 646 31.01 -2.21 35.45
CA TYR B 646 30.48 -1.90 36.78
C TYR B 646 31.01 -0.58 37.36
N ASN B 647 32.28 -0.29 37.12
CA ASN B 647 32.88 0.95 37.63
C ASN B 647 32.36 2.15 36.88
N GLU B 648 32.32 2.03 35.55
CA GLU B 648 31.77 3.08 34.68
C GLU B 648 30.33 3.38 35.07
N LEU B 649 29.57 2.34 35.40
CA LEU B 649 28.15 2.50 35.73
C LEU B 649 27.88 3.21 37.07
N LEU B 650 28.71 2.95 38.08
CA LEU B 650 28.67 3.70 39.35
C LEU B 650 28.88 5.22 39.16
N ASN B 651 29.88 5.59 38.36
N ASN B 651 29.88 5.59 38.37
CA ASN B 651 30.12 7.00 38.04
CA ASN B 651 30.11 6.99 38.02
C ASN B 651 28.91 7.60 37.31
C ASN B 651 28.88 7.58 37.35
N TYR B 652 28.35 6.84 36.37
CA TYR B 652 27.17 7.29 35.61
C TYR B 652 25.97 7.45 36.54
N ILE B 653 25.81 6.53 37.50
CA ILE B 653 24.69 6.61 38.44
C ILE B 653 24.67 7.92 39.24
N SER B 654 25.80 8.34 39.79
CA SER B 654 25.85 9.60 40.53
C SER B 654 25.71 10.83 39.62
N GLU B 655 26.30 10.78 38.42
CA GLU B 655 26.08 11.85 37.44
C GLU B 655 24.59 12.11 37.26
N LEU B 656 23.80 11.03 37.14
CA LEU B 656 22.33 11.11 37.03
C LEU B 656 21.63 11.65 38.27
N GLU B 657 21.98 11.10 39.44
CA GLU B 657 21.44 11.57 40.73
C GLU B 657 21.71 13.06 40.98
N THR B 658 22.88 13.54 40.56
CA THR B 658 23.23 14.95 40.69
C THR B 658 22.22 15.83 39.96
N ILE B 659 21.90 15.45 38.73
CA ILE B 659 20.93 16.16 37.90
C ILE B 659 19.53 16.13 38.51
N LEU B 660 19.20 15.03 39.19
CA LEU B 660 17.87 14.87 39.77
C LEU B 660 17.69 15.67 41.07
N ALA B 661 18.80 15.86 41.79
CA ALA B 661 18.81 16.59 43.04
C ALA B 661 18.62 18.10 42.85
N ASP B 662 19.12 18.63 41.74
CA ASP B 662 19.11 20.07 41.51
C ASP B 662 18.34 20.48 40.24
N GLU B 663 17.28 21.25 40.44
CA GLU B 663 16.41 21.73 39.36
C GLU B 663 17.17 22.60 38.36
N GLU B 664 18.07 23.43 38.87
CA GLU B 664 18.86 24.32 38.05
C GLU B 664 19.81 23.54 37.14
N VAL B 665 20.41 22.48 37.67
CA VAL B 665 21.30 21.63 36.88
C VAL B 665 20.51 21.04 35.71
N LEU B 666 19.33 20.51 36.01
CA LEU B 666 18.42 19.97 34.99
C LEU B 666 18.16 20.99 33.89
N LEU B 667 17.68 22.16 34.29
CA LEU B 667 17.31 23.23 33.36
C LEU B 667 18.54 23.64 32.54
N GLN B 668 19.70 23.69 33.19
CA GLN B 668 20.95 23.95 32.51
C GLN B 668 21.19 22.92 31.42
N LEU B 669 20.89 21.65 31.71
CA LEU B 669 21.10 20.58 30.74
C LEU B 669 20.16 20.70 29.56
N VAL B 670 18.90 21.07 29.84
CA VAL B 670 17.92 21.43 28.81
C VAL B 670 18.47 22.59 27.96
N ARG B 671 19.13 23.55 28.61
CA ARG B 671 19.74 24.66 27.87
C ARG B 671 20.92 24.21 26.99
N ASP B 672 21.76 23.32 27.50
CA ASP B 672 22.95 22.88 26.77
C ASP B 672 22.61 21.92 25.62
N GLU B 673 21.54 21.17 25.77
CA GLU B 673 21.12 20.29 24.68
C GLU B 673 20.40 21.07 23.59
N LEU B 674 19.64 22.08 23.97
CA LEU B 674 19.05 23.00 23.00
C LEU B 674 20.10 23.75 22.22
N THR B 675 21.15 24.20 22.91
CA THR B 675 22.26 24.94 22.33
C THR B 675 22.98 24.08 21.29
N GLU B 676 23.26 22.83 21.67
CA GLU B 676 23.97 21.88 20.80
C GLU B 676 23.19 21.69 19.50
N ILE B 677 21.86 21.64 19.61
CA ILE B 677 20.98 21.50 18.46
C ILE B 677 20.99 22.76 17.59
N ARG B 678 20.97 23.93 18.24
CA ARG B 678 21.10 25.21 17.55
C ARG B 678 22.39 25.28 16.70
N ASP B 679 23.50 24.89 17.30
CA ASP B 679 24.79 24.92 16.62
C ASP B 679 24.86 23.98 15.40
N ARG B 680 24.19 22.84 15.49
CA ARG B 680 24.28 21.83 14.44
C ARG B 680 23.26 22.03 13.31
N PHE B 681 22.06 22.50 13.66
CA PHE B 681 20.98 22.68 12.67
C PHE B 681 20.58 24.12 12.40
N GLY B 682 21.01 25.05 13.25
CA GLY B 682 20.74 26.47 13.05
C GLY B 682 21.33 26.93 11.74
N ASP B 683 20.61 27.83 11.08
CA ASP B 683 21.04 28.30 9.77
C ASP B 683 20.67 29.77 9.52
N ASP B 684 21.04 30.26 8.35
CA ASP B 684 20.82 31.66 8.05
C ASP B 684 19.35 31.97 7.84
N ARG B 685 18.98 33.19 8.23
CA ARG B 685 17.67 33.74 7.92
C ARG B 685 17.52 33.80 6.41
N ARG B 686 16.37 33.38 5.89
CA ARG B 686 16.11 33.44 4.45
C ARG B 686 15.21 34.62 4.07
N THR B 687 14.08 34.75 4.78
CA THR B 687 13.14 35.84 4.52
C THR B 687 13.63 37.17 5.09
N GLU B 688 13.67 38.20 4.25
CA GLU B 688 14.17 39.50 4.70
C GLU B 688 13.05 40.37 5.19
N ILE B 689 13.25 40.95 6.38
CA ILE B 689 12.25 41.82 7.00
C ILE B 689 12.54 43.30 6.77
N GLN B 690 11.91 43.87 5.74
CA GLN B 690 12.14 45.27 5.36
C GLN B 690 11.32 46.25 6.18
N LEU B 691 11.99 47.31 6.62
CA LEU B 691 11.33 48.40 7.35
C LEU B 691 10.92 49.55 6.43
#